data_2APF
# 
_entry.id   2APF 
# 
_audit_conform.dict_name       mmcif_pdbx.dic 
_audit_conform.dict_version    5.397 
_audit_conform.dict_location   http://mmcif.pdb.org/dictionaries/ascii/mmcif_pdbx.dic 
# 
loop_
_database_2.database_id 
_database_2.database_code 
_database_2.pdbx_database_accession 
_database_2.pdbx_DOI 
PDB   2APF         pdb_00002apf 10.2210/pdb2apf/pdb 
RCSB  RCSB034161   ?            ?                   
WWPDB D_1000034161 ?            ?                   
# 
loop_
_pdbx_audit_revision_history.ordinal 
_pdbx_audit_revision_history.data_content_type 
_pdbx_audit_revision_history.major_revision 
_pdbx_audit_revision_history.minor_revision 
_pdbx_audit_revision_history.revision_date 
1 'Structure model' 1 0 2006-03-21 
2 'Structure model' 1 1 2008-04-30 
3 'Structure model' 1 2 2011-07-13 
4 'Structure model' 1 3 2015-04-29 
5 'Structure model' 1 4 2018-04-04 
6 'Structure model' 1 5 2024-10-30 
# 
_pdbx_audit_revision_details.ordinal             1 
_pdbx_audit_revision_details.revision_ordinal    1 
_pdbx_audit_revision_details.data_content_type   'Structure model' 
_pdbx_audit_revision_details.provider            repository 
_pdbx_audit_revision_details.type                'Initial release' 
_pdbx_audit_revision_details.description         ? 
_pdbx_audit_revision_details.details             ? 
# 
loop_
_pdbx_audit_revision_group.ordinal 
_pdbx_audit_revision_group.revision_ordinal 
_pdbx_audit_revision_group.data_content_type 
_pdbx_audit_revision_group.group 
1 2 'Structure model' 'Version format compliance' 
2 3 'Structure model' 'Version format compliance' 
3 4 'Structure model' 'Non-polymer description'   
4 5 'Structure model' 'Data collection'           
5 6 'Structure model' 'Data collection'           
6 6 'Structure model' 'Database references'       
7 6 'Structure model' 'Derived calculations'      
8 6 'Structure model' 'Structure summary'         
# 
loop_
_pdbx_audit_revision_category.ordinal 
_pdbx_audit_revision_category.revision_ordinal 
_pdbx_audit_revision_category.data_content_type 
_pdbx_audit_revision_category.category 
1 5 'Structure model' diffrn_source             
2 6 'Structure model' chem_comp_atom            
3 6 'Structure model' chem_comp_bond            
4 6 'Structure model' database_2                
5 6 'Structure model' pdbx_entry_details        
6 6 'Structure model' pdbx_modification_feature 
7 6 'Structure model' struct_site               
# 
loop_
_pdbx_audit_revision_item.ordinal 
_pdbx_audit_revision_item.revision_ordinal 
_pdbx_audit_revision_item.data_content_type 
_pdbx_audit_revision_item.item 
1 5 'Structure model' '_diffrn_source.type'                 
2 6 'Structure model' '_database_2.pdbx_DOI'                
3 6 'Structure model' '_database_2.pdbx_database_accession' 
4 6 'Structure model' '_struct_site.pdbx_auth_asym_id'      
5 6 'Structure model' '_struct_site.pdbx_auth_comp_id'      
6 6 'Structure model' '_struct_site.pdbx_auth_seq_id'       
# 
_pdbx_database_status.status_code                     REL 
_pdbx_database_status.entry_id                        2APF 
_pdbx_database_status.recvd_initial_deposition_date   2005-08-16 
_pdbx_database_status.deposit_site                    RCSB 
_pdbx_database_status.process_site                    RCSB 
_pdbx_database_status.status_code_sf                  REL 
_pdbx_database_status.status_code_mr                  ? 
_pdbx_database_status.SG_entry                        ? 
_pdbx_database_status.status_code_cs                  ? 
_pdbx_database_status.pdb_format_compatible           Y 
_pdbx_database_status.methods_development_category    ? 
_pdbx_database_status.status_code_nmr_data            ? 
# 
loop_
_pdbx_database_related.db_name 
_pdbx_database_related.db_id 
_pdbx_database_related.details 
_pdbx_database_related.content_type 
PDB 2APB 'the G17E/S54N/L81S variant of the murine T cell receptor V beta 8.2 domain'                                              
unspecified 
PDB 2APT 'the G17E/S54N/K66E/Q72H/E80V/L81S/T87S/G96V variant of the murine T cell receptor V beta 8.2 domain'                     
unspecified 
PDB 2APV 'the G17E/A52V/S54N/Q72H/E80V/L81S/T87S/G96V variant of the murine T cell receptor V beta 8.2 domain'                     
unspecified 
PDB 2APW 'the G17E/A52V/S54N/K66E/E80V/L81S/T87S/G96V variant of the murine T cell receptor V beta 8.2 domain'                     
unspecified 
PDB 2APX 'the G17E/A52V/S54N/K66E/Q72H/E80V/L81S/T87S/G96V variant of the murine T cell receptor V beta 8.2 domain'                
unspecified 
PDB 2AQ1 'T-Cell receptor V beta domain variant (G17E/A52V/S54N/K66E/E80V/L81S/T87S/G96V) complexed with superantigen SEC3 mutant' 
unspecified 
PDB 2AQ2 'T-Cell receptor V beta domain variant (G17E/A52V/S54N/K66E/L81S) complexed with superantigen SEC3 mutant'                
unspecified 
PDB 2AQ3 'T-Cell receptor V beta domain variant (G17E/L81S) complexed with superantigen SEC3 mutant'                               
unspecified 
# 
loop_
_audit_author.name 
_audit_author.pdbx_ordinal 
'Cho, S.'           1 
'Swaminathan, C.P.' 2 
'Yang, J.'          3 
'Kerzic, M.C.'      4 
'Guan, R.'          5 
'Kieke, M.C.'       6 
'Kranz, D.M.'       7 
'Mariuzza, R.A.'    8 
'Sundberg, E.J.'    9 
# 
_citation.id                        primary 
_citation.title                     
'Structural basis of affinity maturation and intramolecular cooperativity in a protein-protein interaction.' 
_citation.journal_abbrev            Structure 
_citation.journal_volume            13 
_citation.page_first                1775 
_citation.page_last                 1787 
_citation.year                      2005 
_citation.journal_id_ASTM           STRUE6 
_citation.country                   UK 
_citation.journal_id_ISSN           0969-2126 
_citation.journal_id_CSD            2005 
_citation.book_publisher            ? 
_citation.pdbx_database_id_PubMed   16338399 
_citation.pdbx_database_id_DOI      10.1016/j.str.2005.08.015 
# 
loop_
_citation_author.citation_id 
_citation_author.name 
_citation_author.ordinal 
_citation_author.identifier_ORCID 
primary 'Cho, S.'           1 ? 
primary 'Swaminathan, C.P.' 2 ? 
primary 'Yang, J.'          3 ? 
primary 'Kerzic, M.C.'      4 ? 
primary 'Guan, R.'          5 ? 
primary 'Kieke, M.C.'       6 ? 
primary 'Kranz, D.M.'       7 ? 
primary 'Mariuzza, R.A.'    8 ? 
primary 'Sundberg, E.J.'    9 ? 
# 
loop_
_entity.id 
_entity.type 
_entity.src_method 
_entity.pdbx_description 
_entity.formula_weight 
_entity.pdbx_number_of_molecules 
_entity.pdbx_ec 
_entity.pdbx_mutation 
_entity.pdbx_fragment 
_entity.details 
1 polymer     man 'T cell receptor beta chain V' 12216.502 1   ? 'G17E, A52V, S54N, K66E, L81S' ? ? 
2 non-polymer syn 'MALONIC ACID'                 104.061   1   ? ?                              ? ? 
3 water       nat water                          18.015    151 ? ?                              ? ? 
# 
_entity_poly.entity_id                      1 
_entity_poly.type                           'polypeptide(L)' 
_entity_poly.nstd_linkage                   no 
_entity_poly.nstd_monomer                   no 
_entity_poly.pdbx_seq_one_letter_code       
;ILEAAVTQSPRNKVAVTGEKVTLSCQQTNNHNNMYWYRQDTGHGLRLIHYSYGVGNTEKGDIPDGYEASRPSQEQFSLIL
ELATPSQTTVYFCASGGGGTLYFGAGTRLSVL
;
_entity_poly.pdbx_seq_one_letter_code_can   
;ILEAAVTQSPRNKVAVTGEKVTLSCQQTNNHNNMYWYRQDTGHGLRLIHYSYGVGNTEKGDIPDGYEASRPSQEQFSLIL
ELATPSQTTVYFCASGGGGTLYFGAGTRLSVL
;
_entity_poly.pdbx_strand_id                 A 
_entity_poly.pdbx_target_identifier         ? 
# 
loop_
_pdbx_entity_nonpoly.entity_id 
_pdbx_entity_nonpoly.name 
_pdbx_entity_nonpoly.comp_id 
2 'MALONIC ACID' MLA 
3 water          HOH 
# 
loop_
_entity_poly_seq.entity_id 
_entity_poly_seq.num 
_entity_poly_seq.mon_id 
_entity_poly_seq.hetero 
1 1   ILE n 
1 2   LEU n 
1 3   GLU n 
1 4   ALA n 
1 5   ALA n 
1 6   VAL n 
1 7   THR n 
1 8   GLN n 
1 9   SER n 
1 10  PRO n 
1 11  ARG n 
1 12  ASN n 
1 13  LYS n 
1 14  VAL n 
1 15  ALA n 
1 16  VAL n 
1 17  THR n 
1 18  GLY n 
1 19  GLU n 
1 20  LYS n 
1 21  VAL n 
1 22  THR n 
1 23  LEU n 
1 24  SER n 
1 25  CYS n 
1 26  GLN n 
1 27  GLN n 
1 28  THR n 
1 29  ASN n 
1 30  ASN n 
1 31  HIS n 
1 32  ASN n 
1 33  ASN n 
1 34  MET n 
1 35  TYR n 
1 36  TRP n 
1 37  TYR n 
1 38  ARG n 
1 39  GLN n 
1 40  ASP n 
1 41  THR n 
1 42  GLY n 
1 43  HIS n 
1 44  GLY n 
1 45  LEU n 
1 46  ARG n 
1 47  LEU n 
1 48  ILE n 
1 49  HIS n 
1 50  TYR n 
1 51  SER n 
1 52  TYR n 
1 53  GLY n 
1 54  VAL n 
1 55  GLY n 
1 56  ASN n 
1 57  THR n 
1 58  GLU n 
1 59  LYS n 
1 60  GLY n 
1 61  ASP n 
1 62  ILE n 
1 63  PRO n 
1 64  ASP n 
1 65  GLY n 
1 66  TYR n 
1 67  GLU n 
1 68  ALA n 
1 69  SER n 
1 70  ARG n 
1 71  PRO n 
1 72  SER n 
1 73  GLN n 
1 74  GLU n 
1 75  GLN n 
1 76  PHE n 
1 77  SER n 
1 78  LEU n 
1 79  ILE n 
1 80  LEU n 
1 81  GLU n 
1 82  LEU n 
1 83  ALA n 
1 84  THR n 
1 85  PRO n 
1 86  SER n 
1 87  GLN n 
1 88  THR n 
1 89  THR n 
1 90  VAL n 
1 91  TYR n 
1 92  PHE n 
1 93  CYS n 
1 94  ALA n 
1 95  SER n 
1 96  GLY n 
1 97  GLY n 
1 98  GLY n 
1 99  GLY n 
1 100 THR n 
1 101 LEU n 
1 102 TYR n 
1 103 PHE n 
1 104 GLY n 
1 105 ALA n 
1 106 GLY n 
1 107 THR n 
1 108 ARG n 
1 109 LEU n 
1 110 SER n 
1 111 VAL n 
1 112 LEU n 
# 
_entity_src_gen.entity_id                          1 
_entity_src_gen.pdbx_src_id                        1 
_entity_src_gen.pdbx_alt_source_flag               sample 
_entity_src_gen.pdbx_seq_type                      ? 
_entity_src_gen.pdbx_beg_seq_num                   ? 
_entity_src_gen.pdbx_end_seq_num                   ? 
_entity_src_gen.gene_src_common_name               'Norway rat' 
_entity_src_gen.gene_src_genus                     Rattus 
_entity_src_gen.pdbx_gene_src_gene                 ? 
_entity_src_gen.gene_src_species                   ? 
_entity_src_gen.gene_src_strain                    ? 
_entity_src_gen.gene_src_tissue                    ? 
_entity_src_gen.gene_src_tissue_fraction           ? 
_entity_src_gen.gene_src_details                   ? 
_entity_src_gen.pdbx_gene_src_fragment             ? 
_entity_src_gen.pdbx_gene_src_scientific_name      'Rattus norvegicus' 
_entity_src_gen.pdbx_gene_src_ncbi_taxonomy_id     10116 
_entity_src_gen.pdbx_gene_src_variant              ? 
_entity_src_gen.pdbx_gene_src_cell_line            ? 
_entity_src_gen.pdbx_gene_src_atcc                 ? 
_entity_src_gen.pdbx_gene_src_organ                ? 
_entity_src_gen.pdbx_gene_src_organelle            ? 
_entity_src_gen.pdbx_gene_src_cell                 ? 
_entity_src_gen.pdbx_gene_src_cellular_location    ? 
_entity_src_gen.host_org_common_name               ? 
_entity_src_gen.pdbx_host_org_scientific_name      'Escherichia coli' 
_entity_src_gen.pdbx_host_org_ncbi_taxonomy_id     562 
_entity_src_gen.host_org_genus                     Escherichia 
_entity_src_gen.pdbx_host_org_gene                 ? 
_entity_src_gen.pdbx_host_org_organ                ? 
_entity_src_gen.host_org_species                   ? 
_entity_src_gen.pdbx_host_org_tissue               ? 
_entity_src_gen.pdbx_host_org_tissue_fraction      ? 
_entity_src_gen.pdbx_host_org_strain               'BL21(DE3)pLysS' 
_entity_src_gen.pdbx_host_org_variant              ? 
_entity_src_gen.pdbx_host_org_cell_line            ? 
_entity_src_gen.pdbx_host_org_atcc                 ? 
_entity_src_gen.pdbx_host_org_culture_collection   ? 
_entity_src_gen.pdbx_host_org_cell                 ? 
_entity_src_gen.pdbx_host_org_organelle            ? 
_entity_src_gen.pdbx_host_org_cellular_location    ? 
_entity_src_gen.pdbx_host_org_vector_type          PLASMID 
_entity_src_gen.pdbx_host_org_vector               ? 
_entity_src_gen.host_org_details                   ? 
_entity_src_gen.expression_system_id               ? 
_entity_src_gen.plasmid_name                       pT7-7 
_entity_src_gen.plasmid_details                    ? 
_entity_src_gen.pdbx_description                   ? 
# 
loop_
_chem_comp.id 
_chem_comp.type 
_chem_comp.mon_nstd_flag 
_chem_comp.name 
_chem_comp.pdbx_synonyms 
_chem_comp.formula 
_chem_comp.formula_weight 
ALA 'L-peptide linking' y ALANINE         ?                                                                    'C3 H7 N O2'     
89.093  
ARG 'L-peptide linking' y ARGININE        ?                                                                    'C6 H15 N4 O2 1' 
175.209 
ASN 'L-peptide linking' y ASPARAGINE      ?                                                                    'C4 H8 N2 O3'    
132.118 
ASP 'L-peptide linking' y 'ASPARTIC ACID' ?                                                                    'C4 H7 N O4'     
133.103 
CYS 'L-peptide linking' y CYSTEINE        ?                                                                    'C3 H7 N O2 S'   
121.158 
GLN 'L-peptide linking' y GLUTAMINE       ?                                                                    'C5 H10 N2 O3'   
146.144 
GLU 'L-peptide linking' y 'GLUTAMIC ACID' ?                                                                    'C5 H9 N O4'     
147.129 
GLY 'peptide linking'   y GLYCINE         ?                                                                    'C2 H5 N O2'     
75.067  
HIS 'L-peptide linking' y HISTIDINE       ?                                                                    'C6 H10 N3 O2 1' 
156.162 
HOH non-polymer         . WATER           ?                                                                    'H2 O'           
18.015  
ILE 'L-peptide linking' y ISOLEUCINE      ?                                                                    'C6 H13 N O2'    
131.173 
LEU 'L-peptide linking' y LEUCINE         ?                                                                    'C6 H13 N O2'    
131.173 
LYS 'L-peptide linking' y LYSINE          ?                                                                    'C6 H15 N2 O2 1' 
147.195 
MET 'L-peptide linking' y METHIONINE      ?                                                                    'C5 H11 N O2 S'  
149.211 
MLA non-polymer         . 'MALONIC ACID'  'DICARBOXYLIC ACID C3; PROPANEDIOLIC ACID; METHANEDICARBOXYLIC ACID' 'C3 H4 O4'       
104.061 
PHE 'L-peptide linking' y PHENYLALANINE   ?                                                                    'C9 H11 N O2'    
165.189 
PRO 'L-peptide linking' y PROLINE         ?                                                                    'C5 H9 N O2'     
115.130 
SER 'L-peptide linking' y SERINE          ?                                                                    'C3 H7 N O3'     
105.093 
THR 'L-peptide linking' y THREONINE       ?                                                                    'C4 H9 N O3'     
119.119 
TRP 'L-peptide linking' y TRYPTOPHAN      ?                                                                    'C11 H12 N2 O2'  
204.225 
TYR 'L-peptide linking' y TYROSINE        ?                                                                    'C9 H11 N O3'    
181.189 
VAL 'L-peptide linking' y VALINE          ?                                                                    'C5 H11 N O2'    
117.146 
# 
loop_
_pdbx_poly_seq_scheme.asym_id 
_pdbx_poly_seq_scheme.entity_id 
_pdbx_poly_seq_scheme.seq_id 
_pdbx_poly_seq_scheme.mon_id 
_pdbx_poly_seq_scheme.ndb_seq_num 
_pdbx_poly_seq_scheme.pdb_seq_num 
_pdbx_poly_seq_scheme.auth_seq_num 
_pdbx_poly_seq_scheme.pdb_mon_id 
_pdbx_poly_seq_scheme.auth_mon_id 
_pdbx_poly_seq_scheme.pdb_strand_id 
_pdbx_poly_seq_scheme.pdb_ins_code 
_pdbx_poly_seq_scheme.hetero 
A 1 1   ILE 1   -1  -1  ILE ILE A . n 
A 1 2   LEU 2   0   0   LEU LEU A . n 
A 1 3   GLU 3   1   1   GLU GLU A . n 
A 1 4   ALA 4   2   2   ALA ALA A . n 
A 1 5   ALA 5   3   3   ALA ALA A . n 
A 1 6   VAL 6   4   4   VAL VAL A . n 
A 1 7   THR 7   5   5   THR THR A . n 
A 1 8   GLN 8   6   6   GLN GLN A . n 
A 1 9   SER 9   7   7   SER SER A . n 
A 1 10  PRO 10  8   8   PRO PRO A . n 
A 1 11  ARG 11  9   9   ARG ARG A . n 
A 1 12  ASN 12  10  10  ASN ASN A . n 
A 1 13  LYS 13  11  11  LYS LYS A . n 
A 1 14  VAL 14  12  12  VAL VAL A . n 
A 1 15  ALA 15  13  13  ALA ALA A . n 
A 1 16  VAL 16  14  14  VAL VAL A . n 
A 1 17  THR 17  15  15  THR THR A . n 
A 1 18  GLY 18  16  16  GLY GLY A . n 
A 1 19  GLU 19  17  17  GLU GLU A . n 
A 1 20  LYS 20  18  18  LYS LYS A . n 
A 1 21  VAL 21  19  19  VAL VAL A . n 
A 1 22  THR 22  20  20  THR THR A . n 
A 1 23  LEU 23  21  21  LEU LEU A . n 
A 1 24  SER 24  22  22  SER SER A . n 
A 1 25  CYS 25  23  23  CYS CYS A . n 
A 1 26  GLN 26  24  24  GLN GLN A . n 
A 1 27  GLN 27  25  25  GLN GLN A . n 
A 1 28  THR 28  26  26  THR THR A . n 
A 1 29  ASN 29  27  27  ASN ASN A . n 
A 1 30  ASN 30  28  28  ASN ASN A . n 
A 1 31  HIS 31  29  29  HIS HIS A . n 
A 1 32  ASN 32  30  30  ASN ASN A . n 
A 1 33  ASN 33  31  31  ASN ASN A . n 
A 1 34  MET 34  32  32  MET MET A . n 
A 1 35  TYR 35  33  33  TYR TYR A . n 
A 1 36  TRP 36  34  34  TRP TRP A . n 
A 1 37  TYR 37  35  35  TYR TYR A . n 
A 1 38  ARG 38  36  36  ARG ARG A . n 
A 1 39  GLN 39  37  37  GLN GLN A . n 
A 1 40  ASP 40  38  38  ASP ASP A . n 
A 1 41  THR 41  39  39  THR THR A . n 
A 1 42  GLY 42  40  40  GLY GLY A . n 
A 1 43  HIS 43  41  41  HIS HIS A . n 
A 1 44  GLY 44  42  42  GLY GLY A . n 
A 1 45  LEU 45  43  43  LEU LEU A . n 
A 1 46  ARG 46  44  44  ARG ARG A . n 
A 1 47  LEU 47  45  45  LEU LEU A . n 
A 1 48  ILE 48  46  46  ILE ILE A . n 
A 1 49  HIS 49  47  47  HIS HIS A . n 
A 1 50  TYR 50  48  48  TYR TYR A . n 
A 1 51  SER 51  49  49  SER SER A . n 
A 1 52  TYR 52  50  50  TYR TYR A . n 
A 1 53  GLY 53  51  51  GLY GLY A . n 
A 1 54  VAL 54  52  52  VAL VAL A . n 
A 1 55  GLY 55  53  53  GLY GLY A . n 
A 1 56  ASN 56  54  54  ASN ASN A . n 
A 1 57  THR 57  55  55  THR THR A . n 
A 1 58  GLU 58  56  56  GLU GLU A . n 
A 1 59  LYS 59  57  57  LYS LYS A . n 
A 1 60  GLY 60  58  58  GLY GLY A . n 
A 1 61  ASP 61  59  59  ASP ASP A . n 
A 1 62  ILE 62  60  60  ILE ILE A . n 
A 1 63  PRO 63  61  61  PRO PRO A . n 
A 1 64  ASP 64  62  62  ASP ASP A . n 
A 1 65  GLY 65  63  63  GLY GLY A . n 
A 1 66  TYR 66  65  65  TYR TYR A . n 
A 1 67  GLU 67  66  66  GLU GLU A . n 
A 1 68  ALA 68  67  67  ALA ALA A . n 
A 1 69  SER 69  68  68  SER SER A . n 
A 1 70  ARG 70  69  69  ARG ARG A . n 
A 1 71  PRO 71  70  70  PRO PRO A . n 
A 1 72  SER 72  71  71  SER SER A . n 
A 1 73  GLN 73  72  72  GLN GLN A . n 
A 1 74  GLU 74  73  73  GLU GLU A . n 
A 1 75  GLN 75  74  74  GLN GLN A . n 
A 1 76  PHE 76  75  75  PHE PHE A . n 
A 1 77  SER 77  76  76  SER SER A . n 
A 1 78  LEU 78  77  77  LEU LEU A . n 
A 1 79  ILE 79  78  78  ILE ILE A . n 
A 1 80  LEU 80  79  79  LEU LEU A . n 
A 1 81  GLU 81  80  80  GLU GLU A . n 
A 1 82  LEU 82  81  81  LEU LEU A . n 
A 1 83  ALA 83  82  82  ALA ALA A . n 
A 1 84  THR 84  83  83  THR THR A . n 
A 1 85  PRO 85  84  84  PRO PRO A . n 
A 1 86  SER 86  85  85  SER SER A . n 
A 1 87  GLN 87  86  86  GLN GLN A . n 
A 1 88  THR 88  87  87  THR THR A . n 
A 1 89  THR 89  88  88  THR THR A . n 
A 1 90  VAL 90  89  89  VAL VAL A . n 
A 1 91  TYR 91  90  90  TYR TYR A . n 
A 1 92  PHE 92  91  91  PHE PHE A . n 
A 1 93  CYS 93  92  92  CYS CYS A . n 
A 1 94  ALA 94  93  93  ALA ALA A . n 
A 1 95  SER 95  94  94  SER SER A . n 
A 1 96  GLY 96  95  95  GLY GLY A . n 
A 1 97  GLY 97  96  96  GLY GLY A . n 
A 1 98  GLY 98  97  97  GLY GLY A . n 
A 1 99  GLY 99  98  98  GLY GLY A . n 
A 1 100 THR 100 99  99  THR THR A . n 
A 1 101 LEU 101 100 100 LEU LEU A . n 
A 1 102 TYR 102 101 101 TYR TYR A . n 
A 1 103 PHE 103 108 108 PHE PHE A . n 
A 1 104 GLY 104 109 109 GLY GLY A . n 
A 1 105 ALA 105 110 110 ALA ALA A . n 
A 1 106 GLY 106 111 111 GLY GLY A . n 
A 1 107 THR 107 112 112 THR THR A . n 
A 1 108 ARG 108 113 113 ARG ARG A . n 
A 1 109 LEU 109 114 114 LEU LEU A . n 
A 1 110 SER 110 115 115 SER SER A . n 
A 1 111 VAL 111 116 116 VAL VAL A . n 
A 1 112 LEU 112 117 117 LEU LEU A . n 
# 
loop_
_pdbx_nonpoly_scheme.asym_id 
_pdbx_nonpoly_scheme.entity_id 
_pdbx_nonpoly_scheme.mon_id 
_pdbx_nonpoly_scheme.ndb_seq_num 
_pdbx_nonpoly_scheme.pdb_seq_num 
_pdbx_nonpoly_scheme.auth_seq_num 
_pdbx_nonpoly_scheme.pdb_mon_id 
_pdbx_nonpoly_scheme.auth_mon_id 
_pdbx_nonpoly_scheme.pdb_strand_id 
_pdbx_nonpoly_scheme.pdb_ins_code 
B 2 MLA 1   200 200 MLA MLA A . 
C 3 HOH 1   201 1   HOH HOH A . 
C 3 HOH 2   202 2   HOH HOH A . 
C 3 HOH 3   203 3   HOH HOH A . 
C 3 HOH 4   204 4   HOH HOH A . 
C 3 HOH 5   205 5   HOH HOH A . 
C 3 HOH 6   206 6   HOH HOH A . 
C 3 HOH 7   207 7   HOH HOH A . 
C 3 HOH 8   208 8   HOH HOH A . 
C 3 HOH 9   209 9   HOH HOH A . 
C 3 HOH 10  210 10  HOH HOH A . 
C 3 HOH 11  211 11  HOH HOH A . 
C 3 HOH 12  212 12  HOH HOH A . 
C 3 HOH 13  213 13  HOH HOH A . 
C 3 HOH 14  214 14  HOH HOH A . 
C 3 HOH 15  215 15  HOH HOH A . 
C 3 HOH 16  216 16  HOH HOH A . 
C 3 HOH 17  217 17  HOH HOH A . 
C 3 HOH 18  218 18  HOH HOH A . 
C 3 HOH 19  219 19  HOH HOH A . 
C 3 HOH 20  220 20  HOH HOH A . 
C 3 HOH 21  221 21  HOH HOH A . 
C 3 HOH 22  222 22  HOH HOH A . 
C 3 HOH 23  223 23  HOH HOH A . 
C 3 HOH 24  224 24  HOH HOH A . 
C 3 HOH 25  225 25  HOH HOH A . 
C 3 HOH 26  226 26  HOH HOH A . 
C 3 HOH 27  227 27  HOH HOH A . 
C 3 HOH 28  228 28  HOH HOH A . 
C 3 HOH 29  229 29  HOH HOH A . 
C 3 HOH 30  230 30  HOH HOH A . 
C 3 HOH 31  231 31  HOH HOH A . 
C 3 HOH 32  232 32  HOH HOH A . 
C 3 HOH 33  233 33  HOH HOH A . 
C 3 HOH 34  234 34  HOH HOH A . 
C 3 HOH 35  235 35  HOH HOH A . 
C 3 HOH 36  236 36  HOH HOH A . 
C 3 HOH 37  237 37  HOH HOH A . 
C 3 HOH 38  238 38  HOH HOH A . 
C 3 HOH 39  239 39  HOH HOH A . 
C 3 HOH 40  240 40  HOH HOH A . 
C 3 HOH 41  241 41  HOH HOH A . 
C 3 HOH 42  242 42  HOH HOH A . 
C 3 HOH 43  243 43  HOH HOH A . 
C 3 HOH 44  244 44  HOH HOH A . 
C 3 HOH 45  245 45  HOH HOH A . 
C 3 HOH 46  246 46  HOH HOH A . 
C 3 HOH 47  247 47  HOH HOH A . 
C 3 HOH 48  248 48  HOH HOH A . 
C 3 HOH 49  249 49  HOH HOH A . 
C 3 HOH 50  250 50  HOH HOH A . 
C 3 HOH 51  251 51  HOH HOH A . 
C 3 HOH 52  252 52  HOH HOH A . 
C 3 HOH 53  253 53  HOH HOH A . 
C 3 HOH 54  254 54  HOH HOH A . 
C 3 HOH 55  255 55  HOH HOH A . 
C 3 HOH 56  256 56  HOH HOH A . 
C 3 HOH 57  257 57  HOH HOH A . 
C 3 HOH 58  258 58  HOH HOH A . 
C 3 HOH 59  259 59  HOH HOH A . 
C 3 HOH 60  260 60  HOH HOH A . 
C 3 HOH 61  261 61  HOH HOH A . 
C 3 HOH 62  262 62  HOH HOH A . 
C 3 HOH 63  263 63  HOH HOH A . 
C 3 HOH 64  264 64  HOH HOH A . 
C 3 HOH 65  265 65  HOH HOH A . 
C 3 HOH 66  266 66  HOH HOH A . 
C 3 HOH 67  267 67  HOH HOH A . 
C 3 HOH 68  268 68  HOH HOH A . 
C 3 HOH 69  269 69  HOH HOH A . 
C 3 HOH 70  270 70  HOH HOH A . 
C 3 HOH 71  271 71  HOH HOH A . 
C 3 HOH 72  272 72  HOH HOH A . 
C 3 HOH 73  273 73  HOH HOH A . 
C 3 HOH 74  274 74  HOH HOH A . 
C 3 HOH 75  275 75  HOH HOH A . 
C 3 HOH 76  276 76  HOH HOH A . 
C 3 HOH 77  277 77  HOH HOH A . 
C 3 HOH 78  278 78  HOH HOH A . 
C 3 HOH 79  279 79  HOH HOH A . 
C 3 HOH 80  280 80  HOH HOH A . 
C 3 HOH 81  281 81  HOH HOH A . 
C 3 HOH 82  282 82  HOH HOH A . 
C 3 HOH 83  283 83  HOH HOH A . 
C 3 HOH 84  284 84  HOH HOH A . 
C 3 HOH 85  285 85  HOH HOH A . 
C 3 HOH 86  286 86  HOH HOH A . 
C 3 HOH 87  287 87  HOH HOH A . 
C 3 HOH 88  288 88  HOH HOH A . 
C 3 HOH 89  289 89  HOH HOH A . 
C 3 HOH 90  290 90  HOH HOH A . 
C 3 HOH 91  291 91  HOH HOH A . 
C 3 HOH 92  292 92  HOH HOH A . 
C 3 HOH 93  293 93  HOH HOH A . 
C 3 HOH 94  294 94  HOH HOH A . 
C 3 HOH 95  295 95  HOH HOH A . 
C 3 HOH 96  296 96  HOH HOH A . 
C 3 HOH 97  297 97  HOH HOH A . 
C 3 HOH 98  298 98  HOH HOH A . 
C 3 HOH 99  299 99  HOH HOH A . 
C 3 HOH 100 300 100 HOH HOH A . 
C 3 HOH 101 301 101 HOH HOH A . 
C 3 HOH 102 302 102 HOH HOH A . 
C 3 HOH 103 303 103 HOH HOH A . 
C 3 HOH 104 304 104 HOH HOH A . 
C 3 HOH 105 305 105 HOH HOH A . 
C 3 HOH 106 306 106 HOH HOH A . 
C 3 HOH 107 307 107 HOH HOH A . 
C 3 HOH 108 308 108 HOH HOH A . 
C 3 HOH 109 309 109 HOH HOH A . 
C 3 HOH 110 310 110 HOH HOH A . 
C 3 HOH 111 311 111 HOH HOH A . 
C 3 HOH 112 312 112 HOH HOH A . 
C 3 HOH 113 313 113 HOH HOH A . 
C 3 HOH 114 314 114 HOH HOH A . 
C 3 HOH 115 315 115 HOH HOH A . 
C 3 HOH 116 316 116 HOH HOH A . 
C 3 HOH 117 317 117 HOH HOH A . 
C 3 HOH 118 318 118 HOH HOH A . 
C 3 HOH 119 319 119 HOH HOH A . 
C 3 HOH 120 320 120 HOH HOH A . 
C 3 HOH 121 321 121 HOH HOH A . 
C 3 HOH 122 322 122 HOH HOH A . 
C 3 HOH 123 323 123 HOH HOH A . 
C 3 HOH 124 324 124 HOH HOH A . 
C 3 HOH 125 325 125 HOH HOH A . 
C 3 HOH 126 326 126 HOH HOH A . 
C 3 HOH 127 327 127 HOH HOH A . 
C 3 HOH 128 328 128 HOH HOH A . 
C 3 HOH 129 329 129 HOH HOH A . 
C 3 HOH 130 330 130 HOH HOH A . 
C 3 HOH 131 331 131 HOH HOH A . 
C 3 HOH 132 332 132 HOH HOH A . 
C 3 HOH 133 333 133 HOH HOH A . 
C 3 HOH 134 334 134 HOH HOH A . 
C 3 HOH 135 335 135 HOH HOH A . 
C 3 HOH 136 336 136 HOH HOH A . 
C 3 HOH 137 337 137 HOH HOH A . 
C 3 HOH 138 338 138 HOH HOH A . 
C 3 HOH 139 339 139 HOH HOH A . 
C 3 HOH 140 340 140 HOH HOH A . 
C 3 HOH 141 341 141 HOH HOH A . 
C 3 HOH 142 342 142 HOH HOH A . 
C 3 HOH 143 343 143 HOH HOH A . 
C 3 HOH 144 344 144 HOH HOH A . 
C 3 HOH 145 345 145 HOH HOH A . 
C 3 HOH 146 346 146 HOH HOH A . 
C 3 HOH 147 347 147 HOH HOH A . 
C 3 HOH 148 348 148 HOH HOH A . 
C 3 HOH 149 349 149 HOH HOH A . 
C 3 HOH 150 350 150 HOH HOH A . 
C 3 HOH 151 351 151 HOH HOH A . 
# 
loop_
_software.name 
_software.classification 
_software.version 
_software.citation_id 
_software.pdbx_ordinal 
REFMAC       refinement       5.2.0005       ? 1 
CrystalClear 'data reduction' '(MSC/RIGAKU)' ? 2 
d*TREK       'data scaling'   .              ? 3 
MOLREP       phasing          .              ? 4 
# 
_cell.entry_id           2APF 
_cell.length_a           31.608 
_cell.length_b           74.708 
_cell.length_c           113.819 
_cell.angle_alpha        90.00 
_cell.angle_beta         90.00 
_cell.angle_gamma        90.00 
_cell.Z_PDB              8 
_cell.pdbx_unique_axis   ? 
_cell.length_a_esd       ? 
_cell.length_b_esd       ? 
_cell.length_c_esd       ? 
_cell.angle_alpha_esd    ? 
_cell.angle_beta_esd     ? 
_cell.angle_gamma_esd    ? 
# 
_symmetry.entry_id                         2APF 
_symmetry.space_group_name_H-M             'I 21 21 21' 
_symmetry.pdbx_full_space_group_name_H-M   ? 
_symmetry.cell_setting                     ? 
_symmetry.Int_Tables_number                24 
_symmetry.space_group_name_Hall            ? 
# 
_exptl.entry_id          2APF 
_exptl.method            'X-RAY DIFFRACTION' 
_exptl.crystals_number   1 
# 
_exptl_crystal.id                    1 
_exptl_crystal.density_meas          ? 
_exptl_crystal.density_Matthews      2.8 
_exptl_crystal.density_percent_sol   55.6 
_exptl_crystal.description           ? 
_exptl_crystal.F_000                 ? 
_exptl_crystal.preparation           ? 
# 
_exptl_crystal_grow.crystal_id      1 
_exptl_crystal_grow.method          'VAPOR DIFFUSION, HANGING DROP' 
_exptl_crystal_grow.temp            298 
_exptl_crystal_grow.temp_details    ? 
_exptl_crystal_grow.pH              7.0 
_exptl_crystal_grow.pdbx_details    '2.0 M Sodium Malonate, 0.2 % dioxane, pH 7.0, VAPOR DIFFUSION, HANGING DROP, temperature 298K' 
_exptl_crystal_grow.pdbx_pH_range   . 
# 
_diffrn.id                     1 
_diffrn.ambient_temp           100 
_diffrn.ambient_temp_details   ? 
_diffrn.crystal_id             1 
# 
_diffrn_detector.diffrn_id              1 
_diffrn_detector.detector               'IMAGE PLATE' 
_diffrn_detector.type                   'RIGAKU RAXIS IV' 
_diffrn_detector.pdbx_collection_date   2003-09-05 
_diffrn_detector.details                ? 
# 
_diffrn_radiation.diffrn_id                        1 
_diffrn_radiation.wavelength_id                    1 
_diffrn_radiation.pdbx_monochromatic_or_laue_m_l   M 
_diffrn_radiation.monochromator                    'OSMIC MIRRORS' 
_diffrn_radiation.pdbx_diffrn_protocol             'SINGLE WAVELENGTH' 
_diffrn_radiation.pdbx_scattering_type             x-ray 
# 
_diffrn_radiation_wavelength.id           1 
_diffrn_radiation_wavelength.wavelength   1.5418 
_diffrn_radiation_wavelength.wt           1.0 
# 
_diffrn_source.diffrn_id                   1 
_diffrn_source.source                      'ROTATING ANODE' 
_diffrn_source.type                        'RIGAKU RU200' 
_diffrn_source.pdbx_synchrotron_site       ? 
_diffrn_source.pdbx_synchrotron_beamline   ? 
_diffrn_source.pdbx_wavelength             ? 
_diffrn_source.pdbx_wavelength_list        1.5418 
# 
_reflns.entry_id                     2APF 
_reflns.observed_criterion_sigma_F   2 
_reflns.observed_criterion_sigma_I   4 
_reflns.d_resolution_high            1.58 
_reflns.d_resolution_low             62.500 
_reflns.number_all                   18831 
_reflns.number_obs                   14201 
_reflns.percent_possible_obs         75 
_reflns.pdbx_Rmerge_I_obs            ? 
_reflns.pdbx_Rsym_value              ? 
_reflns.pdbx_netI_over_sigmaI        ? 
_reflns.B_iso_Wilson_estimate        ? 
_reflns.pdbx_redundancy              ? 
_reflns.R_free_details               ? 
_reflns.limit_h_max                  ? 
_reflns.limit_h_min                  ? 
_reflns.limit_k_max                  ? 
_reflns.limit_k_min                  ? 
_reflns.limit_l_max                  ? 
_reflns.limit_l_min                  ? 
_reflns.observed_criterion_F_max     ? 
_reflns.observed_criterion_F_min     ? 
_reflns.pdbx_chi_squared             ? 
_reflns.pdbx_scaling_rejects         ? 
_reflns.pdbx_ordinal                 1 
_reflns.pdbx_diffrn_id               1 
# 
_reflns_shell.d_res_high             1.58 
_reflns_shell.d_res_low              1.66 
_reflns_shell.percent_possible_all   65 
_reflns_shell.Rmerge_I_obs           ? 
_reflns_shell.pdbx_Rsym_value        ? 
_reflns_shell.meanI_over_sigI_obs    ? 
_reflns_shell.pdbx_redundancy        ? 
_reflns_shell.percent_possible_obs   ? 
_reflns_shell.number_unique_all      ? 
_reflns_shell.number_measured_all    ? 
_reflns_shell.number_measured_obs    ? 
_reflns_shell.number_unique_obs      ? 
_reflns_shell.pdbx_chi_squared       ? 
_reflns_shell.pdbx_ordinal           1 
_reflns_shell.pdbx_diffrn_id         1 
# 
_refine.entry_id                                 2APF 
_refine.ls_number_reflns_obs                     11549 
_refine.ls_number_reflns_all                     14201 
_refine.pdbx_ls_sigma_I                          ? 
_refine.pdbx_ls_sigma_F                          1 
_refine.pdbx_data_cutoff_high_absF               ? 
_refine.pdbx_data_cutoff_low_absF                ? 
_refine.pdbx_data_cutoff_high_rms_absF           ? 
_refine.ls_d_res_low                             30.00 
_refine.ls_d_res_high                            1.80 
_refine.ls_percent_reflns_obs                    94.09 
_refine.ls_R_factor_obs                          0.20059 
_refine.ls_R_factor_all                          0.20327 
_refine.ls_R_factor_R_work                       0.19741 
_refine.ls_R_factor_R_free                       0.26271 
_refine.ls_R_factor_R_free_error                 ? 
_refine.ls_R_factor_R_free_error_details         ? 
_refine.ls_percent_reflns_R_free                 5.2 
_refine.ls_number_reflns_R_free                  630 
_refine.ls_number_parameters                     ? 
_refine.ls_number_restraints                     ? 
_refine.occupancy_min                            ? 
_refine.occupancy_max                            ? 
_refine.correlation_coeff_Fo_to_Fc               0.955 
_refine.correlation_coeff_Fo_to_Fc_free          0.919 
_refine.B_iso_mean                               28.169 
_refine.aniso_B[1][1]                            -0.32 
_refine.aniso_B[2][2]                            0.81 
_refine.aniso_B[3][3]                            -0.49 
_refine.aniso_B[1][2]                            0.00 
_refine.aniso_B[1][3]                            0.00 
_refine.aniso_B[2][3]                            0.00 
_refine.solvent_model_details                    MASK 
_refine.solvent_model_param_ksol                 ? 
_refine.solvent_model_param_bsol                 ? 
_refine.pdbx_solvent_vdw_probe_radii             1.20 
_refine.pdbx_solvent_ion_probe_radii             0.80 
_refine.pdbx_solvent_shrinkage_radii             0.80 
_refine.pdbx_ls_cross_valid_method               THROUGHOUT 
_refine.details                                  'HYDROGENS HAVE BEEN ADDED IN THE RIDING POSITIONS' 
_refine.pdbx_starting_model                      ? 
_refine.pdbx_method_to_determine_struct          'MOLECULAR REPLACEMENT' 
_refine.pdbx_isotropic_thermal_model             ? 
_refine.pdbx_stereochemistry_target_values       'MAXIMUM LIKELIHOOD' 
_refine.pdbx_stereochem_target_val_spec_case     ? 
_refine.pdbx_R_Free_selection_details            RANDOM 
_refine.pdbx_overall_ESU_R                       0.136 
_refine.pdbx_overall_ESU_R_Free                  0.146 
_refine.overall_SU_ML                            0.097 
_refine.overall_SU_B                             3.109 
_refine.ls_redundancy_reflns_obs                 ? 
_refine.B_iso_min                                ? 
_refine.B_iso_max                                ? 
_refine.overall_SU_R_Cruickshank_DPI             ? 
_refine.overall_SU_R_free                        ? 
_refine.ls_wR_factor_R_free                      ? 
_refine.ls_wR_factor_R_work                      ? 
_refine.overall_FOM_free_R_set                   ? 
_refine.overall_FOM_work_R_set                   ? 
_refine.pdbx_refine_id                           'X-RAY DIFFRACTION' 
_refine.pdbx_diffrn_id                           1 
_refine.pdbx_TLS_residual_ADP_flag               ? 
_refine.pdbx_overall_phase_error                 ? 
_refine.pdbx_overall_SU_R_free_Cruickshank_DPI   ? 
_refine.pdbx_overall_SU_R_Blow_DPI               ? 
_refine.pdbx_overall_SU_R_free_Blow_DPI          ? 
# 
_refine_hist.pdbx_refine_id                   'X-RAY DIFFRACTION' 
_refine_hist.cycle_id                         LAST 
_refine_hist.pdbx_number_atoms_protein        860 
_refine_hist.pdbx_number_atoms_nucleic_acid   0 
_refine_hist.pdbx_number_atoms_ligand         7 
_refine_hist.number_atoms_solvent             151 
_refine_hist.number_atoms_total               1018 
_refine_hist.d_res_high                       1.80 
_refine_hist.d_res_low                        30.00 
# 
loop_
_refine_ls_restr.type 
_refine_ls_restr.dev_ideal 
_refine_ls_restr.dev_ideal_target 
_refine_ls_restr.weight 
_refine_ls_restr.number 
_refine_ls_restr.pdbx_refine_id 
_refine_ls_restr.pdbx_restraint_function 
r_bond_refined_d             0.015  0.021  ? 883  'X-RAY DIFFRACTION' ? 
r_bond_other_d               ?      ?      ? ?    'X-RAY DIFFRACTION' ? 
r_angle_refined_deg          1.526  1.950  ? 1196 'X-RAY DIFFRACTION' ? 
r_angle_other_deg            ?      ?      ? ?    'X-RAY DIFFRACTION' ? 
r_dihedral_angle_1_deg       6.635  5.000  ? 109  'X-RAY DIFFRACTION' ? 
r_dihedral_angle_2_deg       38.932 24.146 ? 41   'X-RAY DIFFRACTION' ? 
r_dihedral_angle_3_deg       14.480 15.000 ? 136  'X-RAY DIFFRACTION' ? 
r_dihedral_angle_4_deg       19.151 15.000 ? 5    'X-RAY DIFFRACTION' ? 
r_chiral_restr               0.090  0.200  ? 131  'X-RAY DIFFRACTION' ? 
r_gen_planes_refined         0.006  0.020  ? 682  'X-RAY DIFFRACTION' ? 
r_gen_planes_other           ?      ?      ? ?    'X-RAY DIFFRACTION' ? 
r_nbd_refined                0.290  0.200  ? 405  'X-RAY DIFFRACTION' ? 
r_nbd_other                  ?      ?      ? ?    'X-RAY DIFFRACTION' ? 
r_nbtor_refined              0.306  0.200  ? 577  'X-RAY DIFFRACTION' ? 
r_nbtor_other                ?      ?      ? ?    'X-RAY DIFFRACTION' ? 
r_xyhbond_nbd_refined        0.194  0.200  ? 131  'X-RAY DIFFRACTION' ? 
r_xyhbond_nbd_other          ?      ?      ? ?    'X-RAY DIFFRACTION' ? 
r_metal_ion_refined          ?      ?      ? ?    'X-RAY DIFFRACTION' ? 
r_metal_ion_other            ?      ?      ? ?    'X-RAY DIFFRACTION' ? 
r_symmetry_vdw_refined       0.192  0.200  ? 39   'X-RAY DIFFRACTION' ? 
r_symmetry_vdw_other         ?      ?      ? ?    'X-RAY DIFFRACTION' ? 
r_symmetry_hbond_refined     0.281  0.200  ? 35   'X-RAY DIFFRACTION' ? 
r_symmetry_hbond_other       ?      ?      ? ?    'X-RAY DIFFRACTION' ? 
r_symmetry_metal_ion_refined ?      ?      ? ?    'X-RAY DIFFRACTION' ? 
r_symmetry_metal_ion_other   ?      ?      ? ?    'X-RAY DIFFRACTION' ? 
r_mcbond_it                  0.794  1.500  ? 562  'X-RAY DIFFRACTION' ? 
r_mcbond_other               ?      ?      ? ?    'X-RAY DIFFRACTION' ? 
r_mcangle_it                 1.361  2.000  ? 877  'X-RAY DIFFRACTION' ? 
r_scbond_it                  2.308  3.000  ? 365  'X-RAY DIFFRACTION' ? 
r_scangle_it                 3.391  4.500  ? 319  'X-RAY DIFFRACTION' ? 
r_rigid_bond_restr           ?      ?      ? ?    'X-RAY DIFFRACTION' ? 
r_sphericity_free            ?      ?      ? ?    'X-RAY DIFFRACTION' ? 
r_sphericity_bonded          ?      ?      ? ?    'X-RAY DIFFRACTION' ? 
# 
_refine_ls_shell.pdbx_total_number_of_bins_used   20 
_refine_ls_shell.d_res_high                       1.800 
_refine_ls_shell.d_res_low                        1.847 
_refine_ls_shell.number_reflns_R_work             660 
_refine_ls_shell.R_factor_R_work                  0.25 
_refine_ls_shell.percent_reflns_obs               73.83 
_refine_ls_shell.R_factor_R_free                  0.281 
_refine_ls_shell.R_factor_R_free_error            ? 
_refine_ls_shell.percent_reflns_R_free            ? 
_refine_ls_shell.number_reflns_R_free             34 
_refine_ls_shell.number_reflns_obs                ? 
_refine_ls_shell.redundancy_reflns_obs            ? 
_refine_ls_shell.number_reflns_all                ? 
_refine_ls_shell.R_factor_all                     ? 
_refine_ls_shell.pdbx_refine_id                   'X-RAY DIFFRACTION' 
# 
_struct.entry_id                  2APF 
_struct.title                     'Crystal Structure of the A52V/S54N/K66E variant of the murine T cell receptor V beta 8.2 domain' 
_struct.pdbx_model_details        ? 
_struct.pdbx_CASP_flag            ? 
_struct.pdbx_model_type_details   ? 
# 
_struct_keywords.entry_id        2APF 
_struct_keywords.pdbx_keywords   'IMMUNE SYSTEM' 
_struct_keywords.text            'T cell receptor, immune system' 
# 
loop_
_struct_asym.id 
_struct_asym.pdbx_blank_PDB_chainid_flag 
_struct_asym.pdbx_modified 
_struct_asym.entity_id 
_struct_asym.details 
A N N 1 ? 
B N N 2 ? 
C N N 3 ? 
# 
_struct_ref.id                         1 
_struct_ref.entity_id                  1 
_struct_ref.db_name                    UNP 
_struct_ref.db_code                    A2NAI0_RAT 
_struct_ref.pdbx_db_accession          A2NAI0 
_struct_ref.pdbx_db_isoform            ? 
_struct_ref.pdbx_seq_one_letter_code   ? 
_struct_ref.pdbx_align_begin           ? 
# 
_struct_ref_seq.align_id                      1 
_struct_ref_seq.ref_id                        1 
_struct_ref_seq.pdbx_PDB_id_code              2APF 
_struct_ref_seq.pdbx_strand_id                A 
_struct_ref_seq.seq_align_beg                 3 
_struct_ref_seq.pdbx_seq_align_beg_ins_code   ? 
_struct_ref_seq.seq_align_end                 95 
_struct_ref_seq.pdbx_seq_align_end_ins_code   ? 
_struct_ref_seq.pdbx_db_accession             A2NAI0 
_struct_ref_seq.db_align_beg                  2 
_struct_ref_seq.pdbx_db_align_beg_ins_code    ? 
_struct_ref_seq.db_align_end                  94 
_struct_ref_seq.pdbx_db_align_end_ins_code    ? 
_struct_ref_seq.pdbx_auth_seq_align_beg       1 
_struct_ref_seq.pdbx_auth_seq_align_end       94 
# 
_pdbx_struct_assembly.id                   1 
_pdbx_struct_assembly.details              author_defined_assembly 
_pdbx_struct_assembly.method_details       ? 
_pdbx_struct_assembly.oligomeric_details   monomeric 
_pdbx_struct_assembly.oligomeric_count     1 
# 
_pdbx_struct_assembly_gen.assembly_id       1 
_pdbx_struct_assembly_gen.oper_expression   1 
_pdbx_struct_assembly_gen.asym_id_list      A,B,C 
# 
_pdbx_struct_oper_list.id                   1 
_pdbx_struct_oper_list.type                 'identity operation' 
_pdbx_struct_oper_list.name                 1_555 
_pdbx_struct_oper_list.symmetry_operation   x,y,z 
_pdbx_struct_oper_list.matrix[1][1]         1.0000000000 
_pdbx_struct_oper_list.matrix[1][2]         0.0000000000 
_pdbx_struct_oper_list.matrix[1][3]         0.0000000000 
_pdbx_struct_oper_list.vector[1]            0.0000000000 
_pdbx_struct_oper_list.matrix[2][1]         0.0000000000 
_pdbx_struct_oper_list.matrix[2][2]         1.0000000000 
_pdbx_struct_oper_list.matrix[2][3]         0.0000000000 
_pdbx_struct_oper_list.vector[2]            0.0000000000 
_pdbx_struct_oper_list.matrix[3][1]         0.0000000000 
_pdbx_struct_oper_list.matrix[3][2]         0.0000000000 
_pdbx_struct_oper_list.matrix[3][3]         1.0000000000 
_pdbx_struct_oper_list.vector[3]            0.0000000000 
# 
_struct_biol.id                    1 
_struct_biol.pdbx_parent_biol_id   ? 
_struct_biol.details               ? 
# 
_struct_conf.conf_type_id            HELX_P 
_struct_conf.id                      HELX_P1 
_struct_conf.pdbx_PDB_helix_id       1 
_struct_conf.beg_label_comp_id       THR 
_struct_conf.beg_label_asym_id       A 
_struct_conf.beg_label_seq_id        84 
_struct_conf.pdbx_beg_PDB_ins_code   ? 
_struct_conf.end_label_comp_id       THR 
_struct_conf.end_label_asym_id       A 
_struct_conf.end_label_seq_id        88 
_struct_conf.pdbx_end_PDB_ins_code   ? 
_struct_conf.beg_auth_comp_id        THR 
_struct_conf.beg_auth_asym_id        A 
_struct_conf.beg_auth_seq_id         83 
_struct_conf.end_auth_comp_id        THR 
_struct_conf.end_auth_asym_id        A 
_struct_conf.end_auth_seq_id         87 
_struct_conf.pdbx_PDB_helix_class    5 
_struct_conf.details                 ? 
_struct_conf.pdbx_PDB_helix_length   5 
# 
_struct_conf_type.id          HELX_P 
_struct_conf_type.criteria    ? 
_struct_conf_type.reference   ? 
# 
_struct_conn.id                            disulf1 
_struct_conn.conn_type_id                  disulf 
_struct_conn.pdbx_leaving_atom_flag        ? 
_struct_conn.pdbx_PDB_id                   ? 
_struct_conn.ptnr1_label_asym_id           A 
_struct_conn.ptnr1_label_comp_id           CYS 
_struct_conn.ptnr1_label_seq_id            25 
_struct_conn.ptnr1_label_atom_id           SG 
_struct_conn.pdbx_ptnr1_label_alt_id       ? 
_struct_conn.pdbx_ptnr1_PDB_ins_code       ? 
_struct_conn.pdbx_ptnr1_standard_comp_id   ? 
_struct_conn.ptnr1_symmetry                1_555 
_struct_conn.ptnr2_label_asym_id           A 
_struct_conn.ptnr2_label_comp_id           CYS 
_struct_conn.ptnr2_label_seq_id            93 
_struct_conn.ptnr2_label_atom_id           SG 
_struct_conn.pdbx_ptnr2_label_alt_id       ? 
_struct_conn.pdbx_ptnr2_PDB_ins_code       ? 
_struct_conn.ptnr1_auth_asym_id            A 
_struct_conn.ptnr1_auth_comp_id            CYS 
_struct_conn.ptnr1_auth_seq_id             23 
_struct_conn.ptnr2_auth_asym_id            A 
_struct_conn.ptnr2_auth_comp_id            CYS 
_struct_conn.ptnr2_auth_seq_id             92 
_struct_conn.ptnr2_symmetry                1_555 
_struct_conn.pdbx_ptnr3_label_atom_id      ? 
_struct_conn.pdbx_ptnr3_label_seq_id       ? 
_struct_conn.pdbx_ptnr3_label_comp_id      ? 
_struct_conn.pdbx_ptnr3_label_asym_id      ? 
_struct_conn.pdbx_ptnr3_label_alt_id       ? 
_struct_conn.pdbx_ptnr3_PDB_ins_code       ? 
_struct_conn.details                       ? 
_struct_conn.pdbx_dist_value               2.068 
_struct_conn.pdbx_value_order              ? 
_struct_conn.pdbx_role                     ? 
# 
_struct_conn_type.id          disulf 
_struct_conn_type.criteria    ? 
_struct_conn_type.reference   ? 
# 
_pdbx_modification_feature.ordinal                            1 
_pdbx_modification_feature.label_comp_id                      CYS 
_pdbx_modification_feature.label_asym_id                      A 
_pdbx_modification_feature.label_seq_id                       25 
_pdbx_modification_feature.label_alt_id                       ? 
_pdbx_modification_feature.modified_residue_label_comp_id     CYS 
_pdbx_modification_feature.modified_residue_label_asym_id     A 
_pdbx_modification_feature.modified_residue_label_seq_id      93 
_pdbx_modification_feature.modified_residue_label_alt_id      ? 
_pdbx_modification_feature.auth_comp_id                       CYS 
_pdbx_modification_feature.auth_asym_id                       A 
_pdbx_modification_feature.auth_seq_id                        23 
_pdbx_modification_feature.PDB_ins_code                       ? 
_pdbx_modification_feature.symmetry                           1_555 
_pdbx_modification_feature.modified_residue_auth_comp_id      CYS 
_pdbx_modification_feature.modified_residue_auth_asym_id      A 
_pdbx_modification_feature.modified_residue_auth_seq_id       92 
_pdbx_modification_feature.modified_residue_PDB_ins_code      ? 
_pdbx_modification_feature.modified_residue_symmetry          1_555 
_pdbx_modification_feature.comp_id_linking_atom               SG 
_pdbx_modification_feature.modified_residue_id_linking_atom   SG 
_pdbx_modification_feature.modified_residue_id                . 
_pdbx_modification_feature.ref_pcm_id                         . 
_pdbx_modification_feature.ref_comp_id                        . 
_pdbx_modification_feature.type                               None 
_pdbx_modification_feature.category                           'Disulfide bridge' 
# 
_struct_mon_prot_cis.pdbx_id                1 
_struct_mon_prot_cis.label_comp_id          SER 
_struct_mon_prot_cis.label_seq_id           9 
_struct_mon_prot_cis.label_asym_id          A 
_struct_mon_prot_cis.label_alt_id           . 
_struct_mon_prot_cis.pdbx_PDB_ins_code      ? 
_struct_mon_prot_cis.auth_comp_id           SER 
_struct_mon_prot_cis.auth_seq_id            7 
_struct_mon_prot_cis.auth_asym_id           A 
_struct_mon_prot_cis.pdbx_label_comp_id_2   PRO 
_struct_mon_prot_cis.pdbx_label_seq_id_2    10 
_struct_mon_prot_cis.pdbx_label_asym_id_2   A 
_struct_mon_prot_cis.pdbx_PDB_ins_code_2    ? 
_struct_mon_prot_cis.pdbx_auth_comp_id_2    PRO 
_struct_mon_prot_cis.pdbx_auth_seq_id_2     8 
_struct_mon_prot_cis.pdbx_auth_asym_id_2    A 
_struct_mon_prot_cis.pdbx_PDB_model_num     1 
_struct_mon_prot_cis.pdbx_omega_angle       0.40 
# 
loop_
_struct_sheet.id 
_struct_sheet.type 
_struct_sheet.number_strands 
_struct_sheet.details 
A ? 4 ? 
B ? 6 ? 
C ? 4 ? 
# 
loop_
_struct_sheet_order.sheet_id 
_struct_sheet_order.range_id_1 
_struct_sheet_order.range_id_2 
_struct_sheet_order.offset 
_struct_sheet_order.sense 
A 1 2 ? anti-parallel 
A 2 3 ? anti-parallel 
A 3 4 ? anti-parallel 
B 1 2 ? parallel      
B 2 3 ? anti-parallel 
B 3 4 ? anti-parallel 
B 4 5 ? anti-parallel 
B 5 6 ? anti-parallel 
C 1 2 ? parallel      
C 2 3 ? anti-parallel 
C 3 4 ? anti-parallel 
# 
loop_
_struct_sheet_range.sheet_id 
_struct_sheet_range.id 
_struct_sheet_range.beg_label_comp_id 
_struct_sheet_range.beg_label_asym_id 
_struct_sheet_range.beg_label_seq_id 
_struct_sheet_range.pdbx_beg_PDB_ins_code 
_struct_sheet_range.end_label_comp_id 
_struct_sheet_range.end_label_asym_id 
_struct_sheet_range.end_label_seq_id 
_struct_sheet_range.pdbx_end_PDB_ins_code 
_struct_sheet_range.beg_auth_comp_id 
_struct_sheet_range.beg_auth_asym_id 
_struct_sheet_range.beg_auth_seq_id 
_struct_sheet_range.end_auth_comp_id 
_struct_sheet_range.end_auth_asym_id 
_struct_sheet_range.end_auth_seq_id 
A 1 VAL A 6   ? SER A 9   ? VAL A 4   SER A 7   
A 2 VAL A 21  ? GLN A 27  ? VAL A 19  GLN A 25  
A 3 GLN A 75  ? LEU A 80  ? GLN A 74  LEU A 79  
A 4 GLU A 67  ? SER A 69  ? GLU A 66  SER A 68  
B 1 ASN A 12  ? VAL A 16  ? ASN A 10  VAL A 14  
B 2 THR A 107 ? LEU A 112 ? THR A 112 LEU A 117 
B 3 THR A 89  ? GLY A 96  ? THR A 88  GLY A 95  
B 4 ASN A 33  ? GLN A 39  ? ASN A 31  GLN A 37  
B 5 LEU A 45  ? SER A 51  ? LEU A 43  SER A 49  
B 6 GLU A 58  ? LYS A 59  ? GLU A 56  LYS A 57  
C 1 ASN A 12  ? VAL A 16  ? ASN A 10  VAL A 14  
C 2 THR A 107 ? LEU A 112 ? THR A 112 LEU A 117 
C 3 THR A 89  ? GLY A 96  ? THR A 88  GLY A 95  
C 4 TYR A 102 ? PHE A 103 ? TYR A 101 PHE A 108 
# 
loop_
_pdbx_struct_sheet_hbond.sheet_id 
_pdbx_struct_sheet_hbond.range_id_1 
_pdbx_struct_sheet_hbond.range_id_2 
_pdbx_struct_sheet_hbond.range_1_label_atom_id 
_pdbx_struct_sheet_hbond.range_1_label_comp_id 
_pdbx_struct_sheet_hbond.range_1_label_asym_id 
_pdbx_struct_sheet_hbond.range_1_label_seq_id 
_pdbx_struct_sheet_hbond.range_1_PDB_ins_code 
_pdbx_struct_sheet_hbond.range_1_auth_atom_id 
_pdbx_struct_sheet_hbond.range_1_auth_comp_id 
_pdbx_struct_sheet_hbond.range_1_auth_asym_id 
_pdbx_struct_sheet_hbond.range_1_auth_seq_id 
_pdbx_struct_sheet_hbond.range_2_label_atom_id 
_pdbx_struct_sheet_hbond.range_2_label_comp_id 
_pdbx_struct_sheet_hbond.range_2_label_asym_id 
_pdbx_struct_sheet_hbond.range_2_label_seq_id 
_pdbx_struct_sheet_hbond.range_2_PDB_ins_code 
_pdbx_struct_sheet_hbond.range_2_auth_atom_id 
_pdbx_struct_sheet_hbond.range_2_auth_comp_id 
_pdbx_struct_sheet_hbond.range_2_auth_asym_id 
_pdbx_struct_sheet_hbond.range_2_auth_seq_id 
A 1 2 N SER A 9   ? N SER A 7   O SER A 24  ? O SER A 22  
A 2 3 N VAL A 21  ? N VAL A 19  O LEU A 80  ? O LEU A 79  
A 3 4 O SER A 77  ? O SER A 76  N SER A 69  ? N SER A 68  
B 1 2 N ALA A 15  ? N ALA A 13  O LEU A 112 ? O LEU A 117 
B 2 3 O LEU A 109 ? O LEU A 114 N THR A 89  ? N THR A 88  
B 3 4 O PHE A 92  ? O PHE A 91  N TYR A 37  ? N TYR A 35  
B 4 5 N TRP A 36  ? N TRP A 34  O ILE A 48  ? O ILE A 46  
B 5 6 N TYR A 50  ? N TYR A 48  O GLU A 58  ? O GLU A 56  
C 1 2 N ALA A 15  ? N ALA A 13  O LEU A 112 ? O LEU A 117 
C 2 3 O LEU A 109 ? O LEU A 114 N THR A 89  ? N THR A 88  
C 3 4 N SER A 95  ? N SER A 94  O TYR A 102 ? O TYR A 101 
# 
_struct_site.id                   AC1 
_struct_site.pdbx_evidence_code   Software 
_struct_site.pdbx_auth_asym_id    A 
_struct_site.pdbx_auth_comp_id    MLA 
_struct_site.pdbx_auth_seq_id     200 
_struct_site.pdbx_auth_ins_code   ? 
_struct_site.pdbx_num_residues    10 
_struct_site.details              'BINDING SITE FOR RESIDUE MLA A 200' 
# 
loop_
_struct_site_gen.id 
_struct_site_gen.site_id 
_struct_site_gen.pdbx_num_res 
_struct_site_gen.label_comp_id 
_struct_site_gen.label_asym_id 
_struct_site_gen.label_seq_id 
_struct_site_gen.pdbx_auth_ins_code 
_struct_site_gen.auth_comp_id 
_struct_site_gen.auth_asym_id 
_struct_site_gen.auth_seq_id 
_struct_site_gen.label_atom_id 
_struct_site_gen.label_alt_id 
_struct_site_gen.symmetry 
_struct_site_gen.details 
1  AC1 10 ASN A 30  ? ASN A 28  . ? 1_655 ? 
2  AC1 10 ARG A 46  ? ARG A 44  . ? 1_555 ? 
3  AC1 10 ASP A 61  ? ASP A 59  . ? 1_555 ? 
4  AC1 10 GLY A 97  ? GLY A 96  . ? 6_555 ? 
5  AC1 10 THR A 100 ? THR A 99  . ? 6_555 ? 
6  AC1 10 HOH C .   ? HOH A 221 . ? 1_555 ? 
7  AC1 10 HOH C .   ? HOH A 256 . ? 1_555 ? 
8  AC1 10 HOH C .   ? HOH A 297 . ? 1_555 ? 
9  AC1 10 HOH C .   ? HOH A 316 . ? 1_555 ? 
10 AC1 10 HOH C .   ? HOH A 347 . ? 1_555 ? 
# 
_pdbx_entry_details.entry_id                   2APF 
_pdbx_entry_details.compound_details           ? 
_pdbx_entry_details.source_details             ? 
_pdbx_entry_details.nonpolymer_details         ? 
_pdbx_entry_details.sequence_details           ? 
_pdbx_entry_details.has_ligand_of_interest     ? 
_pdbx_entry_details.has_protein_modification   Y 
# 
loop_
_pdbx_validate_close_contact.id 
_pdbx_validate_close_contact.PDB_model_num 
_pdbx_validate_close_contact.auth_atom_id_1 
_pdbx_validate_close_contact.auth_asym_id_1 
_pdbx_validate_close_contact.auth_comp_id_1 
_pdbx_validate_close_contact.auth_seq_id_1 
_pdbx_validate_close_contact.PDB_ins_code_1 
_pdbx_validate_close_contact.label_alt_id_1 
_pdbx_validate_close_contact.auth_atom_id_2 
_pdbx_validate_close_contact.auth_asym_id_2 
_pdbx_validate_close_contact.auth_comp_id_2 
_pdbx_validate_close_contact.auth_seq_id_2 
_pdbx_validate_close_contact.PDB_ins_code_2 
_pdbx_validate_close_contact.label_alt_id_2 
_pdbx_validate_close_contact.dist 
1 1 CD  A ARG 44  ? ? O A HOH 347 ? ? 2.03 
2 1 OE1 A GLU 73  ? ? O A HOH 351 ? ? 2.08 
3 1 O   A HOH 227 ? ? O A HOH 348 ? ? 2.11 
# 
loop_
_pdbx_validate_symm_contact.id 
_pdbx_validate_symm_contact.PDB_model_num 
_pdbx_validate_symm_contact.auth_atom_id_1 
_pdbx_validate_symm_contact.auth_asym_id_1 
_pdbx_validate_symm_contact.auth_comp_id_1 
_pdbx_validate_symm_contact.auth_seq_id_1 
_pdbx_validate_symm_contact.PDB_ins_code_1 
_pdbx_validate_symm_contact.label_alt_id_1 
_pdbx_validate_symm_contact.site_symmetry_1 
_pdbx_validate_symm_contact.auth_atom_id_2 
_pdbx_validate_symm_contact.auth_asym_id_2 
_pdbx_validate_symm_contact.auth_comp_id_2 
_pdbx_validate_symm_contact.auth_seq_id_2 
_pdbx_validate_symm_contact.PDB_ins_code_2 
_pdbx_validate_symm_contact.label_alt_id_2 
_pdbx_validate_symm_contact.site_symmetry_2 
_pdbx_validate_symm_contact.dist 
1 1 O A HOH 205 ? ? 1_555 O A HOH 349 ? ? 6_555 1.89 
2 1 O A HOH 297 ? ? 1_555 O A HOH 297 ? ? 6_655 2.01 
# 
loop_
_pdbx_validate_rmsd_bond.id 
_pdbx_validate_rmsd_bond.PDB_model_num 
_pdbx_validate_rmsd_bond.auth_atom_id_1 
_pdbx_validate_rmsd_bond.auth_asym_id_1 
_pdbx_validate_rmsd_bond.auth_comp_id_1 
_pdbx_validate_rmsd_bond.auth_seq_id_1 
_pdbx_validate_rmsd_bond.PDB_ins_code_1 
_pdbx_validate_rmsd_bond.label_alt_id_1 
_pdbx_validate_rmsd_bond.auth_atom_id_2 
_pdbx_validate_rmsd_bond.auth_asym_id_2 
_pdbx_validate_rmsd_bond.auth_comp_id_2 
_pdbx_validate_rmsd_bond.auth_seq_id_2 
_pdbx_validate_rmsd_bond.PDB_ins_code_2 
_pdbx_validate_rmsd_bond.label_alt_id_2 
_pdbx_validate_rmsd_bond.bond_value 
_pdbx_validate_rmsd_bond.bond_target_value 
_pdbx_validate_rmsd_bond.bond_deviation 
_pdbx_validate_rmsd_bond.bond_standard_deviation 
_pdbx_validate_rmsd_bond.linker_flag 
1 1 C A GLY 63  ? ? N A TYR 65  ? ? 1.611 1.336 0.275 0.023 Y 
2 1 C A TYR 101 ? ? N A PHE 108 ? ? 1.483 1.336 0.147 0.023 Y 
# 
loop_
_pdbx_validate_rmsd_angle.id 
_pdbx_validate_rmsd_angle.PDB_model_num 
_pdbx_validate_rmsd_angle.auth_atom_id_1 
_pdbx_validate_rmsd_angle.auth_asym_id_1 
_pdbx_validate_rmsd_angle.auth_comp_id_1 
_pdbx_validate_rmsd_angle.auth_seq_id_1 
_pdbx_validate_rmsd_angle.PDB_ins_code_1 
_pdbx_validate_rmsd_angle.label_alt_id_1 
_pdbx_validate_rmsd_angle.auth_atom_id_2 
_pdbx_validate_rmsd_angle.auth_asym_id_2 
_pdbx_validate_rmsd_angle.auth_comp_id_2 
_pdbx_validate_rmsd_angle.auth_seq_id_2 
_pdbx_validate_rmsd_angle.PDB_ins_code_2 
_pdbx_validate_rmsd_angle.label_alt_id_2 
_pdbx_validate_rmsd_angle.auth_atom_id_3 
_pdbx_validate_rmsd_angle.auth_asym_id_3 
_pdbx_validate_rmsd_angle.auth_comp_id_3 
_pdbx_validate_rmsd_angle.auth_seq_id_3 
_pdbx_validate_rmsd_angle.PDB_ins_code_3 
_pdbx_validate_rmsd_angle.label_alt_id_3 
_pdbx_validate_rmsd_angle.angle_value 
_pdbx_validate_rmsd_angle.angle_target_value 
_pdbx_validate_rmsd_angle.angle_deviation 
_pdbx_validate_rmsd_angle.angle_standard_deviation 
_pdbx_validate_rmsd_angle.linker_flag 
1 1 CA A LEU 0   ? ? CB A LEU 0   ? ? CG  A LEU 0   ? ? 130.15 115.30 14.85  2.30 N 
2 1 NE A ARG 44  ? ? CZ A ARG 44  ? ? NH2 A ARG 44  ? ? 117.17 120.30 -3.13  0.50 N 
3 1 CA A LEU 81  ? ? CB A LEU 81  ? ? CG  A LEU 81  ? ? 129.49 115.30 14.19  2.30 N 
4 1 O  A TYR 101 ? ? C  A TYR 101 ? ? N   A PHE 108 ? ? 111.54 122.70 -11.16 1.60 Y 
# 
loop_
_pdbx_validate_torsion.id 
_pdbx_validate_torsion.PDB_model_num 
_pdbx_validate_torsion.auth_comp_id 
_pdbx_validate_torsion.auth_asym_id 
_pdbx_validate_torsion.auth_seq_id 
_pdbx_validate_torsion.PDB_ins_code 
_pdbx_validate_torsion.label_alt_id 
_pdbx_validate_torsion.phi 
_pdbx_validate_torsion.psi 
1 1 THR A 15 ? ? -38.22  130.48 
2 1 ARG A 69 ? ? -116.16 77.07  
3 1 THR A 88 ? ? 178.02  177.98 
# 
loop_
_pdbx_validate_main_chain_plane.id 
_pdbx_validate_main_chain_plane.PDB_model_num 
_pdbx_validate_main_chain_plane.auth_comp_id 
_pdbx_validate_main_chain_plane.auth_asym_id 
_pdbx_validate_main_chain_plane.auth_seq_id 
_pdbx_validate_main_chain_plane.PDB_ins_code 
_pdbx_validate_main_chain_plane.label_alt_id 
_pdbx_validate_main_chain_plane.improper_torsion_angle 
1 1 GLY A 63  ? ? -13.31 
2 1 TYR A 101 ? ? 10.73  
# 
_pdbx_validate_polymer_linkage.id               1 
_pdbx_validate_polymer_linkage.PDB_model_num    1 
_pdbx_validate_polymer_linkage.auth_atom_id_1   C 
_pdbx_validate_polymer_linkage.auth_asym_id_1   A 
_pdbx_validate_polymer_linkage.auth_comp_id_1   GLY 
_pdbx_validate_polymer_linkage.auth_seq_id_1    63 
_pdbx_validate_polymer_linkage.PDB_ins_code_1   ? 
_pdbx_validate_polymer_linkage.label_alt_id_1   ? 
_pdbx_validate_polymer_linkage.auth_atom_id_2   N 
_pdbx_validate_polymer_linkage.auth_asym_id_2   A 
_pdbx_validate_polymer_linkage.auth_comp_id_2   TYR 
_pdbx_validate_polymer_linkage.auth_seq_id_2    65 
_pdbx_validate_polymer_linkage.PDB_ins_code_2   ? 
_pdbx_validate_polymer_linkage.label_alt_id_2   ? 
_pdbx_validate_polymer_linkage.dist             1.61 
# 
loop_
_pdbx_struct_special_symmetry.id 
_pdbx_struct_special_symmetry.PDB_model_num 
_pdbx_struct_special_symmetry.auth_asym_id 
_pdbx_struct_special_symmetry.auth_comp_id 
_pdbx_struct_special_symmetry.auth_seq_id 
_pdbx_struct_special_symmetry.PDB_ins_code 
_pdbx_struct_special_symmetry.label_asym_id 
_pdbx_struct_special_symmetry.label_comp_id 
_pdbx_struct_special_symmetry.label_seq_id 
1 1 A HOH 282 ? C HOH . 
2 1 A HOH 324 ? C HOH . 
3 1 A HOH 339 ? C HOH . 
4 1 A HOH 342 ? C HOH . 
# 
_pdbx_database_remark.id     999 
_pdbx_database_remark.text   
;SEQUENCE
NO SUITABLE SEQUENCE DATABASE REFERENCE WAS AVAILABLE 
AT THE TIME OF PROCESSING THIS FILE. 
;
# 
loop_
_chem_comp_atom.comp_id 
_chem_comp_atom.atom_id 
_chem_comp_atom.type_symbol 
_chem_comp_atom.pdbx_aromatic_flag 
_chem_comp_atom.pdbx_stereo_config 
_chem_comp_atom.pdbx_ordinal 
ALA N    N N N 1   
ALA CA   C N S 2   
ALA C    C N N 3   
ALA O    O N N 4   
ALA CB   C N N 5   
ALA OXT  O N N 6   
ALA H    H N N 7   
ALA H2   H N N 8   
ALA HA   H N N 9   
ALA HB1  H N N 10  
ALA HB2  H N N 11  
ALA HB3  H N N 12  
ALA HXT  H N N 13  
ARG N    N N N 14  
ARG CA   C N S 15  
ARG C    C N N 16  
ARG O    O N N 17  
ARG CB   C N N 18  
ARG CG   C N N 19  
ARG CD   C N N 20  
ARG NE   N N N 21  
ARG CZ   C N N 22  
ARG NH1  N N N 23  
ARG NH2  N N N 24  
ARG OXT  O N N 25  
ARG H    H N N 26  
ARG H2   H N N 27  
ARG HA   H N N 28  
ARG HB2  H N N 29  
ARG HB3  H N N 30  
ARG HG2  H N N 31  
ARG HG3  H N N 32  
ARG HD2  H N N 33  
ARG HD3  H N N 34  
ARG HE   H N N 35  
ARG HH11 H N N 36  
ARG HH12 H N N 37  
ARG HH21 H N N 38  
ARG HH22 H N N 39  
ARG HXT  H N N 40  
ASN N    N N N 41  
ASN CA   C N S 42  
ASN C    C N N 43  
ASN O    O N N 44  
ASN CB   C N N 45  
ASN CG   C N N 46  
ASN OD1  O N N 47  
ASN ND2  N N N 48  
ASN OXT  O N N 49  
ASN H    H N N 50  
ASN H2   H N N 51  
ASN HA   H N N 52  
ASN HB2  H N N 53  
ASN HB3  H N N 54  
ASN HD21 H N N 55  
ASN HD22 H N N 56  
ASN HXT  H N N 57  
ASP N    N N N 58  
ASP CA   C N S 59  
ASP C    C N N 60  
ASP O    O N N 61  
ASP CB   C N N 62  
ASP CG   C N N 63  
ASP OD1  O N N 64  
ASP OD2  O N N 65  
ASP OXT  O N N 66  
ASP H    H N N 67  
ASP H2   H N N 68  
ASP HA   H N N 69  
ASP HB2  H N N 70  
ASP HB3  H N N 71  
ASP HD2  H N N 72  
ASP HXT  H N N 73  
CYS N    N N N 74  
CYS CA   C N R 75  
CYS C    C N N 76  
CYS O    O N N 77  
CYS CB   C N N 78  
CYS SG   S N N 79  
CYS OXT  O N N 80  
CYS H    H N N 81  
CYS H2   H N N 82  
CYS HA   H N N 83  
CYS HB2  H N N 84  
CYS HB3  H N N 85  
CYS HG   H N N 86  
CYS HXT  H N N 87  
GLN N    N N N 88  
GLN CA   C N S 89  
GLN C    C N N 90  
GLN O    O N N 91  
GLN CB   C N N 92  
GLN CG   C N N 93  
GLN CD   C N N 94  
GLN OE1  O N N 95  
GLN NE2  N N N 96  
GLN OXT  O N N 97  
GLN H    H N N 98  
GLN H2   H N N 99  
GLN HA   H N N 100 
GLN HB2  H N N 101 
GLN HB3  H N N 102 
GLN HG2  H N N 103 
GLN HG3  H N N 104 
GLN HE21 H N N 105 
GLN HE22 H N N 106 
GLN HXT  H N N 107 
GLU N    N N N 108 
GLU CA   C N S 109 
GLU C    C N N 110 
GLU O    O N N 111 
GLU CB   C N N 112 
GLU CG   C N N 113 
GLU CD   C N N 114 
GLU OE1  O N N 115 
GLU OE2  O N N 116 
GLU OXT  O N N 117 
GLU H    H N N 118 
GLU H2   H N N 119 
GLU HA   H N N 120 
GLU HB2  H N N 121 
GLU HB3  H N N 122 
GLU HG2  H N N 123 
GLU HG3  H N N 124 
GLU HE2  H N N 125 
GLU HXT  H N N 126 
GLY N    N N N 127 
GLY CA   C N N 128 
GLY C    C N N 129 
GLY O    O N N 130 
GLY OXT  O N N 131 
GLY H    H N N 132 
GLY H2   H N N 133 
GLY HA2  H N N 134 
GLY HA3  H N N 135 
GLY HXT  H N N 136 
HIS N    N N N 137 
HIS CA   C N S 138 
HIS C    C N N 139 
HIS O    O N N 140 
HIS CB   C N N 141 
HIS CG   C Y N 142 
HIS ND1  N Y N 143 
HIS CD2  C Y N 144 
HIS CE1  C Y N 145 
HIS NE2  N Y N 146 
HIS OXT  O N N 147 
HIS H    H N N 148 
HIS H2   H N N 149 
HIS HA   H N N 150 
HIS HB2  H N N 151 
HIS HB3  H N N 152 
HIS HD1  H N N 153 
HIS HD2  H N N 154 
HIS HE1  H N N 155 
HIS HE2  H N N 156 
HIS HXT  H N N 157 
HOH O    O N N 158 
HOH H1   H N N 159 
HOH H2   H N N 160 
ILE N    N N N 161 
ILE CA   C N S 162 
ILE C    C N N 163 
ILE O    O N N 164 
ILE CB   C N S 165 
ILE CG1  C N N 166 
ILE CG2  C N N 167 
ILE CD1  C N N 168 
ILE OXT  O N N 169 
ILE H    H N N 170 
ILE H2   H N N 171 
ILE HA   H N N 172 
ILE HB   H N N 173 
ILE HG12 H N N 174 
ILE HG13 H N N 175 
ILE HG21 H N N 176 
ILE HG22 H N N 177 
ILE HG23 H N N 178 
ILE HD11 H N N 179 
ILE HD12 H N N 180 
ILE HD13 H N N 181 
ILE HXT  H N N 182 
LEU N    N N N 183 
LEU CA   C N S 184 
LEU C    C N N 185 
LEU O    O N N 186 
LEU CB   C N N 187 
LEU CG   C N N 188 
LEU CD1  C N N 189 
LEU CD2  C N N 190 
LEU OXT  O N N 191 
LEU H    H N N 192 
LEU H2   H N N 193 
LEU HA   H N N 194 
LEU HB2  H N N 195 
LEU HB3  H N N 196 
LEU HG   H N N 197 
LEU HD11 H N N 198 
LEU HD12 H N N 199 
LEU HD13 H N N 200 
LEU HD21 H N N 201 
LEU HD22 H N N 202 
LEU HD23 H N N 203 
LEU HXT  H N N 204 
LYS N    N N N 205 
LYS CA   C N S 206 
LYS C    C N N 207 
LYS O    O N N 208 
LYS CB   C N N 209 
LYS CG   C N N 210 
LYS CD   C N N 211 
LYS CE   C N N 212 
LYS NZ   N N N 213 
LYS OXT  O N N 214 
LYS H    H N N 215 
LYS H2   H N N 216 
LYS HA   H N N 217 
LYS HB2  H N N 218 
LYS HB3  H N N 219 
LYS HG2  H N N 220 
LYS HG3  H N N 221 
LYS HD2  H N N 222 
LYS HD3  H N N 223 
LYS HE2  H N N 224 
LYS HE3  H N N 225 
LYS HZ1  H N N 226 
LYS HZ2  H N N 227 
LYS HZ3  H N N 228 
LYS HXT  H N N 229 
MET N    N N N 230 
MET CA   C N S 231 
MET C    C N N 232 
MET O    O N N 233 
MET CB   C N N 234 
MET CG   C N N 235 
MET SD   S N N 236 
MET CE   C N N 237 
MET OXT  O N N 238 
MET H    H N N 239 
MET H2   H N N 240 
MET HA   H N N 241 
MET HB2  H N N 242 
MET HB3  H N N 243 
MET HG2  H N N 244 
MET HG3  H N N 245 
MET HE1  H N N 246 
MET HE2  H N N 247 
MET HE3  H N N 248 
MET HXT  H N N 249 
MLA C1   C N N 250 
MLA O1A  O N N 251 
MLA O1B  O N N 252 
MLA C2   C N N 253 
MLA C3   C N N 254 
MLA O3A  O N N 255 
MLA O3B  O N N 256 
MLA H1A  H N N 257 
MLA HC21 H N N 258 
MLA HC22 H N N 259 
MLA H3B  H N N 260 
PHE N    N N N 261 
PHE CA   C N S 262 
PHE C    C N N 263 
PHE O    O N N 264 
PHE CB   C N N 265 
PHE CG   C Y N 266 
PHE CD1  C Y N 267 
PHE CD2  C Y N 268 
PHE CE1  C Y N 269 
PHE CE2  C Y N 270 
PHE CZ   C Y N 271 
PHE OXT  O N N 272 
PHE H    H N N 273 
PHE H2   H N N 274 
PHE HA   H N N 275 
PHE HB2  H N N 276 
PHE HB3  H N N 277 
PHE HD1  H N N 278 
PHE HD2  H N N 279 
PHE HE1  H N N 280 
PHE HE2  H N N 281 
PHE HZ   H N N 282 
PHE HXT  H N N 283 
PRO N    N N N 284 
PRO CA   C N S 285 
PRO C    C N N 286 
PRO O    O N N 287 
PRO CB   C N N 288 
PRO CG   C N N 289 
PRO CD   C N N 290 
PRO OXT  O N N 291 
PRO H    H N N 292 
PRO HA   H N N 293 
PRO HB2  H N N 294 
PRO HB3  H N N 295 
PRO HG2  H N N 296 
PRO HG3  H N N 297 
PRO HD2  H N N 298 
PRO HD3  H N N 299 
PRO HXT  H N N 300 
SER N    N N N 301 
SER CA   C N S 302 
SER C    C N N 303 
SER O    O N N 304 
SER CB   C N N 305 
SER OG   O N N 306 
SER OXT  O N N 307 
SER H    H N N 308 
SER H2   H N N 309 
SER HA   H N N 310 
SER HB2  H N N 311 
SER HB3  H N N 312 
SER HG   H N N 313 
SER HXT  H N N 314 
THR N    N N N 315 
THR CA   C N S 316 
THR C    C N N 317 
THR O    O N N 318 
THR CB   C N R 319 
THR OG1  O N N 320 
THR CG2  C N N 321 
THR OXT  O N N 322 
THR H    H N N 323 
THR H2   H N N 324 
THR HA   H N N 325 
THR HB   H N N 326 
THR HG1  H N N 327 
THR HG21 H N N 328 
THR HG22 H N N 329 
THR HG23 H N N 330 
THR HXT  H N N 331 
TRP N    N N N 332 
TRP CA   C N S 333 
TRP C    C N N 334 
TRP O    O N N 335 
TRP CB   C N N 336 
TRP CG   C Y N 337 
TRP CD1  C Y N 338 
TRP CD2  C Y N 339 
TRP NE1  N Y N 340 
TRP CE2  C Y N 341 
TRP CE3  C Y N 342 
TRP CZ2  C Y N 343 
TRP CZ3  C Y N 344 
TRP CH2  C Y N 345 
TRP OXT  O N N 346 
TRP H    H N N 347 
TRP H2   H N N 348 
TRP HA   H N N 349 
TRP HB2  H N N 350 
TRP HB3  H N N 351 
TRP HD1  H N N 352 
TRP HE1  H N N 353 
TRP HE3  H N N 354 
TRP HZ2  H N N 355 
TRP HZ3  H N N 356 
TRP HH2  H N N 357 
TRP HXT  H N N 358 
TYR N    N N N 359 
TYR CA   C N S 360 
TYR C    C N N 361 
TYR O    O N N 362 
TYR CB   C N N 363 
TYR CG   C Y N 364 
TYR CD1  C Y N 365 
TYR CD2  C Y N 366 
TYR CE1  C Y N 367 
TYR CE2  C Y N 368 
TYR CZ   C Y N 369 
TYR OH   O N N 370 
TYR OXT  O N N 371 
TYR H    H N N 372 
TYR H2   H N N 373 
TYR HA   H N N 374 
TYR HB2  H N N 375 
TYR HB3  H N N 376 
TYR HD1  H N N 377 
TYR HD2  H N N 378 
TYR HE1  H N N 379 
TYR HE2  H N N 380 
TYR HH   H N N 381 
TYR HXT  H N N 382 
VAL N    N N N 383 
VAL CA   C N S 384 
VAL C    C N N 385 
VAL O    O N N 386 
VAL CB   C N N 387 
VAL CG1  C N N 388 
VAL CG2  C N N 389 
VAL OXT  O N N 390 
VAL H    H N N 391 
VAL H2   H N N 392 
VAL HA   H N N 393 
VAL HB   H N N 394 
VAL HG11 H N N 395 
VAL HG12 H N N 396 
VAL HG13 H N N 397 
VAL HG21 H N N 398 
VAL HG22 H N N 399 
VAL HG23 H N N 400 
VAL HXT  H N N 401 
# 
loop_
_chem_comp_bond.comp_id 
_chem_comp_bond.atom_id_1 
_chem_comp_bond.atom_id_2 
_chem_comp_bond.value_order 
_chem_comp_bond.pdbx_aromatic_flag 
_chem_comp_bond.pdbx_stereo_config 
_chem_comp_bond.pdbx_ordinal 
ALA N   CA   sing N N 1   
ALA N   H    sing N N 2   
ALA N   H2   sing N N 3   
ALA CA  C    sing N N 4   
ALA CA  CB   sing N N 5   
ALA CA  HA   sing N N 6   
ALA C   O    doub N N 7   
ALA C   OXT  sing N N 8   
ALA CB  HB1  sing N N 9   
ALA CB  HB2  sing N N 10  
ALA CB  HB3  sing N N 11  
ALA OXT HXT  sing N N 12  
ARG N   CA   sing N N 13  
ARG N   H    sing N N 14  
ARG N   H2   sing N N 15  
ARG CA  C    sing N N 16  
ARG CA  CB   sing N N 17  
ARG CA  HA   sing N N 18  
ARG C   O    doub N N 19  
ARG C   OXT  sing N N 20  
ARG CB  CG   sing N N 21  
ARG CB  HB2  sing N N 22  
ARG CB  HB3  sing N N 23  
ARG CG  CD   sing N N 24  
ARG CG  HG2  sing N N 25  
ARG CG  HG3  sing N N 26  
ARG CD  NE   sing N N 27  
ARG CD  HD2  sing N N 28  
ARG CD  HD3  sing N N 29  
ARG NE  CZ   sing N N 30  
ARG NE  HE   sing N N 31  
ARG CZ  NH1  sing N N 32  
ARG CZ  NH2  doub N N 33  
ARG NH1 HH11 sing N N 34  
ARG NH1 HH12 sing N N 35  
ARG NH2 HH21 sing N N 36  
ARG NH2 HH22 sing N N 37  
ARG OXT HXT  sing N N 38  
ASN N   CA   sing N N 39  
ASN N   H    sing N N 40  
ASN N   H2   sing N N 41  
ASN CA  C    sing N N 42  
ASN CA  CB   sing N N 43  
ASN CA  HA   sing N N 44  
ASN C   O    doub N N 45  
ASN C   OXT  sing N N 46  
ASN CB  CG   sing N N 47  
ASN CB  HB2  sing N N 48  
ASN CB  HB3  sing N N 49  
ASN CG  OD1  doub N N 50  
ASN CG  ND2  sing N N 51  
ASN ND2 HD21 sing N N 52  
ASN ND2 HD22 sing N N 53  
ASN OXT HXT  sing N N 54  
ASP N   CA   sing N N 55  
ASP N   H    sing N N 56  
ASP N   H2   sing N N 57  
ASP CA  C    sing N N 58  
ASP CA  CB   sing N N 59  
ASP CA  HA   sing N N 60  
ASP C   O    doub N N 61  
ASP C   OXT  sing N N 62  
ASP CB  CG   sing N N 63  
ASP CB  HB2  sing N N 64  
ASP CB  HB3  sing N N 65  
ASP CG  OD1  doub N N 66  
ASP CG  OD2  sing N N 67  
ASP OD2 HD2  sing N N 68  
ASP OXT HXT  sing N N 69  
CYS N   CA   sing N N 70  
CYS N   H    sing N N 71  
CYS N   H2   sing N N 72  
CYS CA  C    sing N N 73  
CYS CA  CB   sing N N 74  
CYS CA  HA   sing N N 75  
CYS C   O    doub N N 76  
CYS C   OXT  sing N N 77  
CYS CB  SG   sing N N 78  
CYS CB  HB2  sing N N 79  
CYS CB  HB3  sing N N 80  
CYS SG  HG   sing N N 81  
CYS OXT HXT  sing N N 82  
GLN N   CA   sing N N 83  
GLN N   H    sing N N 84  
GLN N   H2   sing N N 85  
GLN CA  C    sing N N 86  
GLN CA  CB   sing N N 87  
GLN CA  HA   sing N N 88  
GLN C   O    doub N N 89  
GLN C   OXT  sing N N 90  
GLN CB  CG   sing N N 91  
GLN CB  HB2  sing N N 92  
GLN CB  HB3  sing N N 93  
GLN CG  CD   sing N N 94  
GLN CG  HG2  sing N N 95  
GLN CG  HG3  sing N N 96  
GLN CD  OE1  doub N N 97  
GLN CD  NE2  sing N N 98  
GLN NE2 HE21 sing N N 99  
GLN NE2 HE22 sing N N 100 
GLN OXT HXT  sing N N 101 
GLU N   CA   sing N N 102 
GLU N   H    sing N N 103 
GLU N   H2   sing N N 104 
GLU CA  C    sing N N 105 
GLU CA  CB   sing N N 106 
GLU CA  HA   sing N N 107 
GLU C   O    doub N N 108 
GLU C   OXT  sing N N 109 
GLU CB  CG   sing N N 110 
GLU CB  HB2  sing N N 111 
GLU CB  HB3  sing N N 112 
GLU CG  CD   sing N N 113 
GLU CG  HG2  sing N N 114 
GLU CG  HG3  sing N N 115 
GLU CD  OE1  doub N N 116 
GLU CD  OE2  sing N N 117 
GLU OE2 HE2  sing N N 118 
GLU OXT HXT  sing N N 119 
GLY N   CA   sing N N 120 
GLY N   H    sing N N 121 
GLY N   H2   sing N N 122 
GLY CA  C    sing N N 123 
GLY CA  HA2  sing N N 124 
GLY CA  HA3  sing N N 125 
GLY C   O    doub N N 126 
GLY C   OXT  sing N N 127 
GLY OXT HXT  sing N N 128 
HIS N   CA   sing N N 129 
HIS N   H    sing N N 130 
HIS N   H2   sing N N 131 
HIS CA  C    sing N N 132 
HIS CA  CB   sing N N 133 
HIS CA  HA   sing N N 134 
HIS C   O    doub N N 135 
HIS C   OXT  sing N N 136 
HIS CB  CG   sing N N 137 
HIS CB  HB2  sing N N 138 
HIS CB  HB3  sing N N 139 
HIS CG  ND1  sing Y N 140 
HIS CG  CD2  doub Y N 141 
HIS ND1 CE1  doub Y N 142 
HIS ND1 HD1  sing N N 143 
HIS CD2 NE2  sing Y N 144 
HIS CD2 HD2  sing N N 145 
HIS CE1 NE2  sing Y N 146 
HIS CE1 HE1  sing N N 147 
HIS NE2 HE2  sing N N 148 
HIS OXT HXT  sing N N 149 
HOH O   H1   sing N N 150 
HOH O   H2   sing N N 151 
ILE N   CA   sing N N 152 
ILE N   H    sing N N 153 
ILE N   H2   sing N N 154 
ILE CA  C    sing N N 155 
ILE CA  CB   sing N N 156 
ILE CA  HA   sing N N 157 
ILE C   O    doub N N 158 
ILE C   OXT  sing N N 159 
ILE CB  CG1  sing N N 160 
ILE CB  CG2  sing N N 161 
ILE CB  HB   sing N N 162 
ILE CG1 CD1  sing N N 163 
ILE CG1 HG12 sing N N 164 
ILE CG1 HG13 sing N N 165 
ILE CG2 HG21 sing N N 166 
ILE CG2 HG22 sing N N 167 
ILE CG2 HG23 sing N N 168 
ILE CD1 HD11 sing N N 169 
ILE CD1 HD12 sing N N 170 
ILE CD1 HD13 sing N N 171 
ILE OXT HXT  sing N N 172 
LEU N   CA   sing N N 173 
LEU N   H    sing N N 174 
LEU N   H2   sing N N 175 
LEU CA  C    sing N N 176 
LEU CA  CB   sing N N 177 
LEU CA  HA   sing N N 178 
LEU C   O    doub N N 179 
LEU C   OXT  sing N N 180 
LEU CB  CG   sing N N 181 
LEU CB  HB2  sing N N 182 
LEU CB  HB3  sing N N 183 
LEU CG  CD1  sing N N 184 
LEU CG  CD2  sing N N 185 
LEU CG  HG   sing N N 186 
LEU CD1 HD11 sing N N 187 
LEU CD1 HD12 sing N N 188 
LEU CD1 HD13 sing N N 189 
LEU CD2 HD21 sing N N 190 
LEU CD2 HD22 sing N N 191 
LEU CD2 HD23 sing N N 192 
LEU OXT HXT  sing N N 193 
LYS N   CA   sing N N 194 
LYS N   H    sing N N 195 
LYS N   H2   sing N N 196 
LYS CA  C    sing N N 197 
LYS CA  CB   sing N N 198 
LYS CA  HA   sing N N 199 
LYS C   O    doub N N 200 
LYS C   OXT  sing N N 201 
LYS CB  CG   sing N N 202 
LYS CB  HB2  sing N N 203 
LYS CB  HB3  sing N N 204 
LYS CG  CD   sing N N 205 
LYS CG  HG2  sing N N 206 
LYS CG  HG3  sing N N 207 
LYS CD  CE   sing N N 208 
LYS CD  HD2  sing N N 209 
LYS CD  HD3  sing N N 210 
LYS CE  NZ   sing N N 211 
LYS CE  HE2  sing N N 212 
LYS CE  HE3  sing N N 213 
LYS NZ  HZ1  sing N N 214 
LYS NZ  HZ2  sing N N 215 
LYS NZ  HZ3  sing N N 216 
LYS OXT HXT  sing N N 217 
MET N   CA   sing N N 218 
MET N   H    sing N N 219 
MET N   H2   sing N N 220 
MET CA  C    sing N N 221 
MET CA  CB   sing N N 222 
MET CA  HA   sing N N 223 
MET C   O    doub N N 224 
MET C   OXT  sing N N 225 
MET CB  CG   sing N N 226 
MET CB  HB2  sing N N 227 
MET CB  HB3  sing N N 228 
MET CG  SD   sing N N 229 
MET CG  HG2  sing N N 230 
MET CG  HG3  sing N N 231 
MET SD  CE   sing N N 232 
MET CE  HE1  sing N N 233 
MET CE  HE2  sing N N 234 
MET CE  HE3  sing N N 235 
MET OXT HXT  sing N N 236 
MLA C1  O1A  sing N N 237 
MLA C1  O1B  doub N N 238 
MLA C1  C2   sing N N 239 
MLA O1A H1A  sing N N 240 
MLA C2  C3   sing N N 241 
MLA C2  HC21 sing N N 242 
MLA C2  HC22 sing N N 243 
MLA C3  O3A  doub N N 244 
MLA C3  O3B  sing N N 245 
MLA O3B H3B  sing N N 246 
PHE N   CA   sing N N 247 
PHE N   H    sing N N 248 
PHE N   H2   sing N N 249 
PHE CA  C    sing N N 250 
PHE CA  CB   sing N N 251 
PHE CA  HA   sing N N 252 
PHE C   O    doub N N 253 
PHE C   OXT  sing N N 254 
PHE CB  CG   sing N N 255 
PHE CB  HB2  sing N N 256 
PHE CB  HB3  sing N N 257 
PHE CG  CD1  doub Y N 258 
PHE CG  CD2  sing Y N 259 
PHE CD1 CE1  sing Y N 260 
PHE CD1 HD1  sing N N 261 
PHE CD2 CE2  doub Y N 262 
PHE CD2 HD2  sing N N 263 
PHE CE1 CZ   doub Y N 264 
PHE CE1 HE1  sing N N 265 
PHE CE2 CZ   sing Y N 266 
PHE CE2 HE2  sing N N 267 
PHE CZ  HZ   sing N N 268 
PHE OXT HXT  sing N N 269 
PRO N   CA   sing N N 270 
PRO N   CD   sing N N 271 
PRO N   H    sing N N 272 
PRO CA  C    sing N N 273 
PRO CA  CB   sing N N 274 
PRO CA  HA   sing N N 275 
PRO C   O    doub N N 276 
PRO C   OXT  sing N N 277 
PRO CB  CG   sing N N 278 
PRO CB  HB2  sing N N 279 
PRO CB  HB3  sing N N 280 
PRO CG  CD   sing N N 281 
PRO CG  HG2  sing N N 282 
PRO CG  HG3  sing N N 283 
PRO CD  HD2  sing N N 284 
PRO CD  HD3  sing N N 285 
PRO OXT HXT  sing N N 286 
SER N   CA   sing N N 287 
SER N   H    sing N N 288 
SER N   H2   sing N N 289 
SER CA  C    sing N N 290 
SER CA  CB   sing N N 291 
SER CA  HA   sing N N 292 
SER C   O    doub N N 293 
SER C   OXT  sing N N 294 
SER CB  OG   sing N N 295 
SER CB  HB2  sing N N 296 
SER CB  HB3  sing N N 297 
SER OG  HG   sing N N 298 
SER OXT HXT  sing N N 299 
THR N   CA   sing N N 300 
THR N   H    sing N N 301 
THR N   H2   sing N N 302 
THR CA  C    sing N N 303 
THR CA  CB   sing N N 304 
THR CA  HA   sing N N 305 
THR C   O    doub N N 306 
THR C   OXT  sing N N 307 
THR CB  OG1  sing N N 308 
THR CB  CG2  sing N N 309 
THR CB  HB   sing N N 310 
THR OG1 HG1  sing N N 311 
THR CG2 HG21 sing N N 312 
THR CG2 HG22 sing N N 313 
THR CG2 HG23 sing N N 314 
THR OXT HXT  sing N N 315 
TRP N   CA   sing N N 316 
TRP N   H    sing N N 317 
TRP N   H2   sing N N 318 
TRP CA  C    sing N N 319 
TRP CA  CB   sing N N 320 
TRP CA  HA   sing N N 321 
TRP C   O    doub N N 322 
TRP C   OXT  sing N N 323 
TRP CB  CG   sing N N 324 
TRP CB  HB2  sing N N 325 
TRP CB  HB3  sing N N 326 
TRP CG  CD1  doub Y N 327 
TRP CG  CD2  sing Y N 328 
TRP CD1 NE1  sing Y N 329 
TRP CD1 HD1  sing N N 330 
TRP CD2 CE2  doub Y N 331 
TRP CD2 CE3  sing Y N 332 
TRP NE1 CE2  sing Y N 333 
TRP NE1 HE1  sing N N 334 
TRP CE2 CZ2  sing Y N 335 
TRP CE3 CZ3  doub Y N 336 
TRP CE3 HE3  sing N N 337 
TRP CZ2 CH2  doub Y N 338 
TRP CZ2 HZ2  sing N N 339 
TRP CZ3 CH2  sing Y N 340 
TRP CZ3 HZ3  sing N N 341 
TRP CH2 HH2  sing N N 342 
TRP OXT HXT  sing N N 343 
TYR N   CA   sing N N 344 
TYR N   H    sing N N 345 
TYR N   H2   sing N N 346 
TYR CA  C    sing N N 347 
TYR CA  CB   sing N N 348 
TYR CA  HA   sing N N 349 
TYR C   O    doub N N 350 
TYR C   OXT  sing N N 351 
TYR CB  CG   sing N N 352 
TYR CB  HB2  sing N N 353 
TYR CB  HB3  sing N N 354 
TYR CG  CD1  doub Y N 355 
TYR CG  CD2  sing Y N 356 
TYR CD1 CE1  sing Y N 357 
TYR CD1 HD1  sing N N 358 
TYR CD2 CE2  doub Y N 359 
TYR CD2 HD2  sing N N 360 
TYR CE1 CZ   doub Y N 361 
TYR CE1 HE1  sing N N 362 
TYR CE2 CZ   sing Y N 363 
TYR CE2 HE2  sing N N 364 
TYR CZ  OH   sing N N 365 
TYR OH  HH   sing N N 366 
TYR OXT HXT  sing N N 367 
VAL N   CA   sing N N 368 
VAL N   H    sing N N 369 
VAL N   H2   sing N N 370 
VAL CA  C    sing N N 371 
VAL CA  CB   sing N N 372 
VAL CA  HA   sing N N 373 
VAL C   O    doub N N 374 
VAL C   OXT  sing N N 375 
VAL CB  CG1  sing N N 376 
VAL CB  CG2  sing N N 377 
VAL CB  HB   sing N N 378 
VAL CG1 HG11 sing N N 379 
VAL CG1 HG12 sing N N 380 
VAL CG1 HG13 sing N N 381 
VAL CG2 HG21 sing N N 382 
VAL CG2 HG22 sing N N 383 
VAL CG2 HG23 sing N N 384 
VAL OXT HXT  sing N N 385 
# 
_atom_sites.entry_id                    2APF 
_atom_sites.fract_transf_matrix[1][1]   -0.02972217 
_atom_sites.fract_transf_matrix[1][2]   0.00469200 
_atom_sites.fract_transf_matrix[1][3]   0.00977125 
_atom_sites.fract_transf_matrix[2][1]   -0.00420394 
_atom_sites.fract_transf_matrix[2][2]   -0.00016867 
_atom_sites.fract_transf_matrix[2][3]   -0.01270656 
_atom_sites.fract_transf_matrix[3][1]   -0.00120279 
_atom_sites.fract_transf_matrix[3][2]   -0.00868813 
_atom_sites.fract_transf_matrix[3][3]   0.00051327 
_atom_sites.fract_transf_vector[1]      -0.012010 
_atom_sites.fract_transf_vector[2]      0.420135 
_atom_sites.fract_transf_vector[3]      0.869454 
# 
loop_
_atom_type.symbol 
C 
N 
O 
S 
# 
loop_
_atom_site.group_PDB 
_atom_site.id 
_atom_site.type_symbol 
_atom_site.label_atom_id 
_atom_site.label_alt_id 
_atom_site.label_comp_id 
_atom_site.label_asym_id 
_atom_site.label_entity_id 
_atom_site.label_seq_id 
_atom_site.pdbx_PDB_ins_code 
_atom_site.Cartn_x 
_atom_site.Cartn_y 
_atom_site.Cartn_z 
_atom_site.occupancy 
_atom_site.B_iso_or_equiv 
_atom_site.pdbx_formal_charge 
_atom_site.auth_seq_id 
_atom_site.auth_comp_id 
_atom_site.auth_asym_id 
_atom_site.auth_atom_id 
_atom_site.pdbx_PDB_model_num 
ATOM   1    N N   . ILE A 1 1   ? 14.511  6.724   -3.650  1.00 48.74 ? -1  ILE A N   1 
ATOM   2    C CA  . ILE A 1 1   ? 14.970  8.022   -3.053  1.00 48.55 ? -1  ILE A CA  1 
ATOM   3    C C   . ILE A 1 1   ? 16.412  7.948   -2.535  1.00 48.25 ? -1  ILE A C   1 
ATOM   4    O O   . ILE A 1 1   ? 17.028  6.878   -2.520  1.00 48.16 ? -1  ILE A O   1 
ATOM   5    C CB  . ILE A 1 1   ? 13.978  8.549   -1.951  1.00 48.40 ? -1  ILE A CB  1 
ATOM   6    C CG1 . ILE A 1 1   ? 14.008  10.077  -1.853  1.00 49.08 ? -1  ILE A CG1 1 
ATOM   7    C CG2 . ILE A 1 1   ? 14.235  7.905   -0.594  1.00 48.45 ? -1  ILE A CG2 1 
ATOM   8    C CD1 . ILE A 1 1   ? 12.918  10.655  -0.952  1.00 48.78 ? -1  ILE A CD1 1 
ATOM   9    N N   . LEU A 1 2   ? 16.942  9.098   -2.118  1.00 48.43 ? 0   LEU A N   1 
ATOM   10   C CA  . LEU A 1 2   ? 18.297  9.165   -1.582  1.00 48.10 ? 0   LEU A CA  1 
ATOM   11   C C   . LEU A 1 2   ? 18.377  8.841   -0.089  1.00 47.12 ? 0   LEU A C   1 
ATOM   12   O O   . LEU A 1 2   ? 19.474  8.569   0.427   1.00 47.25 ? 0   LEU A O   1 
ATOM   13   C CB  . LEU A 1 2   ? 19.015  10.500  -1.914  1.00 48.99 ? 0   LEU A CB  1 
ATOM   14   C CG  . LEU A 1 2   ? 18.438  11.918  -2.110  1.00 50.80 ? 0   LEU A CG  1 
ATOM   15   C CD1 . LEU A 1 2   ? 19.536  12.969  -1.911  1.00 52.32 ? 0   LEU A CD1 1 
ATOM   16   C CD2 . LEU A 1 2   ? 17.797  12.111  -3.482  1.00 52.00 ? 0   LEU A CD2 1 
ATOM   17   N N   . GLU A 1 3   ? 17.224  8.825   0.582   1.00 45.76 ? 1   GLU A N   1 
ATOM   18   C CA  . GLU A 1 3   ? 17.186  8.787   2.049   1.00 44.54 ? 1   GLU A CA  1 
ATOM   19   C C   . GLU A 1 3   ? 16.451  7.603   2.686   1.00 42.32 ? 1   GLU A C   1 
ATOM   20   O O   . GLU A 1 3   ? 16.808  7.174   3.777   1.00 41.94 ? 1   GLU A O   1 
ATOM   21   C CB  . GLU A 1 3   ? 16.597  10.084  2.610   1.00 45.30 ? 1   GLU A CB  1 
ATOM   22   C CG  . GLU A 1 3   ? 17.333  11.356  2.202   1.00 49.42 ? 1   GLU A CG  1 
ATOM   23   C CD  . GLU A 1 3   ? 16.694  12.061  0.996   1.00 53.97 ? 1   GLU A CD  1 
ATOM   24   O OE1 . GLU A 1 3   ? 16.851  13.303  0.894   1.00 56.13 ? 1   GLU A OE1 1 
ATOM   25   O OE2 . GLU A 1 3   ? 16.035  11.386  0.159   1.00 56.08 ? 1   GLU A OE2 1 
ATOM   26   N N   . ALA A 1 4   ? 15.428  7.078   2.024   1.00 39.33 ? 2   ALA A N   1 
ATOM   27   C CA  . ALA A 1 4   ? 14.607  6.062   2.681   1.00 36.27 ? 2   ALA A CA  1 
ATOM   28   C C   . ALA A 1 4   ? 14.595  4.754   1.935   1.00 34.15 ? 2   ALA A C   1 
ATOM   29   O O   . ALA A 1 4   ? 14.633  4.718   0.695   1.00 32.84 ? 2   ALA A O   1 
ATOM   30   C CB  . ALA A 1 4   ? 13.183  6.574   2.903   1.00 36.49 ? 2   ALA A CB  1 
ATOM   31   N N   . ALA A 1 5   ? 14.530  3.680   2.721   1.00 31.96 ? 3   ALA A N   1 
ATOM   32   C CA  . ALA A 1 5   ? 14.489  2.333   2.198   1.00 30.63 ? 3   ALA A CA  1 
ATOM   33   C C   . ALA A 1 5   ? 13.148  2.056   1.559   1.00 29.19 ? 3   ALA A C   1 
ATOM   34   O O   . ALA A 1 5   ? 13.049  1.175   0.721   1.00 28.51 ? 3   ALA A O   1 
ATOM   35   C CB  . ALA A 1 5   ? 14.763  1.314   3.313   1.00 30.27 ? 3   ALA A CB  1 
ATOM   36   N N   . VAL A 1 6   ? 12.115  2.786   1.972   1.00 26.95 ? 4   VAL A N   1 
ATOM   37   C CA  . VAL A 1 6   ? 10.777  2.533   1.446   1.00 26.38 ? 4   VAL A CA  1 
ATOM   38   C C   . VAL A 1 6   ? 10.218  3.795   0.825   1.00 26.39 ? 4   VAL A C   1 
ATOM   39   O O   . VAL A 1 6   ? 10.129  4.825   1.493   1.00 25.22 ? 4   VAL A O   1 
ATOM   40   C CB  . VAL A 1 6   ? 9.802   2.007   2.532   1.00 26.87 ? 4   VAL A CB  1 
ATOM   41   C CG1 . VAL A 1 6   ? 8.441   1.785   1.934   1.00 27.20 ? 4   VAL A CG1 1 
ATOM   42   C CG2 . VAL A 1 6   ? 10.329  0.719   3.113   1.00 28.48 ? 4   VAL A CG2 1 
ATOM   43   N N   . THR A 1 7   ? 9.856   3.705   -0.449  1.00 27.03 ? 5   THR A N   1 
ATOM   44   C CA  . THR A 1 7   ? 9.278   4.830   -1.196  1.00 29.79 ? 5   THR A CA  1 
ATOM   45   C C   . THR A 1 7   ? 7.878   4.497   -1.703  1.00 29.08 ? 5   THR A C   1 
ATOM   46   O O   . THR A 1 7   ? 7.689   3.472   -2.353  1.00 29.25 ? 5   THR A O   1 
ATOM   47   C CB  . THR A 1 7   ? 10.193  5.205   -2.380  1.00 29.56 ? 5   THR A CB  1 
ATOM   48   O OG1 . THR A 1 7   ? 11.384  5.793   -1.845  1.00 34.41 ? 5   THR A OG1 1 
ATOM   49   C CG2 . THR A 1 7   ? 9.545   6.233   -3.298  1.00 34.31 ? 5   THR A CG2 1 
ATOM   50   N N   . GLN A 1 8   ? 6.916   5.370   -1.388  1.00 28.71 ? 6   GLN A N   1 
ATOM   51   C CA  . GLN A 1 8   ? 5.557   5.265   -1.896  1.00 29.17 ? 6   GLN A CA  1 
ATOM   52   C C   . GLN A 1 8   ? 5.288   6.266   -3.013  1.00 29.60 ? 6   GLN A C   1 
ATOM   53   O O   . GLN A 1 8   ? 5.697   7.416   -2.924  1.00 28.58 ? 6   GLN A O   1 
ATOM   54   C CB  . GLN A 1 8   ? 4.573   5.579   -0.775  1.00 29.71 ? 6   GLN A CB  1 
ATOM   55   C CG  . GLN A 1 8   ? 4.155   4.448   0.033   1.00 28.69 ? 6   GLN A CG  1 
ATOM   56   C CD  . GLN A 1 8   ? 3.234   4.872   1.167   1.00 29.49 ? 6   GLN A CD  1 
ATOM   57   O OE1 . GLN A 1 8   ? 3.559   4.697   2.352   1.00 24.28 ? 6   GLN A OE1 1 
ATOM   58   N NE2 . GLN A 1 8   ? 2.094   5.459   0.815   1.00 27.26 ? 6   GLN A NE2 1 
ATOM   59   N N   . SER A 1 9   ? 4.572   5.840   -4.051  1.00 30.41 ? 7   SER A N   1 
ATOM   60   C CA  . SER A 1 9   ? 4.184   6.756   -5.129  1.00 32.20 ? 7   SER A CA  1 
ATOM   61   C C   . SER A 1 9   ? 2.849   6.389   -5.776  1.00 31.33 ? 7   SER A C   1 
ATOM   62   O O   . SER A 1 9   ? 2.561   5.204   -5.969  1.00 31.53 ? 7   SER A O   1 
ATOM   63   C CB  . SER A 1 9   ? 5.263   6.826   -6.204  1.00 32.39 ? 7   SER A CB  1 
ATOM   64   O OG  . SER A 1 9   ? 5.631   5.518   -6.583  1.00 37.02 ? 7   SER A OG  1 
ATOM   65   N N   . PRO A 1 10  ? 2.029   7.412   -6.107  1.00 30.90 ? 8   PRO A N   1 
ATOM   66   C CA  . PRO A 1 10  ? 2.380   8.813   -5.877  1.00 30.18 ? 8   PRO A CA  1 
ATOM   67   C C   . PRO A 1 10  ? 2.219   9.157   -4.398  1.00 29.54 ? 8   PRO A C   1 
ATOM   68   O O   . PRO A 1 10  ? 1.695   8.346   -3.643  1.00 29.95 ? 8   PRO A O   1 
ATOM   69   C CB  . PRO A 1 10  ? 1.340   9.589   -6.698  1.00 30.00 ? 8   PRO A CB  1 
ATOM   70   C CG  . PRO A 1 10  ? 0.368   8.607   -7.232  1.00 30.26 ? 8   PRO A CG  1 
ATOM   71   C CD  . PRO A 1 10  ? 0.673   7.252   -6.663  1.00 30.40 ? 8   PRO A CD  1 
ATOM   72   N N   . ARG A 1 11  ? 2.632   10.352  -3.994  1.00 28.83 ? 9   ARG A N   1 
ATOM   73   C CA  . ARG A 1 11  ? 2.383   10.823  -2.633  1.00 29.16 ? 9   ARG A CA  1 
ATOM   74   C C   . ARG A 1 11  ? 0.938   11.345  -2.482  1.00 28.66 ? 9   ARG A C   1 
ATOM   75   O O   . ARG A 1 11  ? 0.374   11.365  -1.377  1.00 28.71 ? 9   ARG A O   1 
ATOM   76   C CB  . ARG A 1 11  ? 3.402   11.893  -2.226  1.00 30.65 ? 9   ARG A CB  1 
ATOM   77   C CG  . ARG A 1 11  ? 4.857   11.392  -2.022  1.00 32.37 ? 9   ARG A CG  1 
ATOM   78   C CD  . ARG A 1 11  ? 5.036   10.347  -0.862  1.00 38.50 ? 9   ARG A CD  1 
ATOM   79   N NE  . ARG A 1 11  ? 4.444   10.819  0.392   1.00 41.92 ? 9   ARG A NE  1 
ATOM   80   C CZ  . ARG A 1 11  ? 4.898   11.835  1.133   1.00 45.41 ? 9   ARG A CZ  1 
ATOM   81   N NH1 . ARG A 1 11  ? 5.991   12.518  0.776   1.00 44.78 ? 9   ARG A NH1 1 
ATOM   82   N NH2 . ARG A 1 11  ? 4.248   12.181  2.246   1.00 45.50 ? 9   ARG A NH2 1 
ATOM   83   N N   . ASN A 1 12  ? 0.357   11.755  -3.612  1.00 27.54 ? 10  ASN A N   1 
ATOM   84   C CA  . ASN A 1 12  ? -1.035  12.188  -3.696  1.00 27.00 ? 10  ASN A CA  1 
ATOM   85   C C   . ASN A 1 12  ? -1.732  11.579  -4.883  1.00 26.41 ? 10  ASN A C   1 
ATOM   86   O O   . ASN A 1 12  ? -1.112  11.316  -5.918  1.00 25.81 ? 10  ASN A O   1 
ATOM   87   C CB  . ASN A 1 12  ? -1.159  13.695  -3.873  1.00 26.97 ? 10  ASN A CB  1 
ATOM   88   C CG  . ASN A 1 12  ? -0.578  14.458  -2.751  1.00 26.57 ? 10  ASN A CG  1 
ATOM   89   O OD1 . ASN A 1 12  ? -1.295  14.884  -1.840  1.00 24.96 ? 10  ASN A OD1 1 
ATOM   90   N ND2 . ASN A 1 12  ? 0.743   14.671  -2.801  1.00 26.15 ? 10  ASN A ND2 1 
ATOM   91   N N   . LYS A 1 13  ? -3.042  11.371  -4.741  1.00 25.84 ? 11  LYS A N   1 
ATOM   92   C CA  . LYS A 1 13  ? -3.833  10.829  -5.826  1.00 25.86 ? 11  LYS A CA  1 
ATOM   93   C C   . LYS A 1 13  ? -5.287  11.336  -5.739  1.00 25.72 ? 11  LYS A C   1 
ATOM   94   O O   . LYS A 1 13  ? -5.931  11.207  -4.705  1.00 24.37 ? 11  LYS A O   1 
ATOM   95   C CB  . LYS A 1 13  ? -3.793  9.309   -5.794  1.00 26.98 ? 11  LYS A CB  1 
ATOM   96   C CG  . LYS A 1 13  ? -4.523  8.634   -6.933  1.00 26.24 ? 11  LYS A CG  1 
ATOM   97   C CD  . LYS A 1 13  ? -3.951  9.009   -8.294  1.00 30.77 ? 11  LYS A CD  1 
ATOM   98   C CE  . LYS A 1 13  ? -4.985  8.691   -9.362  1.00 31.44 ? 11  LYS A CE  1 
ATOM   99   N NZ  . LYS A 1 13  ? -4.412  8.265   -10.659 1.00 35.10 ? 11  LYS A NZ  1 
ATOM   100  N N   . VAL A 1 14  ? -5.757  11.903  -6.846  1.00 25.61 ? 12  VAL A N   1 
ATOM   101  C CA  . VAL A 1 14  ? -7.169  12.268  -7.001  1.00 26.21 ? 12  VAL A CA  1 
ATOM   102  C C   . VAL A 1 14  ? -7.797  11.371  -8.083  1.00 25.32 ? 12  VAL A C   1 
ATOM   103  O O   . VAL A 1 14  ? -7.328  11.320  -9.235  1.00 25.89 ? 12  VAL A O   1 
ATOM   104  C CB  . VAL A 1 14  ? -7.358  13.758  -7.382  1.00 25.29 ? 12  VAL A CB  1 
ATOM   105  C CG1 . VAL A 1 14  ? -8.865  14.114  -7.363  1.00 26.93 ? 12  VAL A CG1 1 
ATOM   106  C CG2 . VAL A 1 14  ? -6.588  14.662  -6.451  1.00 26.52 ? 12  VAL A CG2 1 
ATOM   107  N N   . ALA A 1 15  ? -8.844  10.645  -7.685  1.00 25.47 ? 13  ALA A N   1 
ATOM   108  C CA  . ALA A 1 15  ? -9.556  9.756   -8.571  1.00 26.13 ? 13  ALA A CA  1 
ATOM   109  C C   . ALA A 1 15  ? -11.017 10.185  -8.694  1.00 26.52 ? 13  ALA A C   1 
ATOM   110  O O   . ALA A 1 15  ? -11.574 10.818  -7.802  1.00 26.50 ? 13  ALA A O   1 
ATOM   111  C CB  . ALA A 1 15  ? -9.468  8.325   -8.046  1.00 26.51 ? 13  ALA A CB  1 
ATOM   112  N N   . VAL A 1 16  ? -11.626 9.867   -9.827  1.00 26.99 ? 14  VAL A N   1 
ATOM   113  C CA  . VAL A 1 16  ? -13.071 10.012  -9.975  1.00 28.13 ? 14  VAL A CA  1 
ATOM   114  C C   . VAL A 1 16  ? -13.634 8.618   -9.717  1.00 28.12 ? 14  VAL A C   1 
ATOM   115  O O   . VAL A 1 16  ? -13.042 7.634   -10.172 1.00 28.75 ? 14  VAL A O   1 
ATOM   116  C CB  . VAL A 1 16  ? -13.433 10.543  -11.400 1.00 27.56 ? 14  VAL A CB  1 
ATOM   117  C CG1 . VAL A 1 16  ? -14.937 10.428  -11.694 1.00 29.49 ? 14  VAL A CG1 1 
ATOM   118  C CG2 . VAL A 1 16  ? -12.981 11.987  -11.547 1.00 27.40 ? 14  VAL A CG2 1 
ATOM   119  N N   . THR A 1 17  ? -14.729 8.525   -8.962  1.00 28.33 ? 15  THR A N   1 
ATOM   120  C CA  . THR A 1 17  ? -15.412 7.242   -8.721  1.00 28.18 ? 15  THR A CA  1 
ATOM   121  C C   . THR A 1 17  ? -15.396 6.394   -9.993  1.00 29.01 ? 15  THR A C   1 
ATOM   122  O O   . THR A 1 17  ? -15.731 6.877   -11.082 1.00 28.80 ? 15  THR A O   1 
ATOM   123  C CB  . THR A 1 17  ? -16.882 7.448   -8.209  1.00 28.81 ? 15  THR A CB  1 
ATOM   124  O OG1 . THR A 1 17  ? -16.855 8.053   -6.915  1.00 26.60 ? 15  THR A OG1 1 
ATOM   125  C CG2 . THR A 1 17  ? -17.645 6.117   -8.078  1.00 26.92 ? 15  THR A CG2 1 
ATOM   126  N N   . GLY A 1 18  ? -14.990 5.141   -9.862  1.00 28.51 ? 16  GLY A N   1 
ATOM   127  C CA  . GLY A 1 18  ? -14.956 4.267   -11.011 1.00 29.39 ? 16  GLY A CA  1 
ATOM   128  C C   . GLY A 1 18  ? -13.618 4.135   -11.710 1.00 29.28 ? 16  GLY A C   1 
ATOM   129  O O   . GLY A 1 18  ? -13.414 3.194   -12.478 1.00 30.04 ? 16  GLY A O   1 
ATOM   130  N N   . GLU A 1 19  ? -12.707 5.071   -11.477 1.00 29.06 ? 17  GLU A N   1 
ATOM   131  C CA  . GLU A 1 19  ? -11.368 4.940   -12.042 1.00 28.59 ? 17  GLU A CA  1 
ATOM   132  C C   . GLU A 1 19  ? -10.545 3.857   -11.335 1.00 27.76 ? 17  GLU A C   1 
ATOM   133  O O   . GLU A 1 19  ? -10.662 3.651   -10.132 1.00 28.49 ? 17  GLU A O   1 
ATOM   134  C CB  . GLU A 1 19  ? -10.603 6.261   -11.965 1.00 28.88 ? 17  GLU A CB  1 
ATOM   135  C CG  . GLU A 1 19  ? -11.015 7.280   -13.007 1.00 31.05 ? 17  GLU A CG  1 
ATOM   136  C CD  . GLU A 1 19  ? -10.277 8.596   -12.841 1.00 33.88 ? 17  GLU A CD  1 
ATOM   137  O OE1 . GLU A 1 19  ? -9.698  8.819   -11.750 1.00 33.48 ? 17  GLU A OE1 1 
ATOM   138  O OE2 . GLU A 1 19  ? -10.307 9.415   -13.802 1.00 36.62 ? 17  GLU A OE2 1 
ATOM   139  N N   . LYS A 1 20  ? -9.687  3.194   -12.088 1.00 27.35 ? 18  LYS A N   1 
ATOM   140  C CA  . LYS A 1 20  ? -8.685  2.296   -11.513 1.00 27.58 ? 18  LYS A CA  1 
ATOM   141  C C   . LYS A 1 20  ? -7.528  3.098   -10.906 1.00 27.26 ? 18  LYS A C   1 
ATOM   142  O O   . LYS A 1 20  ? -7.025  4.040   -11.531 1.00 28.02 ? 18  LYS A O   1 
ATOM   143  C CB  . LYS A 1 20  ? -8.149  1.357   -12.594 1.00 27.63 ? 18  LYS A CB  1 
ATOM   144  C CG  . LYS A 1 20  ? -7.175  0.305   -12.034 1.00 28.48 ? 18  LYS A CG  1 
ATOM   145  C CD  . LYS A 1 20  ? -6.471  -0.428  -13.166 1.00 31.94 ? 18  LYS A CD  1 
ATOM   146  C CE  . LYS A 1 20  ? -5.712  -1.637  -12.637 1.00 34.80 ? 18  LYS A CE  1 
ATOM   147  N NZ  . LYS A 1 20  ? -4.937  -2.329  -13.714 1.00 35.64 ? 18  LYS A NZ  1 
ATOM   148  N N   . VAL A 1 21  ? -7.118  2.754   -9.681  1.00 26.13 ? 19  VAL A N   1 
ATOM   149  C CA  . VAL A 1 21  ? -5.999  3.413   -9.038  1.00 25.06 ? 19  VAL A CA  1 
ATOM   150  C C   . VAL A 1 21  ? -4.978  2.349   -8.603  1.00 24.81 ? 19  VAL A C   1 
ATOM   151  O O   . VAL A 1 21  ? -5.340  1.313   -8.037  1.00 24.01 ? 19  VAL A O   1 
ATOM   152  C CB  . VAL A 1 21  ? -6.441  4.250   -7.798  1.00 25.35 ? 19  VAL A CB  1 
ATOM   153  C CG1 . VAL A 1 21  ? -5.225  4.793   -7.014  1.00 26.50 ? 19  VAL A CG1 1 
ATOM   154  C CG2 . VAL A 1 21  ? -7.367  5.377   -8.202  1.00 25.01 ? 19  VAL A CG2 1 
ATOM   155  N N   . THR A 1 22  ? -3.712  2.598   -8.911  1.00 24.18 ? 20  THR A N   1 
ATOM   156  C CA  . THR A 1 22  ? -2.641  1.735   -8.446  1.00 24.69 ? 20  THR A CA  1 
ATOM   157  C C   . THR A 1 22  ? -1.662  2.563   -7.615  1.00 25.45 ? 20  THR A C   1 
ATOM   158  O O   . THR A 1 22  ? -1.199  3.587   -8.096  1.00 25.97 ? 20  THR A O   1 
ATOM   159  C CB  . THR A 1 22  ? -1.895  1.084   -9.606  1.00 25.06 ? 20  THR A CB  1 
ATOM   160  O OG1 . THR A 1 22  ? -2.834  0.388   -10.443 1.00 25.29 ? 20  THR A OG1 1 
ATOM   161  C CG2 . THR A 1 22  ? -0.799  0.102   -9.085  1.00 24.43 ? 20  THR A CG2 1 
ATOM   162  N N   . LEU A 1 23  ? -1.364  2.120   -6.383  1.00 24.60 ? 21  LEU A N   1 
ATOM   163  C CA  . LEU A 1 23  ? -0.343  2.749   -5.556  1.00 24.91 ? 21  LEU A CA  1 
ATOM   164  C C   . LEU A 1 23  ? 0.898   1.850   -5.491  1.00 24.91 ? 21  LEU A C   1 
ATOM   165  O O   . LEU A 1 23  ? 0.798   0.636   -5.302  1.00 24.20 ? 21  LEU A O   1 
ATOM   166  C CB  . LEU A 1 23  ? -0.825  3.035   -4.147  1.00 25.02 ? 21  LEU A CB  1 
ATOM   167  C CG  . LEU A 1 23  ? -2.153  3.760   -3.891  1.00 25.39 ? 21  LEU A CG  1 
ATOM   168  C CD1 . LEU A 1 23  ? -2.366  4.008   -2.404  1.00 26.17 ? 21  LEU A CD1 1 
ATOM   169  C CD2 . LEU A 1 23  ? -2.212  5.089   -4.665  1.00 26.02 ? 21  LEU A CD2 1 
ATOM   170  N N   . SER A 1 24  ? 2.058   2.474   -5.619  1.00 25.47 ? 22  SER A N   1 
ATOM   171  C CA  . SER A 1 24  ? 3.332   1.766   -5.631  1.00 25.51 ? 22  SER A CA  1 
ATOM   172  C C   . SER A 1 24  ? 4.037   1.822   -4.276  1.00 24.47 ? 22  SER A C   1 
ATOM   173  O O   . SER A 1 24  ? 4.155   2.896   -3.699  1.00 24.24 ? 22  SER A O   1 
ATOM   174  C CB  . SER A 1 24  ? 4.238   2.372   -6.708  1.00 25.94 ? 22  SER A CB  1 
ATOM   175  O OG  . SER A 1 24  ? 5.601   1.998   -6.491  1.00 28.58 ? 22  SER A OG  1 
ATOM   176  N N   . CYS A 1 25  ? 4.505   0.666   -3.782  1.00 24.28 ? 23  CYS A N   1 
ATOM   177  C CA  . CYS A 1 25  ? 5.448   0.595   -2.657  1.00 23.43 ? 23  CYS A CA  1 
ATOM   178  C C   . CYS A 1 25  ? 6.773   -0.045  -3.116  1.00 22.35 ? 23  CYS A C   1 
ATOM   179  O O   . CYS A 1 25  ? 6.796   -1.176  -3.571  1.00 20.95 ? 23  CYS A O   1 
ATOM   180  C CB  . CYS A 1 25  ? 4.867   -0.226  -1.498  1.00 23.55 ? 23  CYS A CB  1 
ATOM   181  S SG  . CYS A 1 25  ? 5.820   -0.159  0.067   1.00 26.34 ? 23  CYS A SG  1 
ATOM   182  N N   . GLN A 1 26  ? 7.855   0.714   -3.026  1.00 22.73 ? 24  GLN A N   1 
ATOM   183  C CA  . GLN A 1 26  ? 9.157   0.227   -3.467  1.00 23.20 ? 24  GLN A CA  1 
ATOM   184  C C   . GLN A 1 26  ? 10.142  0.236   -2.295  1.00 22.61 ? 24  GLN A C   1 
ATOM   185  O O   . GLN A 1 26  ? 10.349  1.274   -1.661  1.00 23.33 ? 24  GLN A O   1 
ATOM   186  C CB  . GLN A 1 26  ? 9.685   1.098   -4.612  1.00 22.99 ? 24  GLN A CB  1 
ATOM   187  C CG  . GLN A 1 26  ? 11.024  0.606   -5.102  1.00 23.89 ? 24  GLN A CG  1 
ATOM   188  C CD  . GLN A 1 26  ? 11.614  1.479   -6.161  1.00 24.90 ? 24  GLN A CD  1 
ATOM   189  O OE1 . GLN A 1 26  ? 12.476  2.324   -5.893  1.00 31.20 ? 24  GLN A OE1 1 
ATOM   190  N NE2 . GLN A 1 26  ? 11.140  1.313   -7.370  1.00 22.74 ? 24  GLN A NE2 1 
ATOM   191  N N   . GLN A 1 27  ? 10.750  -0.912  -1.999  1.00 22.69 ? 25  GLN A N   1 
ATOM   192  C CA  . GLN A 1 27  ? 11.818  -0.967  -1.010  1.00 23.38 ? 25  GLN A CA  1 
ATOM   193  C C   . GLN A 1 27  ? 13.059  -1.575  -1.630  1.00 23.91 ? 25  GLN A C   1 
ATOM   194  O O   . GLN A 1 27  ? 12.971  -2.492  -2.456  1.00 23.57 ? 25  GLN A O   1 
ATOM   195  C CB  . GLN A 1 27  ? 11.398  -1.739  0.270   1.00 22.79 ? 25  GLN A CB  1 
ATOM   196  C CG  . GLN A 1 27  ? 10.807  -3.150  0.028   1.00 23.03 ? 25  GLN A CG  1 
ATOM   197  C CD  . GLN A 1 27  ? 11.878  -4.232  -0.035  1.00 25.04 ? 25  GLN A CD  1 
ATOM   198  O OE1 . GLN A 1 27  ? 13.003  -4.028  0.445   1.00 20.67 ? 25  GLN A OE1 1 
ATOM   199  N NE2 . GLN A 1 27  ? 11.531  -5.390  -0.600  1.00 25.91 ? 25  GLN A NE2 1 
ATOM   200  N N   . THR A 1 28  ? 14.204  -1.023  -1.251  1.00 25.36 ? 26  THR A N   1 
ATOM   201  C CA  . THR A 1 28  ? 15.475  -1.429  -1.845  1.00 26.56 ? 26  THR A CA  1 
ATOM   202  C C   . THR A 1 28  ? 16.339  -2.248  -0.885  1.00 26.06 ? 26  THR A C   1 
ATOM   203  O O   . THR A 1 28  ? 17.537  -2.469  -1.150  1.00 25.83 ? 26  THR A O   1 
ATOM   204  C CB  . THR A 1 28  ? 16.258  -0.182  -2.369  1.00 26.99 ? 26  THR A CB  1 
ATOM   205  O OG1 . THR A 1 28  ? 16.109  0.912   -1.444  1.00 28.95 ? 26  THR A OG1 1 
ATOM   206  C CG2 . THR A 1 28  ? 15.733  0.245   -3.733  1.00 29.02 ? 26  THR A CG2 1 
ATOM   207  N N   . ASN A 1 29  ? 15.735  -2.721  0.213   1.00 26.09 ? 27  ASN A N   1 
ATOM   208  C CA  . ASN A 1 29  ? 16.476  -3.390  1.314   1.00 25.12 ? 27  ASN A CA  1 
ATOM   209  C C   . ASN A 1 29  ? 16.410  -4.938  1.334   1.00 24.72 ? 27  ASN A C   1 
ATOM   210  O O   . ASN A 1 29  ? 16.775  -5.595  2.311   1.00 24.17 ? 27  ASN A O   1 
ATOM   211  C CB  . ASN A 1 29  ? 16.080  -2.783  2.671   1.00 26.02 ? 27  ASN A CB  1 
ATOM   212  C CG  . ASN A 1 29  ? 16.942  -1.558  3.058   1.00 27.02 ? 27  ASN A CG  1 
ATOM   213  O OD1 . ASN A 1 29  ? 17.396  -0.799  2.189   1.00 30.16 ? 27  ASN A OD1 1 
ATOM   214  N ND2 . ASN A 1 29  ? 17.151  -1.358  4.370   1.00 28.62 ? 27  ASN A ND2 1 
ATOM   215  N N   . ASN A 1 30  ? 15.950  -5.500  0.223   1.00 23.25 ? 28  ASN A N   1 
ATOM   216  C CA  . ASN A 1 30  ? 15.716  -6.928  0.062   1.00 23.36 ? 28  ASN A CA  1 
ATOM   217  C C   . ASN A 1 30  ? 14.695  -7.485  1.044   1.00 22.81 ? 28  ASN A C   1 
ATOM   218  O O   . ASN A 1 30  ? 14.712  -8.649  1.336   1.00 23.89 ? 28  ASN A O   1 
ATOM   219  C CB  . ASN A 1 30  ? 17.026  -7.728  0.096   1.00 21.69 ? 28  ASN A CB  1 
ATOM   220  C CG  . ASN A 1 30  ? 16.865  -9.152  -0.457  1.00 23.94 ? 28  ASN A CG  1 
ATOM   221  O OD1 . ASN A 1 30  ? 16.140  -9.374  -1.415  1.00 23.44 ? 28  ASN A OD1 1 
ATOM   222  N ND2 . ASN A 1 30  ? 17.571  -10.106 0.132   1.00 21.65 ? 28  ASN A ND2 1 
ATOM   223  N N   . HIS A 1 31  ? 13.806  -6.641  1.556   1.00 22.97 ? 29  HIS A N   1 
ATOM   224  C CA  . HIS A 1 31  ? 12.833  -7.102  2.537   1.00 22.59 ? 29  HIS A CA  1 
ATOM   225  C C   . HIS A 1 31  ? 11.953  -8.207  1.998   1.00 22.55 ? 29  HIS A C   1 
ATOM   226  O O   . HIS A 1 31  ? 11.472  -8.133  0.874   1.00 23.54 ? 29  HIS A O   1 
ATOM   227  C CB  . HIS A 1 31  ? 11.938  -5.943  2.934   1.00 21.71 ? 29  HIS A CB  1 
ATOM   228  C CG  . HIS A 1 31  ? 12.615  -4.916  3.774   1.00 21.40 ? 29  HIS A CG  1 
ATOM   229  N ND1 . HIS A 1 31  ? 12.164  -3.618  3.852   1.00 21.64 ? 29  HIS A ND1 1 
ATOM   230  C CD2 . HIS A 1 31  ? 13.696  -4.990  4.594   1.00 22.62 ? 29  HIS A CD2 1 
ATOM   231  C CE1 . HIS A 1 31  ? 12.930  -2.933  4.683   1.00 23.52 ? 29  HIS A CE1 1 
ATOM   232  N NE2 . HIS A 1 31  ? 13.854  -3.746  5.163   1.00 23.01 ? 29  HIS A NE2 1 
ATOM   233  N N   . ASN A 1 32  ? 11.708  -9.235  2.810   1.00 23.28 ? 30  ASN A N   1 
ATOM   234  C CA  . ASN A 1 32  ? 10.834  -10.321 2.397   1.00 22.32 ? 30  ASN A CA  1 
ATOM   235  C C   . ASN A 1 32  ? 9.366   -9.927  2.462   1.00 21.75 ? 30  ASN A C   1 
ATOM   236  O O   . ASN A 1 32  ? 8.605   -10.178 1.524   1.00 22.41 ? 30  ASN A O   1 
ATOM   237  C CB  . ASN A 1 32  ? 11.048  -11.546 3.293   1.00 23.18 ? 30  ASN A CB  1 
ATOM   238  C CG  . ASN A 1 32  ? 12.319  -12.297 2.951   1.00 26.00 ? 30  ASN A CG  1 
ATOM   239  O OD1 . ASN A 1 32  ? 13.070  -11.884 2.062   1.00 24.01 ? 30  ASN A OD1 1 
ATOM   240  N ND2 . ASN A 1 32  ? 12.576  -13.392 3.664   1.00 27.68 ? 30  ASN A ND2 1 
ATOM   241  N N   . ASN A 1 33  ? 8.979   -9.318  3.573   1.00 20.68 ? 31  ASN A N   1 
ATOM   242  C CA  . ASN A 1 33  ? 7.576   -8.933  3.832   1.00 21.51 ? 31  ASN A CA  1 
ATOM   243  C C   . ASN A 1 33  ? 7.211   -7.532  3.387   1.00 21.88 ? 31  ASN A C   1 
ATOM   244  O O   . ASN A 1 33  ? 7.962   -6.585  3.652   1.00 22.93 ? 31  ASN A O   1 
ATOM   245  C CB  . ASN A 1 33  ? 7.300   -9.050  5.338   1.00 20.81 ? 31  ASN A CB  1 
ATOM   246  C CG  . ASN A 1 33  ? 7.667   -10.421 5.888   1.00 21.83 ? 31  ASN A CG  1 
ATOM   247  O OD1 . ASN A 1 33  ? 8.175   -10.535 7.004   1.00 25.86 ? 31  ASN A OD1 1 
ATOM   248  N ND2 . ASN A 1 33  ? 7.436   -11.455 5.110   1.00 17.86 ? 31  ASN A ND2 1 
ATOM   249  N N   . MET A 1 34  ? 6.039   -7.372  2.759   1.00 21.18 ? 32  MET A N   1 
ATOM   250  C CA  . MET A 1 34  ? 5.542   -6.024  2.450   1.00 22.17 ? 32  MET A CA  1 
ATOM   251  C C   . MET A 1 34  ? 4.086   -5.935  2.903   1.00 20.98 ? 32  MET A C   1 
ATOM   252  O O   . MET A 1 34  ? 3.418   -6.963  3.009   1.00 21.00 ? 32  MET A O   1 
ATOM   253  C CB  . MET A 1 34  ? 5.777   -5.649  0.966   1.00 21.02 ? 32  MET A CB  1 
ATOM   254  C CG  . MET A 1 34  ? 7.283   -5.733  0.574   1.00 23.36 ? 32  MET A CG  1 
ATOM   255  S SD  . MET A 1 34  ? 7.743   -4.971  -0.978  1.00 23.13 ? 32  MET A SD  1 
ATOM   256  C CE  . MET A 1 34  ? 7.379   -3.228  -0.737  1.00 22.42 ? 32  MET A CE  1 
ATOM   257  N N   . TYR A 1 35  ? 3.629   -4.718  3.196   1.00 21.76 ? 33  TYR A N   1 
ATOM   258  C CA  . TYR A 1 35  ? 2.302   -4.480  3.801   1.00 20.87 ? 33  TYR A CA  1 
ATOM   259  C C   . TYR A 1 35  ? 1.652   -3.252  3.207   1.00 20.87 ? 33  TYR A C   1 
ATOM   260  O O   . TYR A 1 35  ? 2.336   -2.318  2.860   1.00 19.73 ? 33  TYR A O   1 
ATOM   261  C CB  . TYR A 1 35  ? 2.480   -4.190  5.305   1.00 21.74 ? 33  TYR A CB  1 
ATOM   262  C CG  . TYR A 1 35  ? 3.321   -5.197  6.069   1.00 21.56 ? 33  TYR A CG  1 
ATOM   263  C CD1 . TYR A 1 35  ? 4.728   -5.107  6.077   1.00 21.03 ? 33  TYR A CD1 1 
ATOM   264  C CD2 . TYR A 1 35  ? 2.727   -6.213  6.798   1.00 24.10 ? 33  TYR A CD2 1 
ATOM   265  C CE1 . TYR A 1 35  ? 5.511   -6.020  6.785   1.00 23.60 ? 33  TYR A CE1 1 
ATOM   266  C CE2 . TYR A 1 35  ? 3.503   -7.140  7.510   1.00 23.69 ? 33  TYR A CE2 1 
ATOM   267  C CZ  . TYR A 1 35  ? 4.889   -7.036  7.497   1.00 24.64 ? 33  TYR A CZ  1 
ATOM   268  O OH  . TYR A 1 35  ? 5.658   -7.940  8.229   1.00 25.78 ? 33  TYR A OH  1 
ATOM   269  N N   . TRP A 1 36  ? 0.312   -3.231  3.145   1.00 21.68 ? 34  TRP A N   1 
ATOM   270  C CA  . TRP A 1 36  ? -0.416  -2.018  2.815   1.00 21.47 ? 34  TRP A CA  1 
ATOM   271  C C   . TRP A 1 36  ? -1.458  -1.797  3.904   1.00 21.77 ? 34  TRP A C   1 
ATOM   272  O O   . TRP A 1 36  ? -2.252  -2.708  4.209   1.00 21.56 ? 34  TRP A O   1 
ATOM   273  C CB  . TRP A 1 36  ? -1.097  -2.106  1.429   1.00 21.81 ? 34  TRP A CB  1 
ATOM   274  C CG  . TRP A 1 36  ? -0.252  -1.550  0.290   1.00 22.79 ? 34  TRP A CG  1 
ATOM   275  C CD1 . TRP A 1 36  ? 0.417   -2.272  -0.693  1.00 20.04 ? 34  TRP A CD1 1 
ATOM   276  C CD2 . TRP A 1 36  ? 0.060   -0.173  0.057   1.00 21.54 ? 34  TRP A CD2 1 
ATOM   277  N NE1 . TRP A 1 36  ? 1.101   -1.399  -1.520  1.00 22.37 ? 34  TRP A NE1 1 
ATOM   278  C CE2 . TRP A 1 36  ? 0.899   -0.118  -1.084  1.00 21.39 ? 34  TRP A CE2 1 
ATOM   279  C CE3 . TRP A 1 36  ? -0.299  1.025   0.691   1.00 21.23 ? 34  TRP A CE3 1 
ATOM   280  C CZ2 . TRP A 1 36  ? 1.386   1.076   -1.585  1.00 22.03 ? 34  TRP A CZ2 1 
ATOM   281  C CZ3 . TRP A 1 36  ? 0.158   2.215   0.165   1.00 22.40 ? 34  TRP A CZ3 1 
ATOM   282  C CH2 . TRP A 1 36  ? 1.005   2.230   -0.959  1.00 21.05 ? 34  TRP A CH2 1 
ATOM   283  N N   . TYR A 1 37  ? -1.432  -0.592  4.464   1.00 21.26 ? 35  TYR A N   1 
ATOM   284  C CA  . TYR A 1 37  ? -2.376  -0.162  5.506   1.00 21.39 ? 35  TYR A CA  1 
ATOM   285  C C   . TYR A 1 37  ? -3.171  1.037   5.002   1.00 21.19 ? 35  TYR A C   1 
ATOM   286  O O   . TYR A 1 37  ? -2.651  1.879   4.260   1.00 20.56 ? 35  TYR A O   1 
ATOM   287  C CB  . TYR A 1 37  ? -1.607  0.270   6.755   1.00 20.87 ? 35  TYR A CB  1 
ATOM   288  C CG  . TYR A 1 37  ? -0.859  -0.826  7.483   1.00 22.84 ? 35  TYR A CG  1 
ATOM   289  C CD1 . TYR A 1 37  ? 0.481   -1.092  7.180   1.00 22.40 ? 35  TYR A CD1 1 
ATOM   290  C CD2 . TYR A 1 37  ? -1.472  -1.575  8.486   1.00 20.54 ? 35  TYR A CD2 1 
ATOM   291  C CE1 . TYR A 1 37  ? 1.170   -2.065  7.828   1.00 22.59 ? 35  TYR A CE1 1 
ATOM   292  C CE2 . TYR A 1 37  ? -0.792  -2.532  9.155   1.00 22.05 ? 35  TYR A CE2 1 
ATOM   293  C CZ  . TYR A 1 37  ? 0.535   -2.789  8.807   1.00 22.26 ? 35  TYR A CZ  1 
ATOM   294  O OH  . TYR A 1 37  ? 1.235   -3.744  9.439   1.00 23.07 ? 35  TYR A OH  1 
ATOM   295  N N   . ARG A 1 38  ? -4.417  1.118   5.451   1.00 21.47 ? 36  ARG A N   1 
ATOM   296  C CA  . ARG A 1 38  ? -5.220  2.337   5.376   1.00 21.97 ? 36  ARG A CA  1 
ATOM   297  C C   . ARG A 1 38  ? -5.261  2.977   6.744   1.00 22.42 ? 36  ARG A C   1 
ATOM   298  O O   . ARG A 1 38  ? -5.498  2.290   7.751   1.00 23.82 ? 36  ARG A O   1 
ATOM   299  C CB  . ARG A 1 38  ? -6.661  1.994   4.974   1.00 21.29 ? 36  ARG A CB  1 
ATOM   300  C CG  . ARG A 1 38  ? -7.505  3.190   4.538   1.00 19.88 ? 36  ARG A CG  1 
ATOM   301  C CD  . ARG A 1 38  ? -8.800  2.658   3.898   1.00 23.88 ? 36  ARG A CD  1 
ATOM   302  N NE  . ARG A 1 38  ? -9.778  2.221   4.889   1.00 26.96 ? 36  ARG A NE  1 
ATOM   303  C CZ  . ARG A 1 38  ? -10.899 1.547   4.619   1.00 28.44 ? 36  ARG A CZ  1 
ATOM   304  N NH1 . ARG A 1 38  ? -11.192 1.159   3.374   1.00 30.03 ? 36  ARG A NH1 1 
ATOM   305  N NH2 . ARG A 1 38  ? -11.729 1.229   5.614   1.00 29.81 ? 36  ARG A NH2 1 
ATOM   306  N N   . GLN A 1 39  ? -5.050  4.292   6.786   1.00 22.73 ? 37  GLN A N   1 
ATOM   307  C CA  . GLN A 1 39  ? -5.065  5.009   8.054   1.00 23.60 ? 37  GLN A CA  1 
ATOM   308  C C   . GLN A 1 39  ? -6.505  5.426   8.335   1.00 22.97 ? 37  GLN A C   1 
ATOM   309  O O   . GLN A 1 39  ? -7.164  5.899   7.453   1.00 23.06 ? 37  GLN A O   1 
ATOM   310  C CB  . GLN A 1 39  ? -4.138  6.227   8.014   1.00 23.25 ? 37  GLN A CB  1 
ATOM   311  C CG  . GLN A 1 39  ? -4.121  6.980   9.337   1.00 24.84 ? 37  GLN A CG  1 
ATOM   312  C CD  . GLN A 1 39  ? -3.101  8.106   9.424   1.00 26.40 ? 37  GLN A CD  1 
ATOM   313  O OE1 . GLN A 1 39  ? -3.086  9.023   8.608   1.00 31.94 ? 37  GLN A OE1 1 
ATOM   314  N NE2 . GLN A 1 39  ? -2.259  8.049   10.456  1.00 30.80 ? 37  GLN A NE2 1 
ATOM   315  N N   . ASP A 1 40  ? -6.979  5.238   9.560   1.00 23.35 ? 38  ASP A N   1 
ATOM   316  C CA  . ASP A 1 40  ? -8.332  5.634   9.935   1.00 23.87 ? 38  ASP A CA  1 
ATOM   317  C C   . ASP A 1 40  ? -8.346  7.032   10.588  1.00 23.53 ? 38  ASP A C   1 
ATOM   318  O O   . ASP A 1 40  ? -7.293  7.648   10.788  1.00 23.82 ? 38  ASP A O   1 
ATOM   319  C CB  . ASP A 1 40  ? -9.036  4.531   10.777  1.00 23.59 ? 38  ASP A CB  1 
ATOM   320  C CG  . ASP A 1 40  ? -8.502  4.391   12.188  1.00 25.21 ? 38  ASP A CG  1 
ATOM   321  O OD1 . ASP A 1 40  ? -8.064  5.386   12.809  1.00 25.77 ? 38  ASP A OD1 1 
ATOM   322  O OD2 . ASP A 1 40  ? -8.575  3.244   12.698  1.00 26.77 ? 38  ASP A OD2 1 
ATOM   323  N N   . THR A 1 41  ? -9.530  7.554   10.906  1.00 24.25 ? 39  THR A N   1 
ATOM   324  C CA  . THR A 1 41  ? -9.609  8.904   11.429  1.00 23.63 ? 39  THR A CA  1 
ATOM   325  C C   . THR A 1 41  ? -9.009  9.044   12.830  1.00 25.56 ? 39  THR A C   1 
ATOM   326  O O   . THR A 1 41  ? -8.782  10.149  13.314  1.00 24.24 ? 39  THR A O   1 
ATOM   327  C CB  . THR A 1 41  ? -11.057 9.438   11.407  1.00 23.81 ? 39  THR A CB  1 
ATOM   328  O OG1 . THR A 1 41  ? -11.878 8.588   12.211  1.00 21.61 ? 39  THR A OG1 1 
ATOM   329  C CG2 . THR A 1 41  ? -11.601 9.486   9.987   1.00 21.73 ? 39  THR A CG2 1 
ATOM   330  N N   . GLY A 1 42  ? -8.778  7.921   13.504  1.00 26.09 ? 40  GLY A N   1 
ATOM   331  C CA  . GLY A 1 42  ? -8.079  7.983   14.783  1.00 27.07 ? 40  GLY A CA  1 
ATOM   332  C C   . GLY A 1 42  ? -6.589  7.723   14.602  1.00 28.05 ? 40  GLY A C   1 
ATOM   333  O O   . GLY A 1 42  ? -5.869  7.526   15.591  1.00 26.27 ? 40  GLY A O   1 
ATOM   334  N N   . HIS A 1 43  ? -6.146  7.720   13.341  1.00 28.86 ? 41  HIS A N   1 
ATOM   335  C CA  . HIS A 1 43  ? -4.742  7.477   12.960  1.00 29.74 ? 41  HIS A CA  1 
ATOM   336  C C   . HIS A 1 43  ? -4.325  6.034   13.199  1.00 28.79 ? 41  HIS A C   1 
ATOM   337  O O   . HIS A 1 43  ? -3.139  5.729   13.312  1.00 30.37 ? 41  HIS A O   1 
ATOM   338  C CB  . HIS A 1 43  ? -3.795  8.454   13.669  1.00 30.62 ? 41  HIS A CB  1 
ATOM   339  C CG  . HIS A 1 43  ? -4.046  9.881   13.310  1.00 33.94 ? 41  HIS A CG  1 
ATOM   340  N ND1 . HIS A 1 43  ? -3.241  10.583  12.441  1.00 36.13 ? 41  HIS A ND1 1 
ATOM   341  C CD2 . HIS A 1 43  ? -5.035  10.726  13.678  1.00 36.43 ? 41  HIS A CD2 1 
ATOM   342  C CE1 . HIS A 1 43  ? -3.719  11.806  12.297  1.00 37.51 ? 41  HIS A CE1 1 
ATOM   343  N NE2 . HIS A 1 43  ? -4.809  11.916  13.034  1.00 37.93 ? 41  HIS A NE2 1 
ATOM   344  N N   . GLY A 1 44  ? -5.300  5.143   13.294  1.00 27.82 ? 42  GLY A N   1 
ATOM   345  C CA  . GLY A 1 44  ? -4.994  3.726   13.323  1.00 26.19 ? 42  GLY A CA  1 
ATOM   346  C C   . GLY A 1 44  ? -4.648  3.238   11.939  1.00 25.53 ? 42  GLY A C   1 
ATOM   347  O O   . GLY A 1 44  ? -5.151  3.766   10.952  1.00 25.41 ? 42  GLY A O   1 
ATOM   348  N N   . LEU A 1 45  ? -3.745  2.261   11.864  1.00 23.70 ? 43  LEU A N   1 
ATOM   349  C CA  . LEU A 1 45  ? -3.341  1.685   10.594  1.00 23.38 ? 43  LEU A CA  1 
ATOM   350  C C   . LEU A 1 45  ? -3.987  0.320   10.486  1.00 22.69 ? 43  LEU A C   1 
ATOM   351  O O   . LEU A 1 45  ? -3.703  -0.577  11.302  1.00 22.79 ? 43  LEU A O   1 
ATOM   352  C CB  . LEU A 1 45  ? -1.815  1.558   10.501  1.00 22.81 ? 43  LEU A CB  1 
ATOM   353  C CG  . LEU A 1 45  ? -0.967  2.837   10.401  1.00 26.78 ? 43  LEU A CG  1 
ATOM   354  C CD1 . LEU A 1 45  ? 0.476   2.450   10.177  1.00 28.14 ? 43  LEU A CD1 1 
ATOM   355  C CD2 . LEU A 1 45  ? -1.413  3.849   9.303   1.00 28.11 ? 43  LEU A CD2 1 
ATOM   356  N N   . ARG A 1 46  ? -4.858  0.175   9.489   1.00 22.56 ? 44  ARG A N   1 
ATOM   357  C CA  . ARG A 1 46  ? -5.622  -1.052  9.261   1.00 23.71 ? 44  ARG A CA  1 
ATOM   358  C C   . ARG A 1 46  ? -5.087  -1.840  8.040   1.00 22.73 ? 44  ARG A C   1 
ATOM   359  O O   . ARG A 1 46  ? -4.969  -1.310  6.951   1.00 24.27 ? 44  ARG A O   1 
ATOM   360  C CB  . ARG A 1 46  ? -7.142  -0.746  9.175   1.00 23.97 ? 44  ARG A CB  1 
ATOM   361  C CG  . ARG A 1 46  ? -7.803  -0.416  10.582  1.00 26.11 ? 44  ARG A CG  1 
ATOM   362  C CD  . ARG A 1 46  ? -8.723  -1.622  11.235  1.00 33.74 ? 44  ARG A CD  1 
ATOM   363  N NE  . ARG A 1 46  ? -9.387  -1.212  12.504  1.00 25.31 ? 44  ARG A NE  1 
ATOM   364  C CZ  . ARG A 1 46  ? -9.804  0.028   12.679  1.00 26.22 ? 44  ARG A CZ  1 
ATOM   365  N NH1 . ARG A 1 46  ? -10.322 0.433   13.848  1.00 26.22 ? 44  ARG A NH1 1 
ATOM   366  N NH2 . ARG A 1 46  ? -9.690  0.865   11.638  1.00 21.15 ? 44  ARG A NH2 1 
ATOM   367  N N   . LEU A 1 47  ? -4.746  -3.104  8.260   1.00 22.49 ? 45  LEU A N   1 
ATOM   368  C CA  . LEU A 1 47  ? -4.028  -3.914  7.257   1.00 21.75 ? 45  LEU A CA  1 
ATOM   369  C C   . LEU A 1 47  ? -4.958  -4.371  6.161   1.00 21.44 ? 45  LEU A C   1 
ATOM   370  O O   . LEU A 1 47  ? -5.994  -5.006  6.426   1.00 21.89 ? 45  LEU A O   1 
ATOM   371  C CB  . LEU A 1 47  ? -3.378  -5.141  7.899   1.00 20.87 ? 45  LEU A CB  1 
ATOM   372  C CG  . LEU A 1 47  ? -2.568  -6.083  6.988   1.00 22.00 ? 45  LEU A CG  1 
ATOM   373  C CD1 . LEU A 1 47  ? -1.336  -5.328  6.544   1.00 18.62 ? 45  LEU A CD1 1 
ATOM   374  C CD2 . LEU A 1 47  ? -2.171  -7.215  7.869   1.00 20.70 ? 45  LEU A CD2 1 
ATOM   375  N N   . ILE A 1 48  ? -4.600  -4.021  4.931   1.00 20.50 ? 46  ILE A N   1 
ATOM   376  C CA  . ILE A 1 48  ? -5.412  -4.356  3.762   1.00 19.50 ? 46  ILE A CA  1 
ATOM   377  C C   . ILE A 1 48  ? -4.942  -5.655  3.146   1.00 20.33 ? 46  ILE A C   1 
ATOM   378  O O   . ILE A 1 48  ? -5.719  -6.589  3.005   1.00 19.98 ? 46  ILE A O   1 
ATOM   379  C CB  . ILE A 1 48  ? -5.326  -3.230  2.681   1.00 19.89 ? 46  ILE A CB  1 
ATOM   380  C CG1 . ILE A 1 48  ? -5.555  -1.828  3.283   1.00 19.28 ? 46  ILE A CG1 1 
ATOM   381  C CG2 . ILE A 1 48  ? -6.271  -3.510  1.550   1.00 18.58 ? 46  ILE A CG2 1 
ATOM   382  C CD1 . ILE A 1 48  ? -5.139  -0.653  2.298   1.00 18.53 ? 46  ILE A CD1 1 
ATOM   383  N N   . HIS A 1 49  ? -3.671  -5.707  2.741   1.00 19.64 ? 47  HIS A N   1 
ATOM   384  C CA  . HIS A 1 49  ? -3.111  -6.919  2.158   1.00 21.16 ? 47  HIS A CA  1 
ATOM   385  C C   . HIS A 1 49  ? -1.635  -6.892  2.512   1.00 20.87 ? 47  HIS A C   1 
ATOM   386  O O   . HIS A 1 49  ? -1.089  -5.832  2.756   1.00 20.07 ? 47  HIS A O   1 
ATOM   387  C CB  . HIS A 1 49  ? -3.160  -6.947  0.633   1.00 21.22 ? 47  HIS A CB  1 
ATOM   388  C CG  . HIS A 1 49  ? -4.522  -7.121  0.028   1.00 20.81 ? 47  HIS A CG  1 
ATOM   389  N ND1 . HIS A 1 49  ? -5.230  -8.303  0.082   1.00 23.70 ? 47  HIS A ND1 1 
ATOM   390  C CD2 . HIS A 1 49  ? -5.257  -6.278  -0.738  1.00 17.88 ? 47  HIS A CD2 1 
ATOM   391  C CE1 . HIS A 1 49  ? -6.368  -8.168  -0.585  1.00 22.89 ? 47  HIS A CE1 1 
ATOM   392  N NE2 . HIS A 1 49  ? -6.419  -6.941  -1.070  1.00 20.41 ? 47  HIS A NE2 1 
ATOM   393  N N   . TYR A 1 50  ? -0.996  -8.069  2.524   1.00 21.84 ? 48  TYR A N   1 
ATOM   394  C CA  . TYR A 1 50  ? 0.441   -8.172  2.755   1.00 20.86 ? 48  TYR A CA  1 
ATOM   395  C C   . TYR A 1 50  ? 1.040   -9.292  1.903   1.00 20.87 ? 48  TYR A C   1 
ATOM   396  O O   . TYR A 1 50  ? 0.332   -9.999  1.144   1.00 21.17 ? 48  TYR A O   1 
ATOM   397  C CB  . TYR A 1 50  ? 0.800   -8.380  4.241   1.00 21.59 ? 48  TYR A CB  1 
ATOM   398  C CG  . TYR A 1 50  ? 0.151   -9.589  4.866   1.00 24.18 ? 48  TYR A CG  1 
ATOM   399  C CD1 . TYR A 1 50  ? -1.208  -9.570  5.204   1.00 25.29 ? 48  TYR A CD1 1 
ATOM   400  C CD2 . TYR A 1 50  ? 0.893   -10.734 5.166   1.00 24.02 ? 48  TYR A CD2 1 
ATOM   401  C CE1 . TYR A 1 50  ? -1.816  -10.667 5.796   1.00 24.34 ? 48  TYR A CE1 1 
ATOM   402  C CE2 . TYR A 1 50  ? 0.285   -11.843 5.762   1.00 24.49 ? 48  TYR A CE2 1 
ATOM   403  C CZ  . TYR A 1 50  ? -1.068  -11.792 6.068   1.00 25.35 ? 48  TYR A CZ  1 
ATOM   404  O OH  . TYR A 1 50  ? -1.687  -12.867 6.646   1.00 26.22 ? 48  TYR A OH  1 
ATOM   405  N N   . SER A 1 51  ? 2.348   -9.447  2.033   1.00 21.38 ? 49  SER A N   1 
ATOM   406  C CA  . SER A 1 51  ? 3.101   -10.365 1.180   1.00 20.35 ? 49  SER A CA  1 
ATOM   407  C C   . SER A 1 51  ? 4.319   -10.859 1.919   1.00 20.47 ? 49  SER A C   1 
ATOM   408  O O   . SER A 1 51  ? 5.000   -10.060 2.611   1.00 19.72 ? 49  SER A O   1 
ATOM   409  C CB  . SER A 1 51  ? 3.571   -9.640  -0.082  1.00 21.56 ? 49  SER A CB  1 
ATOM   410  O OG  . SER A 1 51  ? 4.420   -10.463 -0.877  1.00 20.86 ? 49  SER A OG  1 
ATOM   411  N N   . TYR A 1 52  ? 4.572   -12.159 1.780   1.00 20.09 ? 50  TYR A N   1 
ATOM   412  C CA  . TYR A 1 52  ? 5.730   -12.874 2.342   1.00 20.71 ? 50  TYR A CA  1 
ATOM   413  C C   . TYR A 1 52  ? 6.897   -13.016 1.337   1.00 20.35 ? 50  TYR A C   1 
ATOM   414  O O   . TYR A 1 52  ? 7.974   -13.522 1.676   1.00 20.67 ? 50  TYR A O   1 
ATOM   415  C CB  . TYR A 1 52  ? 5.322   -14.283 2.770   1.00 21.96 ? 50  TYR A CB  1 
ATOM   416  C CG  . TYR A 1 52  ? 4.421   -14.370 3.985   1.00 22.55 ? 50  TYR A CG  1 
ATOM   417  C CD1 . TYR A 1 52  ? 4.781   -13.775 5.190   1.00 25.91 ? 50  TYR A CD1 1 
ATOM   418  C CD2 . TYR A 1 52  ? 3.225   -15.087 3.939   1.00 23.43 ? 50  TYR A CD2 1 
ATOM   419  C CE1 . TYR A 1 52  ? 3.963   -13.883 6.306   1.00 27.79 ? 50  TYR A CE1 1 
ATOM   420  C CE2 . TYR A 1 52  ? 2.400   -15.184 5.055   1.00 24.21 ? 50  TYR A CE2 1 
ATOM   421  C CZ  . TYR A 1 52  ? 2.784   -14.605 6.225   1.00 25.54 ? 50  TYR A CZ  1 
ATOM   422  O OH  . TYR A 1 52  ? 1.954   -14.705 7.316   1.00 25.42 ? 50  TYR A OH  1 
ATOM   423  N N   . GLY A 1 53  ? 6.686   -12.608 0.094   1.00 20.03 ? 51  GLY A N   1 
ATOM   424  C CA  . GLY A 1 53  ? 7.747   -12.696 -0.909  1.00 20.96 ? 51  GLY A CA  1 
ATOM   425  C C   . GLY A 1 53  ? 7.158   -12.533 -2.296  1.00 22.44 ? 51  GLY A C   1 
ATOM   426  O O   . GLY A 1 53  ? 5.929   -12.481 -2.446  1.00 21.97 ? 51  GLY A O   1 
ATOM   427  N N   . VAL A 1 54  ? 8.048   -12.467 -3.290  1.00 22.13 ? 52  VAL A N   1 
ATOM   428  C CA  . VAL A 1 54  ? 7.687   -12.359 -4.722  1.00 22.34 ? 52  VAL A CA  1 
ATOM   429  C C   . VAL A 1 54  ? 6.627   -13.375 -5.090  1.00 23.74 ? 52  VAL A C   1 
ATOM   430  O O   . VAL A 1 54  ? 6.758   -14.564 -4.769  1.00 22.81 ? 52  VAL A O   1 
ATOM   431  C CB  . VAL A 1 54  ? 8.900   -12.603 -5.652  1.00 22.17 ? 52  VAL A CB  1 
ATOM   432  C CG1 . VAL A 1 54  ? 8.535   -12.411 -7.120  1.00 20.06 ? 52  VAL A CG1 1 
ATOM   433  C CG2 . VAL A 1 54  ? 10.030  -11.656 -5.339  1.00 21.25 ? 52  VAL A CG2 1 
ATOM   434  N N   . GLY A 1 55  ? 5.593   -12.904 -5.784  1.00 23.31 ? 53  GLY A N   1 
ATOM   435  C CA  . GLY A 1 55  ? 4.499   -13.752 -6.215  1.00 22.85 ? 53  GLY A CA  1 
ATOM   436  C C   . GLY A 1 55  ? 3.423   -14.000 -5.182  1.00 23.50 ? 53  GLY A C   1 
ATOM   437  O O   . GLY A 1 55  ? 2.392   -14.567 -5.495  1.00 23.33 ? 53  GLY A O   1 
ATOM   438  N N   . ASN A 1 56  ? 3.650   -13.606 -3.928  1.00 24.69 ? 54  ASN A N   1 
ATOM   439  C CA  . ASN A 1 56  ? 2.683   -13.926 -2.876  1.00 23.22 ? 54  ASN A CA  1 
ATOM   440  C C   . ASN A 1 56  ? 1.892   -12.696 -2.421  1.00 24.06 ? 54  ASN A C   1 
ATOM   441  O O   . ASN A 1 56  ? 2.461   -11.606 -2.251  1.00 23.82 ? 54  ASN A O   1 
ATOM   442  C CB  . ASN A 1 56  ? 3.403   -14.580 -1.680  1.00 23.64 ? 54  ASN A CB  1 
ATOM   443  C CG  . ASN A 1 56  ? 2.510   -14.693 -0.433  1.00 21.94 ? 54  ASN A CG  1 
ATOM   444  O OD1 . ASN A 1 56  ? 2.603   -13.895 0.532   1.00 20.94 ? 54  ASN A OD1 1 
ATOM   445  N ND2 . ASN A 1 56  ? 1.637   -15.686 -0.443  1.00 22.32 ? 54  ASN A ND2 1 
ATOM   446  N N   . THR A 1 57  ? 0.579   -12.859 -2.251  1.00 23.92 ? 55  THR A N   1 
ATOM   447  C CA  . THR A 1 57  ? -0.222  -11.845 -1.566  1.00 24.78 ? 55  THR A CA  1 
ATOM   448  C C   . THR A 1 57  ? -1.157  -12.555 -0.612  1.00 23.78 ? 55  THR A C   1 
ATOM   449  O O   . THR A 1 57  ? -1.631  -13.661 -0.899  1.00 22.76 ? 55  THR A O   1 
ATOM   450  C CB  . THR A 1 57  ? -1.071  -10.956 -2.505  1.00 24.71 ? 55  THR A CB  1 
ATOM   451  O OG1 . THR A 1 57  ? -1.851  -11.789 -3.360  1.00 29.71 ? 55  THR A OG1 1 
ATOM   452  C CG2 . THR A 1 57  ? -0.172  -10.081 -3.378  1.00 26.31 ? 55  THR A CG2 1 
ATOM   453  N N   . GLU A 1 58  ? -1.390  -11.924 0.529   1.00 23.10 ? 56  GLU A N   1 
ATOM   454  C CA  . GLU A 1 58  ? -2.259  -12.476 1.570   1.00 23.95 ? 56  GLU A CA  1 
ATOM   455  C C   . GLU A 1 58  ? -3.227  -11.385 1.949   1.00 23.19 ? 56  GLU A C   1 
ATOM   456  O O   . GLU A 1 58  ? -2.855  -10.219 1.936   1.00 22.77 ? 56  GLU A O   1 
ATOM   457  C CB  . GLU A 1 58  ? -1.469  -12.860 2.819   1.00 23.92 ? 56  GLU A CB  1 
ATOM   458  C CG  . GLU A 1 58  ? -0.351  -13.848 2.607   1.00 25.49 ? 56  GLU A CG  1 
ATOM   459  C CD  . GLU A 1 58  ? -0.869  -15.253 2.453   1.00 30.89 ? 56  GLU A CD  1 
ATOM   460  O OE1 . GLU A 1 58  ? -1.830  -15.619 3.155   1.00 34.56 ? 56  GLU A OE1 1 
ATOM   461  O OE2 . GLU A 1 58  ? -0.311  -16.005 1.637   1.00 32.43 ? 56  GLU A OE2 1 
ATOM   462  N N   . LYS A 1 59  ? -4.469  -11.752 2.276   1.00 24.24 ? 57  LYS A N   1 
ATOM   463  C CA  . LYS A 1 59  ? -5.454  -10.731 2.678   1.00 23.66 ? 57  LYS A CA  1 
ATOM   464  C C   . LYS A 1 59  ? -5.350  -10.352 4.157   1.00 23.64 ? 57  LYS A C   1 
ATOM   465  O O   . LYS A 1 59  ? -5.141  -11.205 5.014   1.00 23.27 ? 57  LYS A O   1 
ATOM   466  C CB  . LYS A 1 59  ? -6.883  -11.174 2.383   1.00 23.82 ? 57  LYS A CB  1 
ATOM   467  C CG  . LYS A 1 59  ? -7.201  -11.595 0.947   1.00 25.01 ? 57  LYS A CG  1 
ATOM   468  C CD  . LYS A 1 59  ? -8.714  -11.860 0.847   1.00 26.50 ? 57  LYS A CD  1 
ATOM   469  C CE  . LYS A 1 59  ? -9.140  -12.461 -0.487  1.00 32.47 ? 57  LYS A CE  1 
ATOM   470  N NZ  . LYS A 1 59  ? -8.043  -12.444 -1.480  1.00 34.39 ? 57  LYS A NZ  1 
ATOM   471  N N   . GLY A 1 60  ? -5.518  -9.062  4.440   1.00 21.58 ? 58  GLY A N   1 
ATOM   472  C CA  . GLY A 1 60  ? -5.483  -8.549  5.794   1.00 22.67 ? 58  GLY A CA  1 
ATOM   473  C C   . GLY A 1 60  ? -6.898  -8.475  6.360   1.00 22.16 ? 58  GLY A C   1 
ATOM   474  O O   . GLY A 1 60  ? -7.734  -9.333  6.071   1.00 22.93 ? 58  GLY A O   1 
ATOM   475  N N   . ASP A 1 61  ? -7.137  -7.483  7.203   1.00 22.95 ? 59  ASP A N   1 
ATOM   476  C CA  . ASP A 1 61  ? -8.436  -7.320  7.902   1.00 22.91 ? 59  ASP A CA  1 
ATOM   477  C C   . ASP A 1 61  ? -9.483  -6.597  7.038   1.00 23.67 ? 59  ASP A C   1 
ATOM   478  O O   . ASP A 1 61  ? -10.724 -6.867  7.129   1.00 23.25 ? 59  ASP A O   1 
ATOM   479  C CB  . ASP A 1 61  ? -8.227  -6.589  9.230   1.00 23.34 ? 59  ASP A CB  1 
ATOM   480  C CG  . ASP A 1 61  ? -7.359  -7.364  10.194  1.00 23.28 ? 59  ASP A CG  1 
ATOM   481  O OD1 . ASP A 1 61  ? -7.484  -8.605  10.231  1.00 24.17 ? 59  ASP A OD1 1 
ATOM   482  O OD2 . ASP A 1 61  ? -6.536  -6.742  10.896  1.00 26.47 ? 59  ASP A OD2 1 
ATOM   483  N N   . ILE A 1 62  ? -9.007  -5.701  6.183   1.00 23.31 ? 60  ILE A N   1 
ATOM   484  C CA  . ILE A 1 62  ? -9.897  -4.920  5.317   1.00 23.39 ? 60  ILE A CA  1 
ATOM   485  C C   . ILE A 1 62  ? -9.552  -5.033  3.812   1.00 24.20 ? 60  ILE A C   1 
ATOM   486  O O   . ILE A 1 62  ? -9.310  -4.024  3.146   1.00 23.61 ? 60  ILE A O   1 
ATOM   487  C CB  . ILE A 1 62  ? -9.932  -3.432  5.754   1.00 24.50 ? 60  ILE A CB  1 
ATOM   488  C CG1 . ILE A 1 62  ? -8.504  -2.845  5.848   1.00 22.62 ? 60  ILE A CG1 1 
ATOM   489  C CG2 . ILE A 1 62  ? -10.624 -3.283  7.080   1.00 23.22 ? 60  ILE A CG2 1 
ATOM   490  C CD1 . ILE A 1 62  ? -8.482  -1.280  5.656   1.00 22.86 ? 60  ILE A CD1 1 
ATOM   491  N N   . PRO A 1 63  ? -9.541  -6.272  3.269   1.00 24.02 ? 61  PRO A N   1 
ATOM   492  C CA  . PRO A 1 63  ? -9.226  -6.469  1.837   1.00 24.48 ? 61  PRO A CA  1 
ATOM   493  C C   . PRO A 1 63  ? -10.264 -5.984  0.799   1.00 25.45 ? 61  PRO A C   1 
ATOM   494  O O   . PRO A 1 63  ? -9.878  -5.627  -0.332  1.00 25.58 ? 61  PRO A O   1 
ATOM   495  C CB  . PRO A 1 63  ? -9.030  -7.976  1.754   1.00 23.87 ? 61  PRO A CB  1 
ATOM   496  C CG  . PRO A 1 63  ? -9.950  -8.506  2.765   1.00 23.49 ? 61  PRO A CG  1 
ATOM   497  C CD  . PRO A 1 63  ? -9.752  -7.570  3.940   1.00 23.83 ? 61  PRO A CD  1 
ATOM   498  N N   . ASP A 1 64  ? -11.552 -5.958  1.166   1.00 25.86 ? 62  ASP A N   1 
ATOM   499  C CA  . ASP A 1 64  ? -12.630 -5.703  0.194   1.00 26.53 ? 62  ASP A CA  1 
ATOM   500  C C   . ASP A 1 64  ? -12.382 -4.431  -0.602  1.00 26.60 ? 62  ASP A C   1 
ATOM   501  O O   . ASP A 1 64  ? -12.069 -3.389  -0.014  1.00 27.69 ? 62  ASP A O   1 
ATOM   502  C CB  . ASP A 1 64  ? -14.020 -5.607  0.863   1.00 26.38 ? 62  ASP A CB  1 
ATOM   503  C CG  . ASP A 1 64  ? -14.374 -6.845  1.705   1.00 31.19 ? 62  ASP A CG  1 
ATOM   504  O OD1 . ASP A 1 64  ? -13.590 -7.809  1.693   1.00 33.33 ? 62  ASP A OD1 1 
ATOM   505  O OD2 . ASP A 1 64  ? -15.436 -6.855  2.398   1.00 31.16 ? 62  ASP A OD2 1 
ATOM   506  N N   . GLY A 1 65  ? -12.505 -4.527  -1.924  1.00 25.39 ? 63  GLY A N   1 
ATOM   507  C CA  . GLY A 1 65  ? -12.432 -3.359  -2.817  1.00 25.49 ? 63  GLY A CA  1 
ATOM   508  C C   . GLY A 1 65  ? -11.018 -2.885  -3.130  1.00 25.42 ? 63  GLY A C   1 
ATOM   509  O O   . GLY A 1 65  ? -10.774 -2.092  -4.070  1.00 26.63 ? 63  GLY A O   1 
ATOM   510  N N   . TYR A 1 66  ? -9.869  -3.920  -2.679  1.00 23.36 ? 65  TYR A N   1 
ATOM   511  C CA  . TYR A 1 66  ? -8.481  -3.777  -3.089  1.00 23.69 ? 65  TYR A CA  1 
ATOM   512  C C   . TYR A 1 66  ? -7.976  -5.106  -3.528  1.00 23.80 ? 65  TYR A C   1 
ATOM   513  O O   . TYR A 1 66  ? -8.426  -6.152  -3.036  1.00 24.84 ? 65  TYR A O   1 
ATOM   514  C CB  . TYR A 1 66  ? -7.634  -3.335  -1.913  1.00 23.53 ? 65  TYR A CB  1 
ATOM   515  C CG  . TYR A 1 66  ? -8.132  -2.072  -1.234  1.00 23.45 ? 65  TYR A CG  1 
ATOM   516  C CD1 . TYR A 1 66  ? -7.654  -0.822  -1.615  1.00 22.35 ? 65  TYR A CD1 1 
ATOM   517  C CD2 . TYR A 1 66  ? -9.074  -2.141  -0.177  1.00 25.10 ? 65  TYR A CD2 1 
ATOM   518  C CE1 . TYR A 1 66  ? -8.100  0.367   -0.953  1.00 24.35 ? 65  TYR A CE1 1 
ATOM   519  C CE2 . TYR A 1 66  ? -9.536  -0.979  0.477   1.00 24.76 ? 65  TYR A CE2 1 
ATOM   520  C CZ  . TYR A 1 66  ? -9.040  0.273   0.092   1.00 24.39 ? 65  TYR A CZ  1 
ATOM   521  O OH  . TYR A 1 66  ? -9.479  1.431   0.751   1.00 25.40 ? 65  TYR A OH  1 
ATOM   522  N N   . GLU A 1 67  ? -7.016  -5.068  -4.429  1.00 23.25 ? 66  GLU A N   1 
ATOM   523  C CA  . GLU A 1 67  ? -6.187  -6.240  -4.686  1.00 24.87 ? 66  GLU A CA  1 
ATOM   524  C C   . GLU A 1 67  ? -4.753  -5.796  -4.521  1.00 24.31 ? 66  GLU A C   1 
ATOM   525  O O   . GLU A 1 67  ? -4.472  -4.588  -4.442  1.00 23.61 ? 66  GLU A O   1 
ATOM   526  C CB  . GLU A 1 67  ? -6.389  -6.797  -6.105  1.00 26.06 ? 66  GLU A CB  1 
ATOM   527  C CG  . GLU A 1 67  ? -7.565  -7.763  -6.233  1.00 32.32 ? 66  GLU A CG  1 
ATOM   528  C CD  . GLU A 1 67  ? -8.841  -7.056  -6.575  1.00 40.87 ? 66  GLU A CD  1 
ATOM   529  O OE1 . GLU A 1 67  ? -9.887  -7.367  -5.929  1.00 42.16 ? 66  GLU A OE1 1 
ATOM   530  O OE2 . GLU A 1 67  ? -8.790  -6.188  -7.494  1.00 44.67 ? 66  GLU A OE2 1 
ATOM   531  N N   . ALA A 1 68  ? -3.853  -6.772  -4.479  1.00 24.55 ? 67  ALA A N   1 
ATOM   532  C CA  . ALA A 1 68  ? -2.428  -6.499  -4.312  1.00 23.40 ? 67  ALA A CA  1 
ATOM   533  C C   . ALA A 1 68  ? -1.602  -7.311  -5.295  1.00 23.83 ? 67  ALA A C   1 
ATOM   534  O O   . ALA A 1 68  ? -2.051  -8.352  -5.804  1.00 23.95 ? 67  ALA A O   1 
ATOM   535  C CB  . ALA A 1 68  ? -1.986  -6.833  -2.880  1.00 23.69 ? 67  ALA A CB  1 
ATOM   536  N N   . SER A 1 69  ? -0.384  -6.846  -5.533  1.00 23.75 ? 68  SER A N   1 
ATOM   537  C CA  . SER A 1 69  ? 0.505   -7.537  -6.443  1.00 24.14 ? 68  SER A CA  1 
ATOM   538  C C   . SER A 1 69  ? 1.943   -7.375  -5.995  1.00 24.13 ? 68  SER A C   1 
ATOM   539  O O   . SER A 1 69  ? 2.387   -6.243  -5.716  1.00 24.48 ? 68  SER A O   1 
ATOM   540  C CB  . SER A 1 69  ? 0.346   -6.967  -7.854  1.00 24.29 ? 68  SER A CB  1 
ATOM   541  O OG  . SER A 1 69  ? 1.369   -7.485  -8.687  1.00 27.39 ? 68  SER A OG  1 
ATOM   542  N N   . ARG A 1 70  ? 2.651   -8.507  -5.907  1.00 23.45 ? 69  ARG A N   1 
ATOM   543  C CA  . ARG A 1 70  ? 4.071   -8.529  -5.558  1.00 22.84 ? 69  ARG A CA  1 
ATOM   544  C C   . ARG A 1 70  ? 4.871   -9.077  -6.749  1.00 22.14 ? 69  ARG A C   1 
ATOM   545  O O   . ARG A 1 70  ? 5.303   -10.223 -6.733  1.00 22.61 ? 69  ARG A O   1 
ATOM   546  C CB  . ARG A 1 70  ? 4.325   -9.347  -4.274  1.00 23.89 ? 69  ARG A CB  1 
ATOM   547  C CG  . ARG A 1 70  ? 5.798   -9.362  -3.854  1.00 23.50 ? 69  ARG A CG  1 
ATOM   548  C CD  . ARG A 1 70  ? 6.131   -8.125  -3.016  1.00 22.96 ? 69  ARG A CD  1 
ATOM   549  N NE  . ARG A 1 70  ? 7.517   -8.091  -2.537  1.00 23.11 ? 69  ARG A NE  1 
ATOM   550  C CZ  . ARG A 1 70  ? 7.927   -8.578  -1.373  1.00 21.78 ? 69  ARG A CZ  1 
ATOM   551  N NH1 . ARG A 1 70  ? 9.208   -8.497  -1.038  1.00 22.65 ? 69  ARG A NH1 1 
ATOM   552  N NH2 . ARG A 1 70  ? 7.062   -9.167  -0.548  1.00 20.70 ? 69  ARG A NH2 1 
ATOM   553  N N   . PRO A 1 71  ? 5.080   -8.241  -7.777  1.00 21.78 ? 70  PRO A N   1 
ATOM   554  C CA  . PRO A 1 71  ? 5.691   -8.737  -9.005  1.00 21.86 ? 70  PRO A CA  1 
ATOM   555  C C   . PRO A 1 71  ? 7.200   -8.885  -8.904  1.00 22.10 ? 70  PRO A C   1 
ATOM   556  O O   . PRO A 1 71  ? 7.790   -9.582  -9.731  1.00 21.48 ? 70  PRO A O   1 
ATOM   557  C CB  . PRO A 1 71  ? 5.354   -7.653  -10.038 1.00 21.23 ? 70  PRO A CB  1 
ATOM   558  C CG  . PRO A 1 71  ? 5.255   -6.378  -9.254  1.00 20.35 ? 70  PRO A CG  1 
ATOM   559  C CD  . PRO A 1 71  ? 4.695   -6.816  -7.880  1.00 21.52 ? 70  PRO A CD  1 
ATOM   560  N N   . SER A 1 72  ? 7.809   -8.252  -7.911  1.00 22.39 ? 71  SER A N   1 
ATOM   561  C CA  . SER A 1 72  ? 9.282   -8.291  -7.742  1.00 22.71 ? 71  SER A CA  1 
ATOM   562  C C   . SER A 1 72  ? 9.597   -8.206  -6.263  1.00 23.47 ? 71  SER A C   1 
ATOM   563  O O   . SER A 1 72  ? 8.670   -7.960  -5.449  1.00 24.40 ? 71  SER A O   1 
ATOM   564  C CB  . SER A 1 72  ? 9.923   -7.122  -8.474  1.00 22.89 ? 71  SER A CB  1 
ATOM   565  O OG  . SER A 1 72  ? 9.345   -5.900  -8.055  1.00 21.16 ? 71  SER A OG  1 
ATOM   566  N N   . GLN A 1 73  ? 10.858  -8.404  -5.882  1.00 23.11 ? 72  GLN A N   1 
ATOM   567  C CA  . GLN A 1 73  ? 11.220  -8.264  -4.466  1.00 23.83 ? 72  GLN A CA  1 
ATOM   568  C C   . GLN A 1 73  ? 10.906  -6.855  -3.971  1.00 24.75 ? 72  GLN A C   1 
ATOM   569  O O   . GLN A 1 73  ? 10.475  -6.683  -2.825  1.00 25.88 ? 72  GLN A O   1 
ATOM   570  C CB  . GLN A 1 73  ? 12.710  -8.574  -4.229  1.00 24.72 ? 72  GLN A CB  1 
ATOM   571  C CG  . GLN A 1 73  ? 13.116  -8.723  -2.750  1.00 26.67 ? 72  GLN A CG  1 
ATOM   572  C CD  . GLN A 1 73  ? 12.679  -10.058 -2.173  1.00 30.48 ? 72  GLN A CD  1 
ATOM   573  O OE1 . GLN A 1 73  ? 12.375  -10.179 -0.984  1.00 33.81 ? 72  GLN A OE1 1 
ATOM   574  N NE2 . GLN A 1 73  ? 12.666  -11.072 -3.007  1.00 29.11 ? 72  GLN A NE2 1 
ATOM   575  N N   . GLU A 1 74  ? 11.132  -5.861  -4.824  1.00 24.25 ? 73  GLU A N   1 
ATOM   576  C CA  . GLU A 1 74  ? 11.068  -4.460  -4.408  1.00 25.10 ? 73  GLU A CA  1 
ATOM   577  C C   . GLU A 1 74  ? 9.685   -3.920  -4.287  1.00 23.29 ? 73  GLU A C   1 
ATOM   578  O O   . GLU A 1 74  ? 9.463   -3.010  -3.502  1.00 24.59 ? 73  GLU A O   1 
ATOM   579  C CB  . GLU A 1 74  ? 11.765  -3.518  -5.393  1.00 25.38 ? 73  GLU A CB  1 
ATOM   580  C CG  . GLU A 1 74  ? 12.977  -4.008  -6.077  1.00 32.93 ? 73  GLU A CG  1 
ATOM   581  C CD  . GLU A 1 74  ? 12.617  -4.717  -7.351  1.00 33.70 ? 73  GLU A CD  1 
ATOM   582  O OE1 . GLU A 1 74  ? 12.514  -5.947  -7.218  1.00 36.95 ? 73  GLU A OE1 1 
ATOM   583  O OE2 . GLU A 1 74  ? 12.424  -4.067  -8.442  1.00 34.05 ? 73  GLU A OE2 1 
ATOM   584  N N   . GLN A 1 75  ? 8.788   -4.423  -5.117  1.00 23.55 ? 74  GLN A N   1 
ATOM   585  C CA  . GLN A 1 75  ? 7.513   -3.770  -5.412  1.00 22.60 ? 74  GLN A CA  1 
ATOM   586  C C   . GLN A 1 75  ? 6.311   -4.505  -4.838  1.00 21.75 ? 74  GLN A C   1 
ATOM   587  O O   . GLN A 1 75  ? 6.102   -5.693  -5.114  1.00 20.20 ? 74  GLN A O   1 
ATOM   588  C CB  . GLN A 1 75  ? 7.349   -3.589  -6.938  1.00 23.33 ? 74  GLN A CB  1 
ATOM   589  C CG  . GLN A 1 75  ? 6.006   -2.973  -7.414  1.00 25.01 ? 74  GLN A CG  1 
ATOM   590  C CD  . GLN A 1 75  ? 5.706   -1.620  -6.805  1.00 28.25 ? 74  GLN A CD  1 
ATOM   591  O OE1 . GLN A 1 75  ? 4.569   -1.358  -6.408  1.00 30.06 ? 74  GLN A OE1 1 
ATOM   592  N NE2 . GLN A 1 75  ? 6.722   -0.738  -6.736  1.00 30.81 ? 74  GLN A NE2 1 
ATOM   593  N N   . PHE A 1 76  ? 5.496   -3.767  -4.075  1.00 21.01 ? 75  PHE A N   1 
ATOM   594  C CA  . PHE A 1 76  ? 4.207   -4.276  -3.596  1.00 20.57 ? 75  PHE A CA  1 
ATOM   595  C C   . PHE A 1 76  ? 3.125   -3.234  -3.943  1.00 20.70 ? 75  PHE A C   1 
ATOM   596  O O   . PHE A 1 76  ? 3.106   -2.131  -3.401  1.00 19.58 ? 75  PHE A O   1 
ATOM   597  C CB  . PHE A 1 76  ? 4.270   -4.580  -2.098  1.00 20.17 ? 75  PHE A CB  1 
ATOM   598  C CG  . PHE A 1 76  ? 3.054   -5.312  -1.565  1.00 20.99 ? 75  PHE A CG  1 
ATOM   599  C CD1 . PHE A 1 76  ? 2.532   -6.428  -2.253  1.00 20.62 ? 75  PHE A CD1 1 
ATOM   600  C CD2 . PHE A 1 76  ? 2.438   -4.898  -0.377  1.00 20.26 ? 75  PHE A CD2 1 
ATOM   601  C CE1 . PHE A 1 76  ? 1.404   -7.117  -1.761  1.00 20.86 ? 75  PHE A CE1 1 
ATOM   602  C CE2 . PHE A 1 76  ? 1.315   -5.588  0.136   1.00 20.15 ? 75  PHE A CE2 1 
ATOM   603  C CZ  . PHE A 1 76  ? 0.809   -6.701  -0.556  1.00 21.42 ? 75  PHE A CZ  1 
ATOM   604  N N   . SER A 1 77  ? 2.273   -3.578  -4.897  1.00 21.84 ? 76  SER A N   1 
ATOM   605  C CA  . SER A 1 77  ? 1.306   -2.643  -5.468  1.00 23.06 ? 76  SER A CA  1 
ATOM   606  C C   . SER A 1 77  ? -0.087  -2.884  -4.895  1.00 22.75 ? 76  SER A C   1 
ATOM   607  O O   . SER A 1 77  ? -0.513  -4.033  -4.678  1.00 23.59 ? 76  SER A O   1 
ATOM   608  C CB  . SER A 1 77  ? 1.238   -2.793  -6.983  1.00 23.46 ? 76  SER A CB  1 
ATOM   609  O OG  . SER A 1 77  ? 2.510   -2.520  -7.571  1.00 26.41 ? 76  SER A OG  1 
ATOM   610  N N   . LEU A 1 78  ? -0.748  -1.786  -4.604  1.00 22.53 ? 77  LEU A N   1 
ATOM   611  C CA  . LEU A 1 78  ? -2.130  -1.807  -4.139  1.00 22.65 ? 77  LEU A CA  1 
ATOM   612  C C   . LEU A 1 78  ? -2.991  -1.289  -5.287  1.00 22.95 ? 77  LEU A C   1 
ATOM   613  O O   . LEU A 1 78  ? -2.785  -0.163  -5.749  1.00 22.87 ? 77  LEU A O   1 
ATOM   614  C CB  . LEU A 1 78  ? -2.280  -0.860  -2.934  1.00 22.20 ? 77  LEU A CB  1 
ATOM   615  C CG  . LEU A 1 78  ? -3.657  -0.923  -2.261  1.00 23.40 ? 77  LEU A CG  1 
ATOM   616  C CD1 . LEU A 1 78  ? -3.829  -2.283  -1.524  1.00 23.15 ? 77  LEU A CD1 1 
ATOM   617  C CD2 . LEU A 1 78  ? -3.848  0.304   -1.332  1.00 23.05 ? 77  LEU A CD2 1 
ATOM   618  N N   . ILE A 1 79  ? -3.951  -2.100  -5.720  1.00 23.58 ? 78  ILE A N   1 
ATOM   619  C CA  . ILE A 1 79  ? -4.831  -1.763  -6.828  1.00 25.02 ? 78  ILE A CA  1 
ATOM   620  C C   . ILE A 1 79  ? -6.286  -1.593  -6.365  1.00 25.14 ? 78  ILE A C   1 
ATOM   621  O O   . ILE A 1 79  ? -6.851  -2.464  -5.661  1.00 24.87 ? 78  ILE A O   1 
ATOM   622  C CB  . ILE A 1 79  ? -4.753  -2.862  -7.922  1.00 24.70 ? 78  ILE A CB  1 
ATOM   623  C CG1 . ILE A 1 79  ? -3.296  -3.075  -8.381  1.00 27.11 ? 78  ILE A CG1 1 
ATOM   624  C CG2 . ILE A 1 79  ? -5.661  -2.526  -9.108  1.00 27.07 ? 78  ILE A CG2 1 
ATOM   625  C CD1 . ILE A 1 79  ? -2.947  -4.518  -8.728  1.00 28.74 ? 78  ILE A CD1 1 
ATOM   626  N N   . LEU A 1 80  ? -6.891  -0.478  -6.769  1.00 25.30 ? 79  LEU A N   1 
ATOM   627  C CA  . LEU A 1 80  ? -8.327  -0.255  -6.597  1.00 25.82 ? 79  LEU A CA  1 
ATOM   628  C C   . LEU A 1 80  ? -8.893  -0.329  -8.002  1.00 26.57 ? 79  LEU A C   1 
ATOM   629  O O   . LEU A 1 80  ? -8.764  0.624   -8.780  1.00 26.85 ? 79  LEU A O   1 
ATOM   630  C CB  . LEU A 1 80  ? -8.609  1.120   -5.987  1.00 25.60 ? 79  LEU A CB  1 
ATOM   631  C CG  . LEU A 1 80  ? -8.110  1.481   -4.565  1.00 25.34 ? 79  LEU A CG  1 
ATOM   632  C CD1 . LEU A 1 80  ? -6.592  1.376   -4.368  1.00 24.78 ? 79  LEU A CD1 1 
ATOM   633  C CD2 . LEU A 1 80  ? -8.591  2.876   -4.121  1.00 25.69 ? 79  LEU A CD2 1 
ATOM   634  N N   . GLU A 1 81  ? -9.501  -1.464  -8.334  1.00 27.33 ? 80  GLU A N   1 
ATOM   635  C CA  . GLU A 1 81  ? -10.003 -1.680  -9.688  1.00 29.36 ? 80  GLU A CA  1 
ATOM   636  C C   . GLU A 1 81  ? -11.071 -0.653  -10.080 1.00 29.37 ? 80  GLU A C   1 
ATOM   637  O O   . GLU A 1 81  ? -11.163 -0.246  -11.232 1.00 29.91 ? 80  GLU A O   1 
ATOM   638  C CB  . GLU A 1 81  ? -10.518 -3.119  -9.847  1.00 30.08 ? 80  GLU A CB  1 
ATOM   639  C CG  . GLU A 1 81  ? -10.907 -3.523  -11.286 1.00 35.63 ? 80  GLU A CG  1 
ATOM   640  C CD  . GLU A 1 81  ? -9.784  -3.310  -12.320 1.00 42.09 ? 80  GLU A CD  1 
ATOM   641  O OE1 . GLU A 1 81  ? -9.986  -2.488  -13.255 1.00 44.59 ? 80  GLU A OE1 1 
ATOM   642  O OE2 . GLU A 1 81  ? -8.711  -3.959  -12.197 1.00 43.07 ? 80  GLU A OE2 1 
ATOM   643  N N   . LEU A 1 82  ? -11.851 -0.210  -9.105  1.00 30.17 ? 81  LEU A N   1 
ATOM   644  C CA  . LEU A 1 82  ? -12.925 0.730   -9.383  1.00 30.55 ? 81  LEU A CA  1 
ATOM   645  C C   . LEU A 1 82  ? -13.122 1.589   -8.124  1.00 30.15 ? 81  LEU A C   1 
ATOM   646  O O   . LEU A 1 82  ? -13.831 1.202   -7.193  1.00 30.43 ? 81  LEU A O   1 
ATOM   647  C CB  . LEU A 1 82  ? -14.168 -0.073  -9.836  1.00 30.58 ? 81  LEU A CB  1 
ATOM   648  C CG  . LEU A 1 82  ? -15.634 0.355   -9.893  1.00 31.30 ? 81  LEU A CG  1 
ATOM   649  C CD1 . LEU A 1 82  ? -15.757 1.720   -10.345 1.00 32.18 ? 81  LEU A CD1 1 
ATOM   650  C CD2 . LEU A 1 82  ? -16.523 -0.602  -10.813 1.00 33.45 ? 81  LEU A CD2 1 
ATOM   651  N N   . ALA A 1 83  ? -12.450 2.736   -8.081  1.00 29.23 ? 82  ALA A N   1 
ATOM   652  C CA  . ALA A 1 83  ? -12.399 3.533   -6.842  1.00 28.89 ? 82  ALA A CA  1 
ATOM   653  C C   . ALA A 1 83  ? -13.773 4.044   -6.379  1.00 28.21 ? 82  ALA A C   1 
ATOM   654  O O   . ALA A 1 83  ? -14.633 4.380   -7.205  1.00 27.99 ? 82  ALA A O   1 
ATOM   655  C CB  . ALA A 1 83  ? -11.424 4.688   -7.005  1.00 28.81 ? 82  ALA A CB  1 
ATOM   656  N N   . THR A 1 84  ? -13.972 4.073   -5.069  1.00 28.31 ? 83  THR A N   1 
ATOM   657  C CA  . THR A 1 84  ? -15.219 4.580   -4.479  1.00 27.72 ? 83  THR A CA  1 
ATOM   658  C C   . THR A 1 84  ? -14.887 5.605   -3.408  1.00 27.56 ? 83  THR A C   1 
ATOM   659  O O   . THR A 1 84  ? -13.772 5.604   -2.867  1.00 26.85 ? 83  THR A O   1 
ATOM   660  C CB  . THR A 1 84  ? -16.116 3.468   -3.883  1.00 27.73 ? 83  THR A CB  1 
ATOM   661  O OG1 . THR A 1 84  ? -15.396 2.726   -2.887  1.00 29.54 ? 83  THR A OG1 1 
ATOM   662  C CG2 . THR A 1 84  ? -16.582 2.542   -4.946  1.00 28.25 ? 83  THR A CG2 1 
ATOM   663  N N   . PRO A 1 85  ? -15.818 6.541   -3.144  1.00 26.61 ? 84  PRO A N   1 
ATOM   664  C CA  . PRO A 1 85  ? -15.525 7.544   -2.129  1.00 26.64 ? 84  PRO A CA  1 
ATOM   665  C C   . PRO A 1 85  ? -15.211 6.992   -0.742  1.00 26.50 ? 84  PRO A C   1 
ATOM   666  O O   . PRO A 1 85  ? -14.464 7.650   -0.028  1.00 26.30 ? 84  PRO A O   1 
ATOM   667  C CB  . PRO A 1 85  ? -16.775 8.440   -2.152  1.00 26.76 ? 84  PRO A CB  1 
ATOM   668  C CG  . PRO A 1 85  ? -17.279 8.293   -3.560  1.00 27.02 ? 84  PRO A CG  1 
ATOM   669  C CD  . PRO A 1 85  ? -17.100 6.820   -3.812  1.00 27.48 ? 84  PRO A CD  1 
ATOM   670  N N   . SER A 1 86  ? -15.730 5.807   -0.369  1.00 26.30 ? 85  SER A N   1 
ATOM   671  C CA  . SER A 1 86  ? -15.345 5.191   0.916   1.00 26.68 ? 85  SER A CA  1 
ATOM   672  C C   . SER A 1 86  ? -13.853 4.864   0.976   1.00 26.88 ? 85  SER A C   1 
ATOM   673  O O   . SER A 1 86  ? -13.334 4.569   2.051   1.00 27.84 ? 85  SER A O   1 
ATOM   674  C CB  . SER A 1 86  ? -16.163 3.951   1.269   1.00 25.71 ? 85  SER A CB  1 
ATOM   675  O OG  . SER A 1 86  ? -15.978 2.903   0.327   1.00 29.58 ? 85  SER A OG  1 
ATOM   676  N N   . GLN A 1 87  ? -13.166 4.922   -0.165  1.00 25.88 ? 86  GLN A N   1 
ATOM   677  C CA  . GLN A 1 87  ? -11.732 4.670   -0.185  1.00 25.10 ? 86  GLN A CA  1 
ATOM   678  C C   . GLN A 1 87  ? -10.866 5.917   -0.033  1.00 24.65 ? 86  GLN A C   1 
ATOM   679  O O   . GLN A 1 87  ? -9.638  5.819   0.037   1.00 24.65 ? 86  GLN A O   1 
ATOM   680  C CB  . GLN A 1 87  ? -11.360 3.903   -1.447  1.00 24.73 ? 86  GLN A CB  1 
ATOM   681  C CG  . GLN A 1 87  ? -11.948 2.513   -1.373  1.00 26.43 ? 86  GLN A CG  1 
ATOM   682  C CD  . GLN A 1 87  ? -11.786 1.730   -2.624  1.00 24.61 ? 86  GLN A CD  1 
ATOM   683  O OE1 . GLN A 1 87  ? -12.077 2.197   -3.726  1.00 25.08 ? 86  GLN A OE1 1 
ATOM   684  N NE2 . GLN A 1 87  ? -11.329 0.516   -2.468  1.00 24.44 ? 86  GLN A NE2 1 
ATOM   685  N N   . THR A 1 88  ? -11.502 7.076   0.020   1.00 24.81 ? 87  THR A N   1 
ATOM   686  C CA  . THR A 1 88  ? -10.812 8.323   0.352   1.00 25.08 ? 87  THR A CA  1 
ATOM   687  C C   . THR A 1 88  ? -10.159 8.215   1.718   1.00 25.69 ? 87  THR A C   1 
ATOM   688  O O   . THR A 1 88  ? -10.842 7.950   2.711   1.00 25.31 ? 87  THR A O   1 
ATOM   689  C CB  . THR A 1 88  ? -11.795 9.492   0.385   1.00 24.98 ? 87  THR A CB  1 
ATOM   690  O OG1 . THR A 1 88  ? -12.251 9.740   -0.943  1.00 23.48 ? 87  THR A OG1 1 
ATOM   691  C CG2 . THR A 1 88  ? -11.135 10.725  0.964   1.00 24.09 ? 87  THR A CG2 1 
ATOM   692  N N   . THR A 1 89  ? -8.832  8.376   1.772   1.00 25.60 ? 88  THR A N   1 
ATOM   693  C CA  . THR A 1 89  ? -8.081  8.158   3.003   1.00 26.42 ? 88  THR A CA  1 
ATOM   694  C C   . THR A 1 89  ? -6.570  8.359   2.797   1.00 26.55 ? 88  THR A C   1 
ATOM   695  O O   . THR A 1 89  ? -6.132  8.659   1.702   1.00 26.43 ? 88  THR A O   1 
ATOM   696  C CB  . THR A 1 89  ? -8.405  6.762   3.638   1.00 27.19 ? 88  THR A CB  1 
ATOM   697  O OG1 . THR A 1 89  ? -7.531  6.480   4.735   1.00 28.64 ? 88  THR A OG1 1 
ATOM   698  C CG2 . THR A 1 89  ? -8.254  5.715   2.665   1.00 30.17 ? 88  THR A CG2 1 
ATOM   699  N N   . VAL A 1 90  ? -5.793  8.225   3.865   1.00 25.11 ? 89  VAL A N   1 
ATOM   700  C CA  . VAL A 1 90  ? -4.352  8.171   3.744   1.00 25.42 ? 89  VAL A CA  1 
ATOM   701  C C   . VAL A 1 90  ? -3.994  6.689   3.783   1.00 25.03 ? 89  VAL A C   1 
ATOM   702  O O   . VAL A 1 90  ? -4.656  5.911   4.483   1.00 25.05 ? 89  VAL A O   1 
ATOM   703  C CB  . VAL A 1 90  ? -3.646  8.976   4.880   1.00 25.15 ? 89  VAL A CB  1 
ATOM   704  C CG1 . VAL A 1 90  ? -2.159  8.942   4.711   1.00 24.18 ? 89  VAL A CG1 1 
ATOM   705  C CG2 . VAL A 1 90  ? -4.133  10.474  4.908   1.00 25.05 ? 89  VAL A CG2 1 
ATOM   706  N N   . TYR A 1 91  ? -2.994  6.299   2.990   1.00 24.57 ? 90  TYR A N   1 
ATOM   707  C CA  . TYR A 1 91  ? -2.525  4.912   2.903   1.00 24.64 ? 90  TYR A CA  1 
ATOM   708  C C   . TYR A 1 91  ? -1.036  4.856   3.186   1.00 24.26 ? 90  TYR A C   1 
ATOM   709  O O   . TYR A 1 91  ? -0.299  5.663   2.647   1.00 24.37 ? 90  TYR A O   1 
ATOM   710  C CB  . TYR A 1 91  ? -2.736  4.325   1.501   1.00 23.66 ? 90  TYR A CB  1 
ATOM   711  C CG  . TYR A 1 91  ? -4.175  4.145   1.169   1.00 25.81 ? 90  TYR A CG  1 
ATOM   712  C CD1 . TYR A 1 91  ? -4.960  5.234   0.742   1.00 25.97 ? 90  TYR A CD1 1 
ATOM   713  C CD2 . TYR A 1 91  ? -4.780  2.899   1.299   1.00 24.22 ? 90  TYR A CD2 1 
ATOM   714  C CE1 . TYR A 1 91  ? -6.284  5.072   0.454   1.00 24.48 ? 90  TYR A CE1 1 
ATOM   715  C CE2 . TYR A 1 91  ? -6.123  2.725   1.008   1.00 26.76 ? 90  TYR A CE2 1 
ATOM   716  C CZ  . TYR A 1 91  ? -6.861  3.812   0.582   1.00 26.66 ? 90  TYR A CZ  1 
ATOM   717  O OH  . TYR A 1 91  ? -8.180  3.648   0.305   1.00 26.21 ? 90  TYR A OH  1 
ATOM   718  N N   . PHE A 1 92  ? -0.603  3.889   4.000   1.00 23.48 ? 91  PHE A N   1 
ATOM   719  C CA  . PHE A 1 92  ? 0.813   3.724   4.270   1.00 23.61 ? 91  PHE A CA  1 
ATOM   720  C C   . PHE A 1 92  ? 1.224   2.314   3.905   1.00 23.85 ? 91  PHE A C   1 
ATOM   721  O O   . PHE A 1 92  ? 0.554   1.327   4.253   1.00 24.01 ? 91  PHE A O   1 
ATOM   722  C CB  . PHE A 1 92  ? 1.160   3.978   5.744   1.00 22.96 ? 91  PHE A CB  1 
ATOM   723  C CG  . PHE A 1 92  ? 1.019   5.425   6.177   1.00 25.01 ? 91  PHE A CG  1 
ATOM   724  C CD1 . PHE A 1 92  ? 2.101   6.301   6.098   1.00 23.42 ? 91  PHE A CD1 1 
ATOM   725  C CD2 . PHE A 1 92  ? -0.192  5.899   6.653   1.00 24.28 ? 91  PHE A CD2 1 
ATOM   726  C CE1 . PHE A 1 92  ? 1.982   7.649   6.508   1.00 24.61 ? 91  PHE A CE1 1 
ATOM   727  C CE2 . PHE A 1 92  ? -0.328  7.241   7.042   1.00 25.42 ? 91  PHE A CE2 1 
ATOM   728  C CZ  . PHE A 1 92  ? 0.757   8.112   6.975   1.00 24.34 ? 91  PHE A CZ  1 
ATOM   729  N N   . CYS A 1 93  ? 2.350   2.216   3.231   1.00 23.91 ? 92  CYS A N   1 
ATOM   730  C CA  . CYS A 1 93  ? 2.910   0.898   3.006   1.00 23.93 ? 92  CYS A CA  1 
ATOM   731  C C   . CYS A 1 93  ? 4.086   0.691   3.963   1.00 24.19 ? 92  CYS A C   1 
ATOM   732  O O   . CYS A 1 93  ? 4.621   1.656   4.554   1.00 25.41 ? 92  CYS A O   1 
ATOM   733  C CB  . CYS A 1 93  ? 3.297   0.714   1.558   1.00 24.21 ? 92  CYS A CB  1 
ATOM   734  S SG  . CYS A 1 93  ? 4.907   1.367   1.124   1.00 27.21 ? 92  CYS A SG  1 
ATOM   735  N N   . ALA A 1 94  ? 4.465   -0.567  4.171   1.00 23.80 ? 93  ALA A N   1 
ATOM   736  C CA  . ALA A 1 94  ? 5.586   -0.865  5.047   1.00 23.25 ? 93  ALA A CA  1 
ATOM   737  C C   . ALA A 1 94  ? 6.312   -2.099  4.539   1.00 22.52 ? 93  ALA A C   1 
ATOM   738  O O   . ALA A 1 94  ? 5.781   -2.833  3.718   1.00 22.75 ? 93  ALA A O   1 
ATOM   739  C CB  . ALA A 1 94  ? 5.129   -1.055  6.455   1.00 22.60 ? 93  ALA A CB  1 
ATOM   740  N N   . SER A 1 95  ? 7.530   -2.317  5.005   1.00 21.75 ? 94  SER A N   1 
ATOM   741  C CA  . SER A 1 95  ? 8.242   -3.555  4.637   1.00 20.91 ? 94  SER A CA  1 
ATOM   742  C C   . SER A 1 95  ? 9.259   -3.897  5.722   1.00 20.37 ? 94  SER A C   1 
ATOM   743  O O   . SER A 1 95  ? 9.603   -3.032  6.557   1.00 19.93 ? 94  SER A O   1 
ATOM   744  C CB  . SER A 1 95  ? 8.865   -3.448  3.228   1.00 20.92 ? 94  SER A CB  1 
ATOM   745  O OG  . SER A 1 95  ? 9.842   -2.417  3.157   1.00 24.83 ? 94  SER A OG  1 
ATOM   746  N N   . GLY A 1 96  ? 9.721   -5.149  5.717   1.00 20.01 ? 95  GLY A N   1 
ATOM   747  C CA  . GLY A 1 96  ? 10.713  -5.625  6.665   1.00 21.07 ? 95  GLY A CA  1 
ATOM   748  C C   . GLY A 1 96  ? 10.885  -7.149  6.620   1.00 21.24 ? 95  GLY A C   1 
ATOM   749  O O   . GLY A 1 96  ? 10.243  -7.854  5.830   1.00 20.78 ? 95  GLY A O   1 
ATOM   750  N N   . GLY A 1 97  ? 11.772  -7.652  7.472   1.00 22.13 ? 96  GLY A N   1 
ATOM   751  C CA  . GLY A 1 97  ? 11.842  -9.106  7.754   1.00 22.25 ? 96  GLY A CA  1 
ATOM   752  C C   . GLY A 1 97  ? 11.368  -9.271  9.199   1.00 22.27 ? 96  GLY A C   1 
ATOM   753  O O   . GLY A 1 97  ? 11.447  -8.318  9.992   1.00 22.62 ? 96  GLY A O   1 
ATOM   754  N N   . GLY A 1 98  ? 10.877  -10.447 9.569   1.00 21.50 ? 97  GLY A N   1 
ATOM   755  C CA  . GLY A 1 98  ? 10.506  -10.697 10.973  1.00 23.01 ? 97  GLY A CA  1 
ATOM   756  C C   . GLY A 1 98  ? 9.434   -9.715  11.384  1.00 24.24 ? 97  GLY A C   1 
ATOM   757  O O   . GLY A 1 98  ? 8.547   -9.433  10.588  1.00 25.32 ? 97  GLY A O   1 
ATOM   758  N N   . GLY A 1 99  ? 9.546   -9.171  12.607  1.00 24.07 ? 98  GLY A N   1 
ATOM   759  C CA  . GLY A 1 99  ? 8.643   -8.129  13.122  1.00 23.47 ? 98  GLY A CA  1 
ATOM   760  C C   . GLY A 1 99  ? 8.990   -6.695  12.728  1.00 23.26 ? 98  GLY A C   1 
ATOM   761  O O   . GLY A 1 99  ? 8.288   -5.757  13.097  1.00 23.68 ? 98  GLY A O   1 
ATOM   762  N N   . THR A 1 100 ? 10.048  -6.496  11.946  1.00 22.79 ? 99  THR A N   1 
ATOM   763  C CA  . THR A 1 100 ? 10.451  -5.131  11.560  1.00 21.58 ? 99  THR A CA  1 
ATOM   764  C C   . THR A 1 100 ? 9.517   -4.467  10.559  1.00 21.18 ? 99  THR A C   1 
ATOM   765  O O   . THR A 1 100 ? 9.053   -5.106  9.600   1.00 21.26 ? 99  THR A O   1 
ATOM   766  C CB  . THR A 1 100 ? 11.908  -5.142  10.999  1.00 21.42 ? 99  THR A CB  1 
ATOM   767  O OG1 . THR A 1 100 ? 12.731  -5.853  11.931  1.00 22.95 ? 99  THR A OG1 1 
ATOM   768  C CG2 . THR A 1 100 ? 12.465  -3.744  10.825  1.00 20.94 ? 99  THR A CG2 1 
ATOM   769  N N   . LEU A 1 101 ? 9.249   -3.179  10.794  1.00 20.92 ? 100 LEU A N   1 
ATOM   770  C CA  . LEU A 1 101 ? 8.454   -2.355  9.881   1.00 20.34 ? 100 LEU A CA  1 
ATOM   771  C C   . LEU A 1 101 ? 9.196   -1.071  9.500   1.00 21.53 ? 100 LEU A C   1 
ATOM   772  O O   . LEU A 1 101 ? 9.391   -0.168  10.345  1.00 21.36 ? 100 LEU A O   1 
ATOM   773  C CB  . LEU A 1 101 ? 7.086   -2.008  10.499  1.00 19.71 ? 100 LEU A CB  1 
ATOM   774  C CG  . LEU A 1 101 ? 6.163   -3.180  10.879  1.00 20.10 ? 100 LEU A CG  1 
ATOM   775  C CD1 . LEU A 1 101 ? 4.967   -2.665  11.646  1.00 22.67 ? 100 LEU A CD1 1 
ATOM   776  C CD2 . LEU A 1 101 ? 5.687   -3.895  9.630   1.00 22.24 ? 100 LEU A CD2 1 
ATOM   777  N N   . TYR A 1 102 ? 9.634   -1.009  8.234   1.00 21.30 ? 101 TYR A N   1 
ATOM   778  C CA  . TYR A 1 102 ? 10.089  0.225   7.627   1.00 22.61 ? 101 TYR A CA  1 
ATOM   779  C C   . TYR A 1 102 ? 8.943   0.862   6.875   1.00 22.72 ? 101 TYR A C   1 
ATOM   780  O O   . TYR A 1 102 ? 8.265   0.206   6.087   1.00 23.89 ? 101 TYR A O   1 
ATOM   781  C CB  . TYR A 1 102 ? 11.192  -0.020  6.610   1.00 22.68 ? 101 TYR A CB  1 
ATOM   782  C CG  . TYR A 1 102 ? 12.533  -0.196  7.234   1.00 24.64 ? 101 TYR A CG  1 
ATOM   783  C CD1 . TYR A 1 102 ? 13.425  0.865   7.315   1.00 26.42 ? 101 TYR A CD1 1 
ATOM   784  C CD2 . TYR A 1 102 ? 12.913  -1.427  7.755   1.00 27.50 ? 101 TYR A CD2 1 
ATOM   785  C CE1 . TYR A 1 102 ? 14.706  0.697   7.878   1.00 27.02 ? 101 TYR A CE1 1 
ATOM   786  C CE2 . TYR A 1 102 ? 14.188  -1.618  8.324   1.00 27.47 ? 101 TYR A CE2 1 
ATOM   787  C CZ  . TYR A 1 102 ? 15.067  -0.549  8.385   1.00 26.52 ? 101 TYR A CZ  1 
ATOM   788  O OH  . TYR A 1 102 ? 16.294  -0.749  8.958   1.00 25.32 ? 101 TYR A OH  1 
ATOM   789  N N   . PHE A 1 103 ? 8.260   2.119   7.266   1.00 23.86 ? 108 PHE A N   1 
ATOM   790  C CA  . PHE A 1 103 ? 7.060   2.657   6.651   1.00 24.59 ? 108 PHE A CA  1 
ATOM   791  C C   . PHE A 1 103 ? 7.432   3.626   5.549   1.00 24.54 ? 108 PHE A C   1 
ATOM   792  O O   . PHE A 1 103 ? 8.428   4.354   5.655   1.00 24.81 ? 108 PHE A O   1 
ATOM   793  C CB  . PHE A 1 103 ? 6.191   3.372   7.697   1.00 24.11 ? 108 PHE A CB  1 
ATOM   794  C CG  . PHE A 1 103 ? 5.337   2.450   8.496   1.00 25.53 ? 108 PHE A CG  1 
ATOM   795  C CD1 . PHE A 1 103 ? 5.805   1.908   9.691   1.00 24.93 ? 108 PHE A CD1 1 
ATOM   796  C CD2 . PHE A 1 103 ? 4.072   2.101   8.050   1.00 26.13 ? 108 PHE A CD2 1 
ATOM   797  C CE1 . PHE A 1 103 ? 5.015   1.047   10.444  1.00 27.86 ? 108 PHE A CE1 1 
ATOM   798  C CE2 . PHE A 1 103 ? 3.266   1.228   8.790   1.00 28.11 ? 108 PHE A CE2 1 
ATOM   799  C CZ  . PHE A 1 103 ? 3.732   0.702   10.003  1.00 26.74 ? 108 PHE A CZ  1 
ATOM   800  N N   . GLY A 1 104 ? 6.630   3.621   4.487   1.00 25.13 ? 109 GLY A N   1 
ATOM   801  C CA  . GLY A 1 104 ? 6.603   4.711   3.513   1.00 23.96 ? 109 GLY A CA  1 
ATOM   802  C C   . GLY A 1 104 ? 6.081   6.022   4.106   1.00 24.75 ? 109 GLY A C   1 
ATOM   803  O O   . GLY A 1 104 ? 5.647   6.070   5.266   1.00 23.03 ? 109 GLY A O   1 
ATOM   804  N N   . ALA A 1 105 ? 6.152   7.098   3.318   1.00 24.80 ? 110 ALA A N   1 
ATOM   805  C CA  . ALA A 1 105 ? 5.812   8.425   3.827   1.00 24.87 ? 110 ALA A CA  1 
ATOM   806  C C   . ALA A 1 105 ? 4.311   8.719   3.691   1.00 24.81 ? 110 ALA A C   1 
ATOM   807  O O   . ALA A 1 105 ? 3.824   9.728   4.194   1.00 23.75 ? 110 ALA A O   1 
ATOM   808  C CB  . ALA A 1 105 ? 6.648   9.524   3.117   1.00 25.51 ? 110 ALA A CB  1 
ATOM   809  N N   . GLY A 1 106 ? 3.580   7.852   3.002   1.00 24.27 ? 111 GLY A N   1 
ATOM   810  C CA  . GLY A 1 106 ? 2.138   8.039   2.900   1.00 23.73 ? 111 GLY A CA  1 
ATOM   811  C C   . GLY A 1 106 ? 1.668   8.534   1.548   1.00 24.30 ? 111 GLY A C   1 
ATOM   812  O O   . GLY A 1 106 ? 2.393   9.204   0.813   1.00 24.23 ? 111 GLY A O   1 
ATOM   813  N N   . THR A 1 107 ? 0.442   8.154   1.216   1.00 23.79 ? 112 THR A N   1 
ATOM   814  C CA  . THR A 1 107 ? -0.217  8.597   0.005   1.00 23.35 ? 112 THR A CA  1 
ATOM   815  C C   . THR A 1 107 ? -1.575  9.115   0.421   1.00 23.93 ? 112 THR A C   1 
ATOM   816  O O   . THR A 1 107 ? -2.337  8.381   1.054   1.00 23.61 ? 112 THR A O   1 
ATOM   817  C CB  . THR A 1 107 ? -0.426  7.441   -0.981  1.00 22.69 ? 112 THR A CB  1 
ATOM   818  O OG1 . THR A 1 107 ? 0.846   6.967   -1.443  1.00 25.25 ? 112 THR A OG1 1 
ATOM   819  C CG2 . THR A 1 107 ? -1.254  7.902   -2.193  1.00 23.70 ? 112 THR A CG2 1 
ATOM   820  N N   . ARG A 1 108 ? -1.897  10.350  0.041   1.00 23.87 ? 113 ARG A N   1 
ATOM   821  C CA  . ARG A 1 108 ? -3.261  10.862  0.279   1.00 24.88 ? 113 ARG A CA  1 
ATOM   822  C C   . ARG A 1 108 ? -4.091  10.568  -0.932  1.00 24.26 ? 113 ARG A C   1 
ATOM   823  O O   . ARG A 1 108 ? -3.710  10.984  -2.025  1.00 24.66 ? 113 ARG A O   1 
ATOM   824  C CB  . ARG A 1 108 ? -3.257  12.370  0.500   1.00 25.19 ? 113 ARG A CB  1 
ATOM   825  C CG  . ARG A 1 108 ? -2.782  12.821  1.857   1.00 27.98 ? 113 ARG A CG  1 
ATOM   826  C CD  . ARG A 1 108 ? -2.740  14.340  1.866   1.00 28.28 ? 113 ARG A CD  1 
ATOM   827  N NE  . ARG A 1 108 ? -2.223  14.860  3.129   1.00 26.58 ? 113 ARG A NE  1 
ATOM   828  C CZ  . ARG A 1 108 ? -2.259  16.146  3.468   1.00 30.91 ? 113 ARG A CZ  1 
ATOM   829  N NH1 . ARG A 1 108 ? -2.754  17.055  2.627   1.00 27.38 ? 113 ARG A NH1 1 
ATOM   830  N NH2 . ARG A 1 108 ? -1.782  16.541  4.645   1.00 30.56 ? 113 ARG A NH2 1 
ATOM   831  N N   . LEU A 1 109 ? -5.195  9.824   -0.751  1.00 24.17 ? 114 LEU A N   1 
ATOM   832  C CA  . LEU A 1 109 ? -6.128  9.532   -1.851  1.00 24.26 ? 114 LEU A CA  1 
ATOM   833  C C   . LEU A 1 109 ? -7.504  10.177  -1.619  1.00 23.97 ? 114 LEU A C   1 
ATOM   834  O O   . LEU A 1 109 ? -8.130  9.960   -0.579  1.00 24.07 ? 114 LEU A O   1 
ATOM   835  C CB  . LEU A 1 109 ? -6.327  8.018   -2.050  1.00 24.35 ? 114 LEU A CB  1 
ATOM   836  C CG  . LEU A 1 109 ? -7.444  7.587   -3.017  1.00 26.05 ? 114 LEU A CG  1 
ATOM   837  C CD1 . LEU A 1 109 ? -7.006  7.754   -4.434  1.00 25.89 ? 114 LEU A CD1 1 
ATOM   838  C CD2 . LEU A 1 109 ? -7.863  6.115   -2.781  1.00 23.43 ? 114 LEU A CD2 1 
ATOM   839  N N   . SER A 1 110 ? -7.964  10.920  -2.628  1.00 23.86 ? 115 SER A N   1 
ATOM   840  C CA  . SER A 1 110 ? -9.293  11.533  -2.648  1.00 23.71 ? 115 SER A CA  1 
ATOM   841  C C   . SER A 1 110 ? -10.041 10.977  -3.873  1.00 23.77 ? 115 SER A C   1 
ATOM   842  O O   . SER A 1 110 ? -9.589  11.153  -5.019  1.00 25.13 ? 115 SER A O   1 
ATOM   843  C CB  . SER A 1 110 ? -9.157  13.047  -2.763  1.00 23.17 ? 115 SER A CB  1 
ATOM   844  O OG  . SER A 1 110 ? -10.435 13.679  -2.786  1.00 23.48 ? 115 SER A OG  1 
ATOM   845  N N   . VAL A 1 111 ? -11.163 10.303  -3.617  1.00 24.48 ? 116 VAL A N   1 
ATOM   846  C CA  . VAL A 1 111 ? -12.027 9.772   -4.674  1.00 24.89 ? 116 VAL A CA  1 
ATOM   847  C C   . VAL A 1 111 ? -13.295 10.628  -4.764  1.00 26.94 ? 116 VAL A C   1 
ATOM   848  O O   . VAL A 1 111 ? -14.091 10.677  -3.827  1.00 27.56 ? 116 VAL A O   1 
ATOM   849  C CB  . VAL A 1 111 ? -12.404 8.301   -4.455  1.00 24.68 ? 116 VAL A CB  1 
ATOM   850  C CG1 . VAL A 1 111 ? -13.194 7.762   -5.669  1.00 22.40 ? 116 VAL A CG1 1 
ATOM   851  C CG2 . VAL A 1 111 ? -11.136 7.426   -4.201  1.00 24.88 ? 116 VAL A CG2 1 
ATOM   852  N N   . LEU A 1 112 ? -13.465 11.313  -5.897  1.00 27.99 ? 117 LEU A N   1 
ATOM   853  C CA  . LEU A 1 112 ? -14.544 12.295  -6.071  1.00 28.92 ? 117 LEU A CA  1 
ATOM   854  C C   . LEU A 1 112 ? -15.746 11.685  -6.786  1.00 29.66 ? 117 LEU A C   1 
ATOM   855  O O   . LEU A 1 112 ? -15.589 10.780  -7.618  1.00 29.83 ? 117 LEU A O   1 
ATOM   856  C CB  . LEU A 1 112 ? -14.031 13.489  -6.877  1.00 29.03 ? 117 LEU A CB  1 
ATOM   857  C CG  . LEU A 1 112 ? -12.869 14.304  -6.278  1.00 30.69 ? 117 LEU A CG  1 
ATOM   858  C CD1 . LEU A 1 112 ? -12.635 15.594  -7.079  1.00 31.37 ? 117 LEU A CD1 1 
ATOM   859  C CD2 . LEU A 1 112 ? -13.111 14.638  -4.809  1.00 30.36 ? 117 LEU A CD2 1 
ATOM   860  O OXT . LEU A 1 112 ? -16.889 12.110  -6.539  1.00 30.27 ? 117 LEU A OXT 1 
HETATM 861  C C1  . MLA B 2 .   ? -9.136  -4.774  14.641  1.00 26.64 ? 200 MLA A C1  1 
HETATM 862  O O1A . MLA B 2 .   ? -9.715  -5.104  15.688  1.00 23.93 ? 200 MLA A O1A 1 
HETATM 863  O O1B . MLA B 2 .   ? -8.774  -3.605  14.478  1.00 22.46 ? 200 MLA A O1B 1 
HETATM 864  C C2  . MLA B 2 .   ? -8.856  -5.821  13.534  1.00 24.99 ? 200 MLA A C2  1 
HETATM 865  C C3  . MLA B 2 .   ? -10.144 -6.061  12.723  1.00 28.03 ? 200 MLA A C3  1 
HETATM 866  O O3A . MLA B 2 .   ? -10.764 -7.132  12.812  1.00 28.50 ? 200 MLA A O3A 1 
HETATM 867  O O3B . MLA B 2 .   ? -10.567 -5.187  11.978  1.00 26.75 ? 200 MLA A O3B 1 
HETATM 868  O O   . HOH C 3 .   ? 14.408  -4.850  -2.251  1.00 24.28 ? 201 HOH A O   1 
HETATM 869  O O   . HOH C 3 .   ? 8.170   -7.440  8.806   1.00 18.36 ? 202 HOH A O   1 
HETATM 870  O O   . HOH C 3 .   ? -6.388  -4.165  10.510  1.00 20.58 ? 203 HOH A O   1 
HETATM 871  O O   . HOH C 3 .   ? 8.650   -13.925 4.474   1.00 26.04 ? 204 HOH A O   1 
HETATM 872  O O   . HOH C 3 .   ? -10.145 0.033   16.915  1.00 20.91 ? 205 HOH A O   1 
HETATM 873  O O   . HOH C 3 .   ? 7.436   7.642   0.590   1.00 20.98 ? 206 HOH A O   1 
HETATM 874  O O   . HOH C 3 .   ? 13.541  -9.812  4.718   1.00 18.13 ? 207 HOH A O   1 
HETATM 875  O O   . HOH C 3 .   ? 17.549  1.536   1.010   1.00 29.87 ? 208 HOH A O   1 
HETATM 876  O O   . HOH C 3 .   ? -10.286 -10.237 6.319   1.00 28.16 ? 209 HOH A O   1 
HETATM 877  O O   . HOH C 3 .   ? 19.852  -1.336  -2.243  1.00 26.28 ? 210 HOH A O   1 
HETATM 878  O O   . HOH C 3 .   ? 10.238  -12.765 8.090   1.00 31.65 ? 211 HOH A O   1 
HETATM 879  O O   . HOH C 3 .   ? -4.186  -10.742 -1.219  1.00 24.86 ? 212 HOH A O   1 
HETATM 880  O O   . HOH C 3 .   ? 12.364  2.824   -2.527  1.00 32.41 ? 213 HOH A O   1 
HETATM 881  O O   . HOH C 3 .   ? -11.567 -2.605  2.591   1.00 26.17 ? 214 HOH A O   1 
HETATM 882  O O   . HOH C 3 .   ? 15.081  -10.384 2.759   1.00 17.93 ? 215 HOH A O   1 
HETATM 883  O O   . HOH C 3 .   ? 8.090   -16.429 -6.446  1.00 27.86 ? 216 HOH A O   1 
HETATM 884  O O   . HOH C 3 .   ? 7.193   3.956   -5.168  1.00 33.58 ? 217 HOH A O   1 
HETATM 885  O O   . HOH C 3 .   ? 8.420   -4.413  -10.360 1.00 23.29 ? 218 HOH A O   1 
HETATM 886  O O   . HOH C 3 .   ? -4.983  -9.422  -4.056  1.00 32.08 ? 219 HOH A O   1 
HETATM 887  O O   . HOH C 3 .   ? 1.742   -11.248 -6.741  1.00 25.55 ? 220 HOH A O   1 
HETATM 888  O O   . HOH C 3 .   ? -8.218  -2.136  16.583  1.00 24.62 ? 221 HOH A O   1 
HETATM 889  O O   . HOH C 3 .   ? 9.508   -0.830  -7.844  1.00 31.88 ? 222 HOH A O   1 
HETATM 890  O O   . HOH C 3 .   ? -18.169 4.662   -1.546  1.00 35.50 ? 223 HOH A O   1 
HETATM 891  O O   . HOH C 3 .   ? -12.116 -8.735  7.347   1.00 23.37 ? 224 HOH A O   1 
HETATM 892  O O   . HOH C 3 .   ? -11.332 4.954   3.701   1.00 33.53 ? 225 HOH A O   1 
HETATM 893  O O   . HOH C 3 .   ? -13.989 -0.135  5.018   1.00 28.20 ? 226 HOH A O   1 
HETATM 894  O O   . HOH C 3 .   ? -7.121  8.626   6.747   1.00 33.67 ? 227 HOH A O   1 
HETATM 895  O O   . HOH C 3 .   ? -1.784  13.302  5.633   1.00 46.26 ? 228 HOH A O   1 
HETATM 896  O O   . HOH C 3 .   ? -2.743  -14.977 -2.473  1.00 36.58 ? 229 HOH A O   1 
HETATM 897  O O   . HOH C 3 .   ? 4.314   11.574  -5.896  1.00 40.41 ? 230 HOH A O   1 
HETATM 898  O O   . HOH C 3 .   ? -9.728  -8.282  -1.840  1.00 25.28 ? 231 HOH A O   1 
HETATM 899  O O   . HOH C 3 .   ? 14.751  -7.913  6.280   1.00 33.49 ? 232 HOH A O   1 
HETATM 900  O O   . HOH C 3 .   ? -10.047 5.467   6.375   1.00 30.36 ? 233 HOH A O   1 
HETATM 901  O O   . HOH C 3 .   ? -16.892 2.513   -8.009  1.00 37.07 ? 234 HOH A O   1 
HETATM 902  O O   . HOH C 3 .   ? -2.473  -16.706 -0.429  1.00 32.29 ? 235 HOH A O   1 
HETATM 903  O O   . HOH C 3 .   ? -5.091  -14.572 1.714   1.00 27.88 ? 236 HOH A O   1 
HETATM 904  O O   . HOH C 3 .   ? -11.955 -11.370 0.981   1.00 51.19 ? 237 HOH A O   1 
HETATM 905  O O   . HOH C 3 .   ? -13.726 1.016   2.099   1.00 33.44 ? 238 HOH A O   1 
HETATM 906  O O   . HOH C 3 .   ? -0.702  4.385   13.863  1.00 33.51 ? 239 HOH A O   1 
HETATM 907  O O   . HOH C 3 .   ? -3.416  4.973   -10.787 1.00 37.92 ? 240 HOH A O   1 
HETATM 908  O O   . HOH C 3 .   ? -0.439  -15.823 7.534   1.00 40.74 ? 241 HOH A O   1 
HETATM 909  O O   . HOH C 3 .   ? 11.662  3.701   5.152   1.00 43.44 ? 242 HOH A O   1 
HETATM 910  O O   . HOH C 3 .   ? 7.051   7.005   7.560   1.00 49.78 ? 243 HOH A O   1 
HETATM 911  O O   . HOH C 3 .   ? -9.487  3.972   -15.046 1.00 31.38 ? 244 HOH A O   1 
HETATM 912  O O   . HOH C 3 .   ? -17.098 -5.066  1.911   1.00 30.89 ? 245 HOH A O   1 
HETATM 913  O O   . HOH C 3 .   ? -4.828  -11.826 8.452   1.00 53.22 ? 246 HOH A O   1 
HETATM 914  O O   . HOH C 3 .   ? 18.532  0.859   8.491   1.00 34.83 ? 247 HOH A O   1 
HETATM 915  O O   . HOH C 3 .   ? -6.981  -10.214 12.285  1.00 45.68 ? 248 HOH A O   1 
HETATM 916  O O   . HOH C 3 .   ? 10.754  -13.271 0.446   1.00 38.66 ? 249 HOH A O   1 
HETATM 917  O O   . HOH C 3 .   ? -0.321  16.530  0.099   1.00 35.54 ? 250 HOH A O   1 
HETATM 918  O O   . HOH C 3 .   ? 1.252   12.512  1.845   1.00 45.86 ? 251 HOH A O   1 
HETATM 919  O O   . HOH C 3 .   ? 2.286   13.433  -5.551  1.00 42.24 ? 252 HOH A O   1 
HETATM 920  O O   . HOH C 3 .   ? 0.035   -18.619 1.533   1.00 27.16 ? 253 HOH A O   1 
HETATM 921  O O   . HOH C 3 .   ? -11.993 -9.207  -0.644  1.00 38.11 ? 254 HOH A O   1 
HETATM 922  O O   . HOH C 3 .   ? -14.338 -0.477  -4.982  1.00 35.77 ? 255 HOH A O   1 
HETATM 923  O O   . HOH C 3 .   ? -12.822 -4.599  13.467  1.00 24.14 ? 256 HOH A O   1 
HETATM 924  O O   . HOH C 3 .   ? -13.200 -0.701  0.047   1.00 33.52 ? 257 HOH A O   1 
HETATM 925  O O   . HOH C 3 .   ? -2.023  -1.883  -11.742 1.00 42.55 ? 258 HOH A O   1 
HETATM 926  O O   . HOH C 3 .   ? -4.759  -13.477 -1.066  1.00 50.22 ? 259 HOH A O   1 
HETATM 927  O O   . HOH C 3 .   ? -13.610 8.261   3.721   1.00 48.24 ? 260 HOH A O   1 
HETATM 928  O O   . HOH C 3 .   ? 5.874   -6.051  14.180  1.00 35.80 ? 261 HOH A O   1 
HETATM 929  O O   . HOH C 3 .   ? -14.054 -7.507  -2.477  1.00 65.22 ? 262 HOH A O   1 
HETATM 930  O O   . HOH C 3 .   ? 10.845  3.641   -8.875  1.00 42.41 ? 263 HOH A O   1 
HETATM 931  O O   . HOH C 3 .   ? 5.467   -12.226 -9.059  1.00 36.55 ? 264 HOH A O   1 
HETATM 932  O O   . HOH C 3 .   ? 14.696  3.342   -1.608  1.00 32.22 ? 265 HOH A O   1 
HETATM 933  O O   . HOH C 3 .   ? -11.650 -6.798  -4.068  1.00 54.79 ? 266 HOH A O   1 
HETATM 934  O O   . HOH C 3 .   ? 4.447   -7.595  11.551  1.00 38.15 ? 267 HOH A O   1 
HETATM 935  O O   . HOH C 3 .   ? 14.333  -12.268 -4.396  1.00 41.17 ? 268 HOH A O   1 
HETATM 936  O O   . HOH C 3 .   ? -11.616 7.384   14.820  1.00 41.65 ? 269 HOH A O   1 
HETATM 937  O O   . HOH C 3 .   ? 16.564  -6.852  4.470   1.00 31.48 ? 270 HOH A O   1 
HETATM 938  O O   . HOH C 3 .   ? -12.530 12.990  -1.924  1.00 34.17 ? 271 HOH A O   1 
HETATM 939  O O   . HOH C 3 .   ? 10.298  -2.465  -9.704  1.00 37.53 ? 272 HOH A O   1 
HETATM 940  O O   . HOH C 3 .   ? -4.864  -13.768 5.667   1.00 41.64 ? 273 HOH A O   1 
HETATM 941  O O   . HOH C 3 .   ? -3.787  -16.396 4.824   1.00 40.91 ? 274 HOH A O   1 
HETATM 942  O O   . HOH C 3 .   ? -14.799 0.032   -2.331  1.00 40.83 ? 275 HOH A O   1 
HETATM 943  O O   . HOH C 3 .   ? -3.284  1.914   -12.474 1.00 38.40 ? 276 HOH A O   1 
HETATM 944  O O   . HOH C 3 .   ? 6.244   4.019   -9.305  1.00 64.74 ? 277 HOH A O   1 
HETATM 945  O O   . HOH C 3 .   ? -1.469  5.877   -9.443  1.00 46.65 ? 278 HOH A O   1 
HETATM 946  O O   . HOH C 3 .   ? -12.735 -6.607  3.581   1.00 37.76 ? 279 HOH A O   1 
HETATM 947  O O   . HOH C 3 .   ? 13.541  -12.019 6.429   1.00 37.36 ? 280 HOH A O   1 
HETATM 948  O O   . HOH C 3 .   ? -16.126 1.678   -13.216 1.00 58.06 ? 281 HOH A O   1 
HETATM 949  O O   . HOH C 3 .   ? 7.553   -15.712 6.165   0.50 20.11 ? 282 HOH A O   1 
HETATM 950  O O   . HOH C 3 .   ? 15.917  -7.686  -5.878  1.00 25.90 ? 283 HOH A O   1 
HETATM 951  O O   . HOH C 3 .   ? -11.445 -8.718  9.707   1.00 34.54 ? 284 HOH A O   1 
HETATM 952  O O   . HOH C 3 .   ? 5.359   8.761   8.585   1.00 49.95 ? 285 HOH A O   1 
HETATM 953  O O   . HOH C 3 .   ? -9.203  -3.737  -6.608  1.00 38.06 ? 286 HOH A O   1 
HETATM 954  O O   . HOH C 3 .   ? 10.717  -13.998 5.760   1.00 33.99 ? 287 HOH A O   1 
HETATM 955  O O   . HOH C 3 .   ? 2.604   15.838  -0.302  1.00 49.83 ? 288 HOH A O   1 
HETATM 956  O O   . HOH C 3 .   ? -11.686 -11.743 3.924   1.00 39.49 ? 289 HOH A O   1 
HETATM 957  O O   . HOH C 3 .   ? -8.863  10.196  6.193   1.00 36.86 ? 290 HOH A O   1 
HETATM 958  O O   . HOH C 3 .   ? 8.442   -6.252  -12.364 1.00 51.71 ? 291 HOH A O   1 
HETATM 959  O O   . HOH C 3 .   ? -7.540  -11.717 8.533   1.00 51.39 ? 292 HOH A O   1 
HETATM 960  O O   . HOH C 3 .   ? -9.304  -9.701  13.811  1.00 49.65 ? 293 HOH A O   1 
HETATM 961  O O   . HOH C 3 .   ? -1.127  10.749  8.434   1.00 43.22 ? 294 HOH A O   1 
HETATM 962  O O   . HOH C 3 .   ? 8.192   5.960   10.248  1.00 47.69 ? 295 HOH A O   1 
HETATM 963  O O   . HOH C 3 .   ? 9.040   5.006   -6.341  1.00 47.75 ? 296 HOH A O   1 
HETATM 964  O O   . HOH C 3 .   ? -11.168 -4.226  17.220  1.00 28.60 ? 297 HOH A O   1 
HETATM 965  O O   . HOH C 3 .   ? 1.486   15.450  4.018   1.00 60.30 ? 298 HOH A O   1 
HETATM 966  O O   . HOH C 3 .   ? -15.860 4.212   -14.867 1.00 60.71 ? 299 HOH A O   1 
HETATM 967  O O   . HOH C 3 .   ? -5.104  14.253  4.877   1.00 42.10 ? 300 HOH A O   1 
HETATM 968  O O   . HOH C 3 .   ? -12.894 -5.507  16.006  1.00 34.00 ? 301 HOH A O   1 
HETATM 969  O O   . HOH C 3 .   ? 15.638  -11.828 -2.066  1.00 40.82 ? 302 HOH A O   1 
HETATM 970  O O   . HOH C 3 .   ? -12.013 0.801   -13.753 1.00 52.23 ? 303 HOH A O   1 
HETATM 971  O O   . HOH C 3 .   ? -11.797 -0.428  -5.973  1.00 38.70 ? 304 HOH A O   1 
HETATM 972  O O   . HOH C 3 .   ? 0.101   7.671   -10.438 1.00 52.07 ? 305 HOH A O   1 
HETATM 973  O O   . HOH C 3 .   ? -16.383 12.130  -2.780  1.00 44.76 ? 306 HOH A O   1 
HETATM 974  O O   . HOH C 3 .   ? 13.915  -13.407 0.041   1.00 37.91 ? 307 HOH A O   1 
HETATM 975  O O   . HOH C 3 .   ? 16.047  -9.794  -4.454  1.00 43.23 ? 308 HOH A O   1 
HETATM 976  O O   . HOH C 3 .   ? 5.436   10.752  6.773   1.00 58.71 ? 309 HOH A O   1 
HETATM 977  O O   . HOH C 3 .   ? 2.651   -6.396  11.003  0.50 41.05 ? 310 HOH A O   1 
HETATM 978  O O   . HOH C 3 .   ? 1.527   -15.278 -7.848  1.00 44.38 ? 311 HOH A O   1 
HETATM 979  O O   . HOH C 3 .   ? 5.988   -14.791 -9.552  1.00 47.89 ? 312 HOH A O   1 
HETATM 980  O O   . HOH C 3 .   ? 3.495   5.649   -9.160  1.00 60.76 ? 313 HOH A O   1 
HETATM 981  O O   . HOH C 3 .   ? 0.540   8.727   11.220  1.00 46.64 ? 314 HOH A O   1 
HETATM 982  O O   . HOH C 3 .   ? 15.064  -14.032 5.261   1.00 63.62 ? 315 HOH A O   1 
HETATM 983  O O   . HOH C 3 .   ? -10.048 -7.524  16.866  1.00 34.12 ? 316 HOH A O   1 
HETATM 984  O O   . HOH C 3 .   ? -2.641  -15.350 9.814   1.00 62.11 ? 317 HOH A O   1 
HETATM 985  O O   . HOH C 3 .   ? -11.159 -2.080  15.958  1.00 36.54 ? 318 HOH A O   1 
HETATM 986  O O   . HOH C 3 .   ? 1.533   18.186  3.815   1.00 60.34 ? 319 HOH A O   1 
HETATM 987  O O   . HOH C 3 .   ? -6.888  12.833  3.637   1.00 36.97 ? 320 HOH A O   1 
HETATM 988  O O   . HOH C 3 .   ? -16.678 -8.539  -4.507  1.00 70.07 ? 321 HOH A O   1 
HETATM 989  O O   . HOH C 3 .   ? 0.691   11.705  3.990   1.00 47.22 ? 322 HOH A O   1 
HETATM 990  O O   . HOH C 3 .   ? 4.274   -11.442 9.610   1.00 33.58 ? 323 HOH A O   1 
HETATM 991  O O   . HOH C 3 .   ? -12.585 -7.374  17.654  0.50 27.37 ? 324 HOH A O   1 
HETATM 992  O O   . HOH C 3 .   ? 1.541   -10.359 9.193   1.00 51.57 ? 325 HOH A O   1 
HETATM 993  O O   . HOH C 3 .   ? 5.561   7.698   11.026  1.00 60.24 ? 326 HOH A O   1 
HETATM 994  O O   . HOH C 3 .   ? 20.377  10.185  -4.180  1.00 39.92 ? 327 HOH A O   1 
HETATM 995  O O   . HOH C 3 .   ? -8.821  11.609  4.023   1.00 51.27 ? 328 HOH A O   1 
HETATM 996  O O   . HOH C 3 .   ? 3.351   5.528   10.606  1.00 36.30 ? 329 HOH A O   1 
HETATM 997  O O   . HOH C 3 .   ? -11.391 -5.031  -6.136  1.00 37.73 ? 330 HOH A O   1 
HETATM 998  O O   . HOH C 3 .   ? 7.907   10.223  7.265   1.00 48.18 ? 331 HOH A O   1 
HETATM 999  O O   . HOH C 3 .   ? -5.686  6.172   -12.045 1.00 44.97 ? 332 HOH A O   1 
HETATM 1000 O O   . HOH C 3 .   ? 10.319  8.280   3.287   1.00 62.89 ? 333 HOH A O   1 
HETATM 1001 O O   . HOH C 3 .   ? 19.158  7.934   5.767   1.00 40.44 ? 334 HOH A O   1 
HETATM 1002 O O   . HOH C 3 .   ? 1.795   3.594   -9.036  1.00 44.16 ? 335 HOH A O   1 
HETATM 1003 O O   . HOH C 3 .   ? -0.721  16.584  7.653   1.00 54.94 ? 336 HOH A O   1 
HETATM 1004 O O   . HOH C 3 .   ? -14.953 6.917   -14.357 1.00 49.25 ? 337 HOH A O   1 
HETATM 1005 O O   . HOH C 3 .   ? -8.058  -12.930 11.165  0.50 24.24 ? 338 HOH A O   1 
HETATM 1006 O O   . HOH C 3 .   ? 4.097   3.554   11.986  0.50 63.12 ? 339 HOH A O   1 
HETATM 1007 O O   . HOH C 3 .   ? -6.024  10.585  10.972  1.00 48.85 ? 340 HOH A O   1 
HETATM 1008 O O   . HOH C 3 .   ? 16.738  4.262   -3.066  1.00 43.08 ? 341 HOH A O   1 
HETATM 1009 O O   . HOH C 3 .   ? 19.469  5.306   6.800   0.50 45.77 ? 342 HOH A O   1 
HETATM 1010 O O   . HOH C 3 .   ? -10.272 7.813   6.780   1.00 70.10 ? 343 HOH A O   1 
HETATM 1011 O O   . HOH C 3 .   ? -8.097  -9.472  -3.552  1.00 39.64 ? 344 HOH A O   1 
HETATM 1012 O O   . HOH C 3 .   ? 14.941  13.137  -1.704  1.00 85.20 ? 345 HOH A O   1 
HETATM 1013 O O   . HOH C 3 .   ? 2.292   -11.953 11.604  1.00 62.98 ? 346 HOH A O   1 
HETATM 1014 O O   . HOH C 3 .   ? -9.142  -3.463  10.490  1.00 25.62 ? 347 HOH A O   1 
HETATM 1015 O O   . HOH C 3 .   ? -7.001  10.082  8.263   1.00 43.28 ? 348 HOH A O   1 
HETATM 1016 O O   . HOH C 3 .   ? 16.654  -3.346  6.062   1.00 32.17 ? 349 HOH A O   1 
HETATM 1017 O O   . HOH C 3 .   ? -7.205  11.761  15.948  1.00 55.78 ? 350 HOH A O   1 
HETATM 1018 O O   . HOH C 3 .   ? 14.056  -7.186  -7.874  1.00 33.92 ? 351 HOH A O   1 
# 
